data_3EXY
# 
_entry.id   3EXY 
# 
_audit_conform.dict_name       mmcif_pdbx.dic 
_audit_conform.dict_version    5.378 
_audit_conform.dict_location   http://mmcif.pdb.org/dictionaries/ascii/mmcif_pdbx.dic 
# 
loop_
_database_2.database_id 
_database_2.database_code 
_database_2.pdbx_database_accession 
_database_2.pdbx_DOI 
PDB   3EXY         pdb_00003exy 10.2210/pdb3exy/pdb 
RCSB  RCSB049906   ?            ?                   
WWPDB D_1000049906 ?            ?                   
# 
loop_
_pdbx_database_related.db_name 
_pdbx_database_related.db_id 
_pdbx_database_related.details 
_pdbx_database_related.content_type 
PDB 1BLU 'CRYSTAL STRUCTURE OF WILD-TYPE ALLOCHROMATIUM VINOSUM FERREDOXIN'                           unspecified 
PDB 3EUN 'ATOMIC RESOLUTION CRYSTAL STRUCTURE OF C57A FERREDOXIN VARIANT FROM ALLOCHROMATIUM VINOSUM' unspecified 
PDB 1FDN 'CRYSTAL STRUCTURE OF CLOSTRIDIUM ACIDURICI FERREDOXIN'                                      unspecified 
PDB 2FDN 'ATOMIC RESOLUTION CRYSTAL STRUCTURE OF CLOSTRIDIUM ACIDURICI FERREDOXIN'                    unspecified 
PDB 2FGO 'CRYSTAL STRUCTURE OF PSEUDOMONAS AERUGINOSA FERREDOXIN'                                     unspecified 
# 
_pdbx_database_status.status_code                     REL 
_pdbx_database_status.entry_id                        3EXY 
_pdbx_database_status.recvd_initial_deposition_date   2008-10-17 
_pdbx_database_status.deposit_site                    RCSB 
_pdbx_database_status.process_site                    RCSB 
_pdbx_database_status.status_code_sf                  REL 
_pdbx_database_status.status_code_mr                  ? 
_pdbx_database_status.SG_entry                        ? 
_pdbx_database_status.pdb_format_compatible           Y 
_pdbx_database_status.status_code_cs                  ? 
_pdbx_database_status.status_code_nmr_data            ? 
_pdbx_database_status.methods_development_category    ? 
# 
loop_
_audit_author.name 
_audit_author.pdbx_ordinal 
'Giastas, P.'    1 
'Saridakis, E.'  2 
'Mavridis, I.M.' 3 
# 
_citation.id                        primary 
_citation.title                     
;Insight into the protein and solvent contributions to the reduction potentials of [4Fe-4S]2+/+ clusters: crystal structures of the Allochromatium vinosum ferredoxin variants C57A and V13G and the homologous Escherichia coli ferredoxin.
;
_citation.journal_abbrev            J.Biol.Inorg.Chem. 
_citation.journal_volume            14 
_citation.page_first                783 
_citation.page_last                 799 
_citation.year                      2009 
_citation.journal_id_ASTM           JJBCFA 
_citation.country                   GW 
_citation.journal_id_ISSN           0949-8257 
_citation.journal_id_CSD            2154 
_citation.book_publisher            ? 
_citation.pdbx_database_id_PubMed   19290553 
_citation.pdbx_database_id_DOI      10.1007/s00775-009-0492-x 
# 
loop_
_citation_author.citation_id 
_citation_author.name 
_citation_author.ordinal 
_citation_author.identifier_ORCID 
primary 'Saridakis, E.'  1 ? 
primary 'Giastas, P.'    2 ? 
primary 'Efthymiou, G.'  3 ? 
primary 'Thoma, V.'      4 ? 
primary 'Moulis, J.M.'   5 ? 
primary 'Kyritsis, P.'   6 ? 
primary 'Mavridis, I.M.' 7 ? 
# 
_cell.entry_id           3EXY 
_cell.length_a           51.425 
_cell.length_b           51.425 
_cell.length_c           76.425 
_cell.angle_alpha        90.00 
_cell.angle_beta         90.00 
_cell.angle_gamma        120.00 
_cell.Z_PDB              6 
_cell.pdbx_unique_axis   ? 
_cell.length_a_esd       ? 
_cell.length_b_esd       ? 
_cell.length_c_esd       ? 
_cell.angle_alpha_esd    ? 
_cell.angle_beta_esd     ? 
_cell.angle_gamma_esd    ? 
# 
_symmetry.entry_id                         3EXY 
_symmetry.space_group_name_H-M             'P 31 2 1' 
_symmetry.pdbx_full_space_group_name_H-M   ? 
_symmetry.cell_setting                     ? 
_symmetry.Int_Tables_number                152 
_symmetry.space_group_name_Hall            ? 
# 
loop_
_entity.id 
_entity.type 
_entity.src_method 
_entity.pdbx_description 
_entity.formula_weight 
_entity.pdbx_number_of_molecules 
_entity.pdbx_ec 
_entity.pdbx_mutation 
_entity.pdbx_fragment 
_entity.details 
1 polymer     man Ferredoxin            9021.926 1   ? V13G ? ? 
2 non-polymer syn 'IRON/SULFUR CLUSTER' 351.640  2   ? ?    ? ? 
3 water       nat water                 18.015   169 ? ?    ? ? 
# 
_entity_poly.entity_id                      1 
_entity_poly.type                           'polypeptide(L)' 
_entity_poly.nstd_linkage                   no 
_entity_poly.nstd_monomer                   no 
_entity_poly.pdbx_seq_one_letter_code       
;ALMITDECINCDGCEPECPNGAISQGDETYVIEPSLCTECVGHYETSQCVEVCPVDCIIKDPSHEETEDELRAKYERITG
EG
;
_entity_poly.pdbx_seq_one_letter_code_can   
;ALMITDECINCDGCEPECPNGAISQGDETYVIEPSLCTECVGHYETSQCVEVCPVDCIIKDPSHEETEDELRAKYERITG
EG
;
_entity_poly.pdbx_strand_id                 A 
_entity_poly.pdbx_target_identifier         ? 
# 
loop_
_entity_poly_seq.entity_id 
_entity_poly_seq.num 
_entity_poly_seq.mon_id 
_entity_poly_seq.hetero 
1 1  ALA n 
1 2  LEU n 
1 3  MET n 
1 4  ILE n 
1 5  THR n 
1 6  ASP n 
1 7  GLU n 
1 8  CYS n 
1 9  ILE n 
1 10 ASN n 
1 11 CYS n 
1 12 ASP n 
1 13 GLY n 
1 14 CYS n 
1 15 GLU n 
1 16 PRO n 
1 17 GLU n 
1 18 CYS n 
1 19 PRO n 
1 20 ASN n 
1 21 GLY n 
1 22 ALA n 
1 23 ILE n 
1 24 SER n 
1 25 GLN n 
1 26 GLY n 
1 27 ASP n 
1 28 GLU n 
1 29 THR n 
1 30 TYR n 
1 31 VAL n 
1 32 ILE n 
1 33 GLU n 
1 34 PRO n 
1 35 SER n 
1 36 LEU n 
1 37 CYS n 
1 38 THR n 
1 39 GLU n 
1 40 CYS n 
1 41 VAL n 
1 42 GLY n 
1 43 HIS n 
1 44 TYR n 
1 45 GLU n 
1 46 THR n 
1 47 SER n 
1 48 GLN n 
1 49 CYS n 
1 50 VAL n 
1 51 GLU n 
1 52 VAL n 
1 53 CYS n 
1 54 PRO n 
1 55 VAL n 
1 56 ASP n 
1 57 CYS n 
1 58 ILE n 
1 59 ILE n 
1 60 LYS n 
1 61 ASP n 
1 62 PRO n 
1 63 SER n 
1 64 HIS n 
1 65 GLU n 
1 66 GLU n 
1 67 THR n 
1 68 GLU n 
1 69 ASP n 
1 70 GLU n 
1 71 LEU n 
1 72 ARG n 
1 73 ALA n 
1 74 LYS n 
1 75 TYR n 
1 76 GLU n 
1 77 ARG n 
1 78 ILE n 
1 79 THR n 
1 80 GLY n 
1 81 GLU n 
1 82 GLY n 
# 
_entity_src_gen.entity_id                          1 
_entity_src_gen.pdbx_src_id                        1 
_entity_src_gen.pdbx_alt_source_flag               sample 
_entity_src_gen.pdbx_seq_type                      ? 
_entity_src_gen.pdbx_beg_seq_num                   ? 
_entity_src_gen.pdbx_end_seq_num                   ? 
_entity_src_gen.gene_src_common_name               'Allochromatium vinosum' 
_entity_src_gen.gene_src_genus                     ? 
_entity_src_gen.pdbx_gene_src_gene                 fdx 
_entity_src_gen.gene_src_species                   ? 
_entity_src_gen.gene_src_strain                    ? 
_entity_src_gen.gene_src_tissue                    ? 
_entity_src_gen.gene_src_tissue_fraction           ? 
_entity_src_gen.gene_src_details                   ? 
_entity_src_gen.pdbx_gene_src_fragment             ? 
_entity_src_gen.pdbx_gene_src_scientific_name      'Allochromatium vinosum' 
_entity_src_gen.pdbx_gene_src_ncbi_taxonomy_id     1049 
_entity_src_gen.pdbx_gene_src_variant              ? 
_entity_src_gen.pdbx_gene_src_cell_line            ? 
_entity_src_gen.pdbx_gene_src_atcc                 ? 
_entity_src_gen.pdbx_gene_src_organ                ? 
_entity_src_gen.pdbx_gene_src_organelle            ? 
_entity_src_gen.pdbx_gene_src_cell                 ? 
_entity_src_gen.pdbx_gene_src_cellular_location    ? 
_entity_src_gen.host_org_common_name               ? 
_entity_src_gen.pdbx_host_org_scientific_name      'Escherichia coli' 
_entity_src_gen.pdbx_host_org_ncbi_taxonomy_id     562 
_entity_src_gen.host_org_genus                     ? 
_entity_src_gen.pdbx_host_org_gene                 ? 
_entity_src_gen.pdbx_host_org_organ                ? 
_entity_src_gen.host_org_species                   ? 
_entity_src_gen.pdbx_host_org_tissue               ? 
_entity_src_gen.pdbx_host_org_tissue_fraction      ? 
_entity_src_gen.pdbx_host_org_strain               ? 
_entity_src_gen.pdbx_host_org_variant              ? 
_entity_src_gen.pdbx_host_org_cell_line            ? 
_entity_src_gen.pdbx_host_org_atcc                 ? 
_entity_src_gen.pdbx_host_org_culture_collection   ? 
_entity_src_gen.pdbx_host_org_cell                 ? 
_entity_src_gen.pdbx_host_org_organelle            ? 
_entity_src_gen.pdbx_host_org_cellular_location    ? 
_entity_src_gen.pdbx_host_org_vector_type          ? 
_entity_src_gen.pdbx_host_org_vector               ? 
_entity_src_gen.host_org_details                   ? 
_entity_src_gen.expression_system_id               ? 
_entity_src_gen.plasmid_name                       ? 
_entity_src_gen.plasmid_details                    ? 
_entity_src_gen.pdbx_description                   ? 
# 
_struct_ref.id                         1 
_struct_ref.db_name                    UNP 
_struct_ref.db_code                    FER_CHRVI 
_struct_ref.pdbx_db_accession          P00208 
_struct_ref.entity_id                  1 
_struct_ref.pdbx_seq_one_letter_code   
;ALMITDECINCDVCEPECPNGAISQGDETYVIEPSLCTECVGHYETSQCVEVCPVDCIIKDPSHEETEDELRAKYERITG
EG
;
_struct_ref.pdbx_align_begin           2 
_struct_ref.pdbx_db_isoform            ? 
# 
_struct_ref_seq.align_id                      1 
_struct_ref_seq.ref_id                        1 
_struct_ref_seq.pdbx_PDB_id_code              3EXY 
_struct_ref_seq.pdbx_strand_id                A 
_struct_ref_seq.seq_align_beg                 1 
_struct_ref_seq.pdbx_seq_align_beg_ins_code   ? 
_struct_ref_seq.seq_align_end                 82 
_struct_ref_seq.pdbx_seq_align_end_ins_code   ? 
_struct_ref_seq.pdbx_db_accession             P00208 
_struct_ref_seq.db_align_beg                  2 
_struct_ref_seq.pdbx_db_align_beg_ins_code    ? 
_struct_ref_seq.db_align_end                  83 
_struct_ref_seq.pdbx_db_align_end_ins_code    ? 
_struct_ref_seq.pdbx_auth_seq_align_beg       1 
_struct_ref_seq.pdbx_auth_seq_align_end       82 
# 
_struct_ref_seq_dif.align_id                     1 
_struct_ref_seq_dif.pdbx_pdb_id_code             3EXY 
_struct_ref_seq_dif.mon_id                       GLY 
_struct_ref_seq_dif.pdbx_pdb_strand_id           A 
_struct_ref_seq_dif.seq_num                      13 
_struct_ref_seq_dif.pdbx_pdb_ins_code            ? 
_struct_ref_seq_dif.pdbx_seq_db_name             UNP 
_struct_ref_seq_dif.pdbx_seq_db_accession_code   P00208 
_struct_ref_seq_dif.db_mon_id                    VAL 
_struct_ref_seq_dif.pdbx_seq_db_seq_num          14 
_struct_ref_seq_dif.details                      'engineered mutation' 
_struct_ref_seq_dif.pdbx_auth_seq_num            13 
_struct_ref_seq_dif.pdbx_ordinal                 1 
# 
loop_
_chem_comp.id 
_chem_comp.type 
_chem_comp.mon_nstd_flag 
_chem_comp.name 
_chem_comp.pdbx_synonyms 
_chem_comp.formula 
_chem_comp.formula_weight 
ALA 'L-peptide linking' y ALANINE               ? 'C3 H7 N O2'     89.093  
ARG 'L-peptide linking' y ARGININE              ? 'C6 H15 N4 O2 1' 175.209 
ASN 'L-peptide linking' y ASPARAGINE            ? 'C4 H8 N2 O3'    132.118 
ASP 'L-peptide linking' y 'ASPARTIC ACID'       ? 'C4 H7 N O4'     133.103 
CYS 'L-peptide linking' y CYSTEINE              ? 'C3 H7 N O2 S'   121.158 
GLN 'L-peptide linking' y GLUTAMINE             ? 'C5 H10 N2 O3'   146.144 
GLU 'L-peptide linking' y 'GLUTAMIC ACID'       ? 'C5 H9 N O4'     147.129 
GLY 'peptide linking'   y GLYCINE               ? 'C2 H5 N O2'     75.067  
HIS 'L-peptide linking' y HISTIDINE             ? 'C6 H10 N3 O2 1' 156.162 
HOH non-polymer         . WATER                 ? 'H2 O'           18.015  
ILE 'L-peptide linking' y ISOLEUCINE            ? 'C6 H13 N O2'    131.173 
LEU 'L-peptide linking' y LEUCINE               ? 'C6 H13 N O2'    131.173 
LYS 'L-peptide linking' y LYSINE                ? 'C6 H15 N2 O2 1' 147.195 
MET 'L-peptide linking' y METHIONINE            ? 'C5 H11 N O2 S'  149.211 
PRO 'L-peptide linking' y PROLINE               ? 'C5 H9 N O2'     115.130 
SER 'L-peptide linking' y SERINE                ? 'C3 H7 N O3'     105.093 
SF4 non-polymer         . 'IRON/SULFUR CLUSTER' ? 'Fe4 S4'         351.640 
THR 'L-peptide linking' y THREONINE             ? 'C4 H9 N O3'     119.119 
TYR 'L-peptide linking' y TYROSINE              ? 'C9 H11 N O3'    181.189 
VAL 'L-peptide linking' y VALINE                ? 'C5 H11 N O2'    117.146 
# 
_exptl.entry_id          3EXY 
_exptl.method            'X-RAY DIFFRACTION' 
_exptl.crystals_number   1 
# 
_exptl_crystal.id                    1 
_exptl_crystal.density_meas          ? 
_exptl_crystal.density_Matthews      3.23 
_exptl_crystal.density_percent_sol   61.96 
_exptl_crystal.description           ? 
_exptl_crystal.F_000                 ? 
_exptl_crystal.preparation           ? 
# 
_exptl_crystal_grow.crystal_id      1 
_exptl_crystal_grow.method          ? 
_exptl_crystal_grow.temp            277 
_exptl_crystal_grow.temp_details    ? 
_exptl_crystal_grow.pH              8.0 
_exptl_crystal_grow.pdbx_pH_range   ? 
_exptl_crystal_grow.pdbx_details    
'3.5M AMMONIUM SULPHATE, 0.3 M SODIUM CHLORIDE, 0.1 M TRIS , pH 8.0, VAPOR DIFFUSION, HANGING DROP, temperature 277K' 
# 
_diffrn.id                     1 
_diffrn.ambient_temp           100 
_diffrn.ambient_temp_details   ? 
_diffrn.crystal_id             1 
# 
_diffrn_detector.diffrn_id              1 
_diffrn_detector.detector               CCD 
_diffrn_detector.type                   MARREASEARCH 
_diffrn_detector.pdbx_collection_date   2007-06-01 
_diffrn_detector.details                ? 
# 
_diffrn_radiation.diffrn_id                        1 
_diffrn_radiation.wavelength_id                    1 
_diffrn_radiation.pdbx_monochromatic_or_laue_m_l   M 
_diffrn_radiation.monochromator                    ? 
_diffrn_radiation.pdbx_diffrn_protocol             'SINGLE WAVELENGTH' 
_diffrn_radiation.pdbx_scattering_type             x-ray 
# 
_diffrn_radiation_wavelength.id           1 
_diffrn_radiation_wavelength.wavelength   0.81 
_diffrn_radiation_wavelength.wt           1.0 
# 
_diffrn_source.diffrn_id                   1 
_diffrn_source.source                      SYNCHROTRON 
_diffrn_source.type                        'EMBL/DESY, HAMBURG BEAMLINE X13' 
_diffrn_source.pdbx_synchrotron_site       'EMBL/DESY, HAMBURG' 
_diffrn_source.pdbx_synchrotron_beamline   X13 
_diffrn_source.pdbx_wavelength             0.81 
_diffrn_source.pdbx_wavelength_list        ? 
# 
_reflns.entry_id                     3EXY 
_reflns.observed_criterion_sigma_I   ? 
_reflns.observed_criterion_sigma_F   ? 
_reflns.d_resolution_low             30.000 
_reflns.d_resolution_high            1.480 
_reflns.number_obs                   18180 
_reflns.number_all                   ? 
_reflns.percent_possible_obs         95.2 
_reflns.pdbx_Rmerge_I_obs            ? 
_reflns.pdbx_Rsym_value              ? 
_reflns.pdbx_netI_over_sigmaI        ? 
_reflns.B_iso_Wilson_estimate        ? 
_reflns.pdbx_redundancy              3.300 
_reflns.R_free_details               ? 
_reflns.limit_h_max                  ? 
_reflns.limit_h_min                  ? 
_reflns.limit_k_max                  ? 
_reflns.limit_k_min                  ? 
_reflns.limit_l_max                  ? 
_reflns.limit_l_min                  ? 
_reflns.observed_criterion_F_max     ? 
_reflns.observed_criterion_F_min     ? 
_reflns.pdbx_chi_squared             ? 
_reflns.pdbx_scaling_rejects         ? 
_reflns.pdbx_diffrn_id               1 
_reflns.pdbx_ordinal                 1 
# 
_reflns_shell.d_res_high             1.48 
_reflns_shell.d_res_low              1.51 
_reflns_shell.percent_possible_all   97.2 
_reflns_shell.Rmerge_I_obs           ? 
_reflns_shell.pdbx_Rsym_value        ? 
_reflns_shell.meanI_over_sigI_obs    ? 
_reflns_shell.pdbx_redundancy        3.30 
_reflns_shell.percent_possible_obs   ? 
_reflns_shell.number_unique_all      ? 
_reflns_shell.number_measured_all    ? 
_reflns_shell.number_measured_obs    ? 
_reflns_shell.number_unique_obs      ? 
_reflns_shell.pdbx_chi_squared       ? 
_reflns_shell.pdbx_diffrn_id         ? 
_reflns_shell.pdbx_ordinal           1 
# 
_refine.pdbx_refine_id                           'X-RAY DIFFRACTION' 
_refine.entry_id                                 3EXY 
_refine.ls_number_reflns_obs                     18070 
_refine.ls_number_reflns_all                     18070 
_refine.pdbx_ls_sigma_I                          ? 
_refine.pdbx_ls_sigma_F                          0.0 
_refine.pdbx_data_cutoff_high_absF               ? 
_refine.pdbx_data_cutoff_low_absF                ? 
_refine.pdbx_data_cutoff_high_rms_absF           ? 
_refine.ls_d_res_low                             30.0 
_refine.ls_d_res_high                            1.48 
_refine.ls_percent_reflns_obs                    90.2 
_refine.ls_R_factor_obs                          0.1620 
_refine.ls_R_factor_all                          0.1702 
_refine.ls_R_factor_R_work                       0.1620 
_refine.ls_R_factor_R_free                       0.2177 
_refine.ls_R_factor_R_free_error                 ? 
_refine.ls_R_factor_R_free_error_details         ? 
_refine.ls_percent_reflns_R_free                 5.6 
_refine.ls_number_reflns_R_free                  1017 
_refine.ls_number_parameters                     6375 
_refine.ls_number_restraints                     7161 
_refine.occupancy_min                            ? 
_refine.occupancy_max                            ? 
_refine.correlation_coeff_Fo_to_Fc               ? 
_refine.correlation_coeff_Fo_to_Fc_free          ? 
_refine.B_iso_mean                               ? 
_refine.aniso_B[1][1]                            ? 
_refine.aniso_B[2][2]                            ? 
_refine.aniso_B[3][3]                            ? 
_refine.aniso_B[1][2]                            ? 
_refine.aniso_B[1][3]                            ? 
_refine.aniso_B[2][3]                            ? 
_refine.solvent_model_details                    ? 
_refine.solvent_model_param_ksol                 ? 
_refine.solvent_model_param_bsol                 ? 
_refine.pdbx_solvent_vdw_probe_radii             ? 
_refine.pdbx_solvent_ion_probe_radii             ? 
_refine.pdbx_solvent_shrinkage_radii             ? 
_refine.pdbx_ls_cross_valid_method               'FREE R' 
_refine.details                                  'ANISOTROPIC REFINEMENT REDUCED FREE R (NO CUTOFF)' 
_refine.pdbx_starting_model                      1BLU 
_refine.pdbx_method_to_determine_struct          'MOLECULAR REPLACEMENT' 
_refine.pdbx_isotropic_thermal_model             ? 
_refine.pdbx_stereochemistry_target_values       'ENGH AND HUBER' 
_refine.pdbx_stereochem_target_val_spec_case     ? 
_refine.pdbx_R_Free_selection_details            'THIN SHELLS' 
_refine.pdbx_overall_ESU_R                       ? 
_refine.pdbx_overall_ESU_R_Free                  ? 
_refine.overall_SU_ML                            ? 
_refine.pdbx_overall_phase_error                 ? 
_refine.overall_SU_B                             ? 
_refine.ls_redundancy_reflns_obs                 ? 
_refine.B_iso_min                                ? 
_refine.B_iso_max                                ? 
_refine.overall_SU_R_Cruickshank_DPI             ? 
_refine.overall_SU_R_free                        ? 
_refine.ls_wR_factor_R_free                      ? 
_refine.ls_wR_factor_R_work                      ? 
_refine.overall_FOM_free_R_set                   ? 
_refine.overall_FOM_work_R_set                   ? 
_refine.pdbx_diffrn_id                           1 
_refine.pdbx_TLS_residual_ADP_flag               ? 
_refine.pdbx_overall_SU_R_free_Cruickshank_DPI   ? 
_refine.pdbx_overall_SU_R_Blow_DPI               ? 
_refine.pdbx_overall_SU_R_free_Blow_DPI          ? 
# 
_refine_analyze.pdbx_refine_id                  'X-RAY DIFFRACTION' 
_refine_analyze.entry_id                        3EXY 
_refine_analyze.Luzzati_coordinate_error_obs    ? 
_refine_analyze.Luzzati_sigma_a_obs             ? 
_refine_analyze.Luzzati_d_res_low_obs           ? 
_refine_analyze.Luzzati_coordinate_error_free   ? 
_refine_analyze.Luzzati_sigma_a_free            ? 
_refine_analyze.Luzzati_d_res_low_free          ? 
_refine_analyze.number_disordered_residues      4 
_refine_analyze.occupancy_sum_hydrogen          0.00 
_refine_analyze.occupancy_sum_non_hydrogen      753.75 
_refine_analyze.pdbx_Luzzati_d_res_high_obs     ? 
# 
_refine_hist.pdbx_refine_id                   'X-RAY DIFFRACTION' 
_refine_hist.cycle_id                         LAST 
_refine_hist.pdbx_number_atoms_protein        627 
_refine_hist.pdbx_number_atoms_nucleic_acid   0 
_refine_hist.pdbx_number_atoms_ligand         16 
_refine_hist.number_atoms_solvent             169 
_refine_hist.number_atoms_total               812 
_refine_hist.d_res_high                       1.48 
_refine_hist.d_res_low                        30.0 
# 
loop_
_refine_ls_restr.type 
_refine_ls_restr.dev_ideal 
_refine_ls_restr.dev_ideal_target 
_refine_ls_restr.weight 
_refine_ls_restr.number 
_refine_ls_restr.pdbx_refine_id 
_refine_ls_restr.pdbx_restraint_function 
s_bond_d               0.012 ? ? ? 'X-RAY DIFFRACTION' ? 
s_angle_d              0.028 ? ? ? 'X-RAY DIFFRACTION' ? 
s_similar_dist         ?     ? ? ? 'X-RAY DIFFRACTION' ? 
s_from_restr_planes    ?     ? ? ? 'X-RAY DIFFRACTION' ? 
s_zero_chiral_vol      ?     ? ? ? 'X-RAY DIFFRACTION' ? 
s_non_zero_chiral_vol  ?     ? ? ? 'X-RAY DIFFRACTION' ? 
s_anti_bump_dis_restr  0.016 ? ? ? 'X-RAY DIFFRACTION' ? 
s_rigid_bond_adp_cmpnt ?     ? ? ? 'X-RAY DIFFRACTION' ? 
s_similar_adp_cmpnt    ?     ? ? ? 'X-RAY DIFFRACTION' ? 
s_approx_iso_adps      ?     ? ? ? 'X-RAY DIFFRACTION' ? 
# 
_pdbx_refine.pdbx_refine_id                              'X-RAY DIFFRACTION' 
_pdbx_refine.entry_id                                    3EXY 
_pdbx_refine.R_factor_all_no_cutoff                      0.1702 
_pdbx_refine.R_factor_obs_no_cutoff                      0.1620 
_pdbx_refine.free_R_factor_no_cutoff                     0.2177 
_pdbx_refine.free_R_error_no_cutoff                      ? 
_pdbx_refine.free_R_val_test_set_size_perc_no_cutoff     5.6 
_pdbx_refine.free_R_val_test_set_ct_no_cutoff            1017 
_pdbx_refine.R_factor_all_4sig_cutoff                    0.1478 
_pdbx_refine.R_factor_obs_4sig_cutoff                    0.1396 
_pdbx_refine.free_R_factor_4sig_cutoff                   0.1890 
_pdbx_refine.free_R_val_test_set_size_perc_4sig_cutoff   5.4 
_pdbx_refine.free_R_val_test_set_ct_4sig_cutoff          741 
_pdbx_refine.number_reflns_obs_4sig_cutoff               13726 
# 
_struct.entry_id                  3EXY 
_struct.title                     'Crystal structure of the 2[4Fe-4S] ferredoxin V13G variant from allochromatium vinosum' 
_struct.pdbx_model_details        ? 
_struct.pdbx_CASP_flag            ? 
_struct.pdbx_model_type_details   ? 
# 
_struct_keywords.entry_id        3EXY 
_struct_keywords.pdbx_keywords   'ELECTRON TRANSPORT' 
_struct_keywords.text            
'ELECTRON TRANSPORT, FERREDOXIN, [4FE-4S] CLUSTERS, 4Fe-4S, Iron, Iron-sulfur, Metal-binding, Transport' 
# 
loop_
_struct_asym.id 
_struct_asym.pdbx_blank_PDB_chainid_flag 
_struct_asym.pdbx_modified 
_struct_asym.entity_id 
_struct_asym.details 
A N N 1 ? 
B N N 2 ? 
C N N 2 ? 
D N N 3 ? 
# 
_struct_biol.id        1 
_struct_biol.details   ? 
# 
loop_
_struct_conf.conf_type_id 
_struct_conf.id 
_struct_conf.pdbx_PDB_helix_id 
_struct_conf.beg_label_comp_id 
_struct_conf.beg_label_asym_id 
_struct_conf.beg_label_seq_id 
_struct_conf.pdbx_beg_PDB_ins_code 
_struct_conf.end_label_comp_id 
_struct_conf.end_label_asym_id 
_struct_conf.end_label_seq_id 
_struct_conf.pdbx_end_PDB_ins_code 
_struct_conf.beg_auth_comp_id 
_struct_conf.beg_auth_asym_id 
_struct_conf.beg_auth_seq_id 
_struct_conf.end_auth_comp_id 
_struct_conf.end_auth_asym_id 
_struct_conf.end_auth_seq_id 
_struct_conf.pdbx_PDB_helix_class 
_struct_conf.details 
_struct_conf.pdbx_PDB_helix_length 
HELX_P HELX_P1 1 CYS A 14 ? CYS A 18 ? CYS A 14 CYS A 18 5 ? 5  
HELX_P HELX_P2 2 PRO A 34 ? CYS A 37 ? PRO A 34 CYS A 37 5 ? 4  
HELX_P HELX_P3 3 SER A 47 ? CYS A 53 ? SER A 47 CYS A 53 1 ? 7  
HELX_P HELX_P4 4 PRO A 62 ? GLU A 65 ? PRO A 62 GLU A 65 5 ? 4  
HELX_P HELX_P5 5 THR A 67 ? GLY A 80 ? THR A 67 GLY A 80 1 ? 14 
# 
_struct_conf_type.id          HELX_P 
_struct_conf_type.criteria    ? 
_struct_conf_type.reference   ? 
# 
loop_
_struct_conn.id 
_struct_conn.conn_type_id 
_struct_conn.pdbx_leaving_atom_flag 
_struct_conn.pdbx_PDB_id 
_struct_conn.ptnr1_label_asym_id 
_struct_conn.ptnr1_label_comp_id 
_struct_conn.ptnr1_label_seq_id 
_struct_conn.ptnr1_label_atom_id 
_struct_conn.pdbx_ptnr1_label_alt_id 
_struct_conn.pdbx_ptnr1_PDB_ins_code 
_struct_conn.pdbx_ptnr1_standard_comp_id 
_struct_conn.ptnr1_symmetry 
_struct_conn.ptnr2_label_asym_id 
_struct_conn.ptnr2_label_comp_id 
_struct_conn.ptnr2_label_seq_id 
_struct_conn.ptnr2_label_atom_id 
_struct_conn.pdbx_ptnr2_label_alt_id 
_struct_conn.pdbx_ptnr2_PDB_ins_code 
_struct_conn.ptnr1_auth_asym_id 
_struct_conn.ptnr1_auth_comp_id 
_struct_conn.ptnr1_auth_seq_id 
_struct_conn.ptnr2_auth_asym_id 
_struct_conn.ptnr2_auth_comp_id 
_struct_conn.ptnr2_auth_seq_id 
_struct_conn.ptnr2_symmetry 
_struct_conn.pdbx_ptnr3_label_atom_id 
_struct_conn.pdbx_ptnr3_label_seq_id 
_struct_conn.pdbx_ptnr3_label_comp_id 
_struct_conn.pdbx_ptnr3_label_asym_id 
_struct_conn.pdbx_ptnr3_label_alt_id 
_struct_conn.pdbx_ptnr3_PDB_ins_code 
_struct_conn.details 
_struct_conn.pdbx_dist_value 
_struct_conn.pdbx_value_order 
_struct_conn.pdbx_role 
metalc1 metalc ? ? A CYS 8  SG ? ? ? 1_555 B SF4 . FE1 ? ? A CYS 8  A SF4 83 1_555 ? ? ? ? ? ? ? 2.301 ? ? 
metalc2 metalc ? ? A CYS 11 SG ? ? ? 1_555 B SF4 . FE2 ? ? A CYS 11 A SF4 83 1_555 ? ? ? ? ? ? ? 2.276 ? ? 
metalc3 metalc ? ? A CYS 14 SG ? ? ? 1_555 B SF4 . FE3 ? ? A CYS 14 A SF4 83 1_555 ? ? ? ? ? ? ? 2.255 ? ? 
metalc4 metalc ? ? A CYS 18 SG ? ? ? 1_555 C SF4 . FE4 ? ? A CYS 18 A SF4 84 1_555 ? ? ? ? ? ? ? 2.296 ? ? 
metalc5 metalc ? ? A CYS 37 SG ? ? ? 1_555 C SF4 . FE1 ? ? A CYS 37 A SF4 84 1_555 ? ? ? ? ? ? ? 2.308 ? ? 
metalc6 metalc ? ? A CYS 40 SG ? ? ? 1_555 C SF4 . FE2 ? ? A CYS 40 A SF4 84 1_555 ? ? ? ? ? ? ? 2.280 ? ? 
metalc7 metalc ? ? A CYS 49 SG ? ? ? 1_555 C SF4 . FE3 ? ? A CYS 49 A SF4 84 1_555 ? ? ? ? ? ? ? 2.260 ? ? 
metalc8 metalc ? ? A CYS 53 SG ? ? ? 1_555 B SF4 . FE4 ? ? A CYS 53 A SF4 83 1_555 ? ? ? ? ? ? ? 2.277 ? ? 
# 
_struct_conn_type.id          metalc 
_struct_conn_type.criteria    ? 
_struct_conn_type.reference   ? 
# 
loop_
_struct_sheet.id 
_struct_sheet.type 
_struct_sheet.number_strands 
_struct_sheet.details 
A ? 2 ? 
B ? 2 ? 
# 
loop_
_struct_sheet_order.sheet_id 
_struct_sheet_order.range_id_1 
_struct_sheet_order.range_id_2 
_struct_sheet_order.offset 
_struct_sheet_order.sense 
A 1 2 ? anti-parallel 
B 1 2 ? anti-parallel 
# 
loop_
_struct_sheet_range.sheet_id 
_struct_sheet_range.id 
_struct_sheet_range.beg_label_comp_id 
_struct_sheet_range.beg_label_asym_id 
_struct_sheet_range.beg_label_seq_id 
_struct_sheet_range.pdbx_beg_PDB_ins_code 
_struct_sheet_range.end_label_comp_id 
_struct_sheet_range.end_label_asym_id 
_struct_sheet_range.end_label_seq_id 
_struct_sheet_range.pdbx_end_PDB_ins_code 
_struct_sheet_range.beg_auth_comp_id 
_struct_sheet_range.beg_auth_asym_id 
_struct_sheet_range.beg_auth_seq_id 
_struct_sheet_range.end_auth_comp_id 
_struct_sheet_range.end_auth_asym_id 
_struct_sheet_range.end_auth_seq_id 
A 1 LEU A 2  ? ILE A 4  ? LEU A 2  ILE A 4  
A 2 ILE A 58 ? LYS A 60 ? ILE A 58 LYS A 60 
B 1 ILE A 23 ? GLN A 25 ? ILE A 23 GLN A 25 
B 2 TYR A 30 ? ILE A 32 ? TYR A 30 ILE A 32 
# 
loop_
_pdbx_struct_sheet_hbond.sheet_id 
_pdbx_struct_sheet_hbond.range_id_1 
_pdbx_struct_sheet_hbond.range_id_2 
_pdbx_struct_sheet_hbond.range_1_label_atom_id 
_pdbx_struct_sheet_hbond.range_1_label_comp_id 
_pdbx_struct_sheet_hbond.range_1_label_asym_id 
_pdbx_struct_sheet_hbond.range_1_label_seq_id 
_pdbx_struct_sheet_hbond.range_1_PDB_ins_code 
_pdbx_struct_sheet_hbond.range_1_auth_atom_id 
_pdbx_struct_sheet_hbond.range_1_auth_comp_id 
_pdbx_struct_sheet_hbond.range_1_auth_asym_id 
_pdbx_struct_sheet_hbond.range_1_auth_seq_id 
_pdbx_struct_sheet_hbond.range_2_label_atom_id 
_pdbx_struct_sheet_hbond.range_2_label_comp_id 
_pdbx_struct_sheet_hbond.range_2_label_asym_id 
_pdbx_struct_sheet_hbond.range_2_label_seq_id 
_pdbx_struct_sheet_hbond.range_2_PDB_ins_code 
_pdbx_struct_sheet_hbond.range_2_auth_atom_id 
_pdbx_struct_sheet_hbond.range_2_auth_comp_id 
_pdbx_struct_sheet_hbond.range_2_auth_asym_id 
_pdbx_struct_sheet_hbond.range_2_auth_seq_id 
A 1 2 N MET A 3  ? N MET A 3  O ILE A 59 ? O ILE A 59 
B 1 2 N SER A 24 ? N SER A 24 O VAL A 31 ? O VAL A 31 
# 
loop_
_struct_site.id 
_struct_site.pdbx_evidence_code 
_struct_site.pdbx_auth_asym_id 
_struct_site.pdbx_auth_comp_id 
_struct_site.pdbx_auth_seq_id 
_struct_site.pdbx_auth_ins_code 
_struct_site.pdbx_num_residues 
_struct_site.details 
AC1 Software A SF4 83 ? 10 'BINDING SITE FOR RESIDUE SF4 A 83' 
AC2 Software A SF4 84 ? 8  'BINDING SITE FOR RESIDUE SF4 A 84' 
# 
loop_
_struct_site_gen.id 
_struct_site_gen.site_id 
_struct_site_gen.pdbx_num_res 
_struct_site_gen.label_comp_id 
_struct_site_gen.label_asym_id 
_struct_site_gen.label_seq_id 
_struct_site_gen.pdbx_auth_ins_code 
_struct_site_gen.auth_comp_id 
_struct_site_gen.auth_asym_id 
_struct_site_gen.auth_seq_id 
_struct_site_gen.label_atom_id 
_struct_site_gen.label_alt_id 
_struct_site_gen.symmetry 
_struct_site_gen.details 
1  AC1 10 ILE A 4  ? ILE A 4  . ? 1_555 ? 
2  AC1 10 CYS A 8  ? CYS A 8  . ? 1_555 ? 
3  AC1 10 ILE A 9  ? ILE A 9  . ? 1_555 ? 
4  AC1 10 CYS A 11 ? CYS A 11 . ? 1_555 ? 
5  AC1 10 ASP A 12 ? ASP A 12 . ? 1_555 ? 
6  AC1 10 CYS A 14 ? CYS A 14 . ? 1_555 ? 
7  AC1 10 TYR A 30 ? TYR A 30 . ? 1_555 ? 
8  AC1 10 CYS A 53 ? CYS A 53 . ? 1_555 ? 
9  AC1 10 PRO A 54 ? PRO A 54 . ? 1_555 ? 
10 AC1 10 CYS A 57 ? CYS A 57 . ? 1_555 ? 
11 AC2 8  LEU A 2  ? LEU A 2  . ? 1_555 ? 
12 AC2 8  CYS A 18 ? CYS A 18 . ? 1_555 ? 
13 AC2 8  CYS A 37 ? CYS A 37 . ? 1_555 ? 
14 AC2 8  THR A 38 ? THR A 38 . ? 1_555 ? 
15 AC2 8  GLU A 39 ? GLU A 39 . ? 1_555 ? 
16 AC2 8  CYS A 40 ? CYS A 40 . ? 1_555 ? 
17 AC2 8  SER A 47 ? SER A 47 . ? 1_555 ? 
18 AC2 8  CYS A 49 ? CYS A 49 . ? 1_555 ? 
# 
_atom_sites.entry_id                    3EXY 
_atom_sites.fract_transf_matrix[1][1]   -0.01916477 
_atom_sites.fract_transf_matrix[1][2]   0.00075960 
_atom_sites.fract_transf_matrix[1][3]   0.01167592 
_atom_sites.fract_transf_matrix[2][1]   -0.01122690 
_atom_sites.fract_transf_matrix[2][2]   0.01935236 
_atom_sites.fract_transf_matrix[2][3]   0.00190392 
_atom_sites.fract_transf_matrix[3][1]   -0.00672800 
_atom_sites.fract_transf_matrix[3][2]   -0.00283481 
_atom_sites.fract_transf_matrix[3][3]   -0.01085887 
_atom_sites.fract_transf_vector[1]      0.693740 
_atom_sites.fract_transf_vector[2]      0.309118 
_atom_sites.fract_transf_vector[3]      -0.005901 
# 
loop_
_atom_type.symbol 
C  
FE 
N  
O  
S  
# 
loop_
_atom_site.group_PDB 
_atom_site.id 
_atom_site.type_symbol 
_atom_site.label_atom_id 
_atom_site.label_alt_id 
_atom_site.label_comp_id 
_atom_site.label_asym_id 
_atom_site.label_entity_id 
_atom_site.label_seq_id 
_atom_site.pdbx_PDB_ins_code 
_atom_site.Cartn_x 
_atom_site.Cartn_y 
_atom_site.Cartn_z 
_atom_site.occupancy 
_atom_site.B_iso_or_equiv 
_atom_site.pdbx_formal_charge 
_atom_site.auth_seq_id 
_atom_site.auth_comp_id 
_atom_site.auth_asym_id 
_atom_site.auth_atom_id 
_atom_site.pdbx_PDB_model_num 
ATOM   1   N  N   . ALA A 1 1  ? -3.119  5.900   -3.950  1.00 15.97  ? 1   ALA A N   1 
ATOM   2   C  CA  . ALA A 1 1  ? -2.970  4.592   -3.329  1.00 15.81  ? 1   ALA A CA  1 
ATOM   3   C  C   . ALA A 1 1  ? -2.552  3.532   -4.343  1.00 15.18  ? 1   ALA A C   1 
ATOM   4   O  O   . ALA A 1 1  ? -2.843  3.689   -5.527  1.00 18.70  ? 1   ALA A O   1 
ATOM   5   C  CB  . ALA A 1 1  ? -4.274  4.142   -2.664  1.00 14.83  ? 1   ALA A CB  1 
ATOM   6   N  N   . LEU A 1 2  ? -1.902  2.476   -3.842  1.00 14.26  ? 2   LEU A N   1 
ATOM   7   C  CA  . LEU A 1 2  ? -1.640  1.283   -4.623  1.00 15.79  ? 2   LEU A CA  1 
ATOM   8   C  C   . LEU A 1 2  ? -2.753  0.245   -4.424  1.00 15.96  ? 2   LEU A C   1 
ATOM   9   O  O   . LEU A 1 2  ? -3.599  0.276   -3.549  1.00 17.42  ? 2   LEU A O   1 
ATOM   10  C  CB  . LEU A 1 2  ? -0.281  0.685   -4.252  1.00 15.36  ? 2   LEU A CB  1 
ATOM   11  C  CG  . LEU A 1 2  ? 0.879   1.697   -4.207  1.00 14.83  ? 2   LEU A CG  1 
ATOM   12  C  CD1 . LEU A 1 2  ? 2.192   0.949   -4.117  1.00 15.11  ? 2   LEU A CD1 1 
ATOM   13  C  CD2 . LEU A 1 2  ? 0.880   2.623   -5.416  1.00 16.66  ? 2   LEU A CD2 1 
ATOM   14  N  N   . MET A 1 3  ? -2.728  -0.739  -5.348  1.00 17.43  ? 3   MET A N   1 
ATOM   15  C  CA  . MET A 1 3  ? -3.560  -1.922  -5.328  1.00 17.10  ? 3   MET A CA  1 
ATOM   16  C  C   . MET A 1 3  ? -2.717  -3.156  -5.613  1.00 16.15  ? 3   MET A C   1 
ATOM   17  O  O   . MET A 1 3  ? -1.678  -3.082  -6.263  1.00 16.86  ? 3   MET A O   1 
ATOM   18  C  CB  . MET A 1 3  ? -4.705  -1.824  -6.369  1.00 17.64  ? 3   MET A CB  1 
ATOM   19  C  CG  . MET A 1 3  ? -4.187  -1.653  -7.793  1.00 19.92  ? 3   MET A CG  1 
ATOM   20  S  SD  . MET A 1 3  ? -5.548  -1.551  -8.998  1.00 22.03  ? 3   MET A SD  1 
ATOM   21  C  CE  . MET A 1 3  ? -5.888  -3.276  -9.200  1.00 27.18  ? 3   MET A CE  1 
ATOM   22  N  N   . ILE A 1 4  ? -3.208  -4.286  -5.130  1.00 15.53  ? 4   ILE A N   1 
ATOM   23  C  CA  . ILE A 1 4  ? -2.628  -5.599  -5.404  1.00 14.82  ? 4   ILE A CA  1 
ATOM   24  C  C   . ILE A 1 4  ? -3.438  -6.286  -6.488  1.00 15.07  ? 4   ILE A C   1 
ATOM   25  O  O   . ILE A 1 4  ? -4.659  -6.401  -6.388  1.00 20.87  ? 4   ILE A O   1 
ATOM   26  C  CB  . ILE A 1 4  ? -2.588  -6.385  -4.083  1.00 13.88  ? 4   ILE A CB  1 
ATOM   27  C  CG1 . ILE A 1 4  ? -1.601  -5.752  -3.073  1.00 13.08  ? 4   ILE A CG1 1 
ATOM   28  C  CG2 . ILE A 1 4  ? -2.299  -7.866  -4.287  1.00 14.86  ? 4   ILE A CG2 1 
ATOM   29  C  CD1 . ILE A 1 4  ? -1.626  -6.394  -1.678  1.00 15.59  ? 4   ILE A CD1 1 
ATOM   30  N  N   . THR A 1 5  ? -2.806  -6.748  -7.571  1.00 17.13  ? 5   THR A N   1 
ATOM   31  C  CA  . THR A 1 5  ? -3.569  -7.361  -8.648  1.00 18.07  ? 5   THR A CA  1 
ATOM   32  C  C   . THR A 1 5  ? -3.828  -8.854  -8.375  1.00 18.08  ? 5   THR A C   1 
ATOM   33  O  O   . THR A 1 5  ? -3.325  -9.446  -7.412  1.00 19.37  ? 5   THR A O   1 
ATOM   34  C  CB  . THR A 1 5  ? -2.883  -7.249  -10.022 1.00 17.24  ? 5   THR A CB  1 
ATOM   35  O  OG1 . THR A 1 5  ? -1.795  -8.181  -10.034 1.00 16.91  ? 5   THR A OG1 1 
ATOM   36  C  CG2 . THR A 1 5  ? -2.310  -5.856  -10.296 1.00 18.80  ? 5   THR A CG2 1 
ATOM   37  N  N   . ASP A 1 6  ? -4.635  -9.470  -9.220  1.00 20.23  ? 6   ASP A N   1 
ATOM   38  C  CA  . ASP A 1 6  ? -4.894  -10.889 -9.238  1.00 23.08  ? 6   ASP A CA  1 
ATOM   39  C  C   . ASP A 1 6  ? -3.645  -11.740 -9.412  1.00 23.98  ? 6   ASP A C   1 
ATOM   40  O  O   . ASP A 1 6  ? -3.720  -12.966 -9.226  1.00 26.28  ? 6   ASP A O   1 
ATOM   41  C  CB  . ASP A 1 6  ? -5.893  -11.144 -10.399 1.00 28.35  ? 6   ASP A CB  1 
ATOM   42  C  CG  . ASP A 1 6  ? -7.233  -10.509 -10.025 1.00 28.77  ? 6   ASP A CG  1 
ATOM   43  O  OD1 . ASP A 1 6  ? -7.669  -10.763 -8.867  1.00 44.49  ? 6   ASP A OD1 1 
ATOM   44  O  OD2 . ASP A 1 6  ? -7.868  -9.754  -10.821 1.00 30.65  ? 6   ASP A OD2 1 
ATOM   45  N  N   . GLU A 1 7  ? -2.481  -11.196 -9.771  1.00 22.26  ? 7   GLU A N   1 
ATOM   46  C  CA  . GLU A 1 7  ? -1.271  -12.012 -9.900  1.00 20.11  ? 7   GLU A CA  1 
ATOM   47  C  C   . GLU A 1 7  ? -0.624  -12.291 -8.545  1.00 18.75  ? 7   GLU A C   1 
ATOM   48  O  O   . GLU A 1 7  ? 0.347   -13.062 -8.476  1.00 19.71  ? 7   GLU A O   1 
ATOM   49  C  CB  . GLU A 1 7  ? -0.240  -11.358 -10.821 1.00 19.86  ? 7   GLU A CB  1 
ATOM   50  C  CG  . GLU A 1 7  ? -0.668  -11.341 -12.279 1.00 29.31  ? 7   GLU A CG  1 
ATOM   51  C  CD  . GLU A 1 7  ? 0.336   -10.650 -13.181 1.00 39.60  ? 7   GLU A CD  1 
ATOM   52  O  OE1 . GLU A 1 7  ? 1.507   -10.430 -12.787 1.00 51.51  ? 7   GLU A OE1 1 
ATOM   53  O  OE2 . GLU A 1 7  ? -0.014  -10.308 -14.332 1.00 53.34  ? 7   GLU A OE2 1 
ATOM   54  N  N   . CYS A 1 8  ? -1.126  -11.675 -7.477  1.00 18.15  ? 8   CYS A N   1 
ATOM   55  C  CA  . CYS A 1 8  ? -0.586  -11.972 -6.140  1.00 18.10  ? 8   CYS A CA  1 
ATOM   56  C  C   . CYS A 1 8  ? -0.583  -13.475 -5.878  1.00 18.14  ? 8   CYS A C   1 
ATOM   57  O  O   . CYS A 1 8  ? -1.568  -14.159 -6.210  1.00 19.90  ? 8   CYS A O   1 
ATOM   58  C  CB  . CYS A 1 8  ? -1.440  -11.256 -5.108  1.00 18.41  ? 8   CYS A CB  1 
ATOM   59  S  SG  . CYS A 1 8  ? -1.156  -11.724 -3.381  1.00 17.02  ? 8   CYS A SG  1 
ATOM   60  N  N   . ILE A 1 9  ? 0.505   -13.983 -5.319  1.00 17.05  ? 9   ILE A N   1 
ATOM   61  C  CA  . ILE A 1 9  ? 0.722   -15.390 -5.021  1.00 15.57  ? 9   ILE A CA  1 
ATOM   62  C  C   . ILE A 1 9  ? 0.545   -15.694 -3.535  1.00 15.91  ? 9   ILE A C   1 
ATOM   63  O  O   . ILE A 1 9  ? 0.875   -16.786 -3.076  1.00 17.20  ? 9   ILE A O   1 
ATOM   64  C  CB  . ILE A 1 9  ? 2.107   -15.902 -5.488  1.00 16.87  ? 9   ILE A CB  1 
ATOM   65  C  CG1 . ILE A 1 9  ? 3.311   -15.264 -4.812  1.00 17.76  ? 9   ILE A CG1 1 
ATOM   66  C  CG2 . ILE A 1 9  ? 2.197   -15.806 -7.022  1.00 20.38  ? 9   ILE A CG2 1 
ATOM   67  C  CD1 . ILE A 1 9  ? 4.647   -15.972 -5.101  1.00 17.66  ? 9   ILE A CD1 1 
ATOM   68  N  N   . ASN A 1 10 ? 0.006   -14.726 -2.795  1.00 16.67  ? 10  ASN A N   1 
ATOM   69  C  CA  . ASN A 1 10 ? -0.308  -14.921 -1.391  1.00 16.16  ? 10  ASN A CA  1 
ATOM   70  C  C   . ASN A 1 10 ? 0.924   -15.319 -0.598  1.00 17.06  ? 10  ASN A C   1 
ATOM   71  O  O   . ASN A 1 10 ? 0.848   -16.238 0.207   1.00 19.25  ? 10  ASN A O   1 
ATOM   72  C  CB  . ASN A 1 10 ? -1.359  -16.028 -1.236  1.00 21.07  ? 10  ASN A CB  1 
ATOM   73  C  CG  . ASN A 1 10 ? -2.736  -15.455 -1.443  1.00 26.83  ? 10  ASN A CG  1 
ATOM   74  O  OD1 . ASN A 1 10 ? -3.121  -14.487 -0.777  1.00 36.69  ? 10  ASN A OD1 1 
ATOM   75  N  ND2 . ASN A 1 10 ? -3.502  -16.029 -2.356  1.00 34.46  ? 10  ASN A ND2 1 
ATOM   76  N  N   . CYS A 1 11 ? 2.042   -14.663 -0.852  1.00 17.36  ? 11  CYS A N   1 
ATOM   77  C  CA  . CYS A 1 11 ? 3.283   -15.076 -0.223  1.00 18.34  ? 11  CYS A CA  1 
ATOM   78  C  C   . CYS A 1 11 ? 3.376   -14.526 1.185   1.00 20.93  ? 11  CYS A C   1 
ATOM   79  O  O   . CYS A 1 11 ? 4.275   -14.960 1.926   1.00 19.06  ? 11  CYS A O   1 
ATOM   80  C  CB  . CYS A 1 11 ? 4.439   -14.604 -1.113  1.00 18.83  ? 11  CYS A CB  1 
ATOM   81  S  SG  . CYS A 1 11 ? 4.865   -12.848 -0.917  1.00 17.24  ? 11  CYS A SG  1 
ATOM   82  N  N   . ASP A 1 12 ? 2.512   -13.635 1.635   1.00 17.17  ? 12  ASP A N   1 
ATOM   83  C  CA  . ASP A 1 12 ? 2.486   -13.024 2.954   1.00 19.79  ? 12  ASP A CA  1 
ATOM   84  C  C   . ASP A 1 12 ? 3.568   -11.986 3.185   1.00 19.53  ? 12  ASP A C   1 
ATOM   85  O  O   . ASP A 1 12 ? 3.723   -11.435 4.290   1.00 23.53  ? 12  ASP A O   1 
ATOM   86  C  CB  . ASP A 1 12 ? 2.656   -14.092 4.059   1.00 24.26  ? 12  ASP A CB  1 
ATOM   87  C  CG  . ASP A 1 12 ? 1.729   -15.284 3.924   1.00 24.66  ? 12  ASP A CG  1 
ATOM   88  O  OD1 . ASP A 1 12 ? 0.517   -15.085 3.687   1.00 31.37  ? 12  ASP A OD1 1 
ATOM   89  O  OD2 . ASP A 1 12 ? 2.184   -16.446 4.024   1.00 32.79  ? 12  ASP A OD2 1 
ATOM   90  N  N   . GLY A 1 13 ? 4.405   -11.649 2.207   1.00 17.58  ? 13  GLY A N   1 
ATOM   91  C  CA  . GLY A 1 13 ? 5.595   -10.843 2.521   1.00 18.21  ? 13  GLY A CA  1 
ATOM   92  C  C   . GLY A 1 13 ? 5.338   -9.364  2.673   1.00 17.94  ? 13  GLY A C   1 
ATOM   93  O  O   . GLY A 1 13 ? 6.121   -8.665  3.335   1.00 18.98  ? 13  GLY A O   1 
ATOM   94  N  N   . CYS A 1 14 ? 4.264   -8.842  2.058   1.00 17.14  ? 14  CYS A N   1 
ATOM   95  C  CA  . CYS A 1 14 ? 4.063   -7.384  2.076   1.00 16.05  ? 14  CYS A CA  1 
ATOM   96  C  C   . CYS A 1 14 ? 3.347   -6.886  3.327   1.00 17.02  ? 14  CYS A C   1 
ATOM   97  O  O   . CYS A 1 14 ? 3.544   -5.739  3.748   1.00 17.43  ? 14  CYS A O   1 
ATOM   98  C  CB  . CYS A 1 14 ? 3.289   -6.905  0.840   1.00 16.92  ? 14  CYS A CB  1 
ATOM   99  S  SG  . CYS A 1 14 ? 1.713   -7.806  0.607   1.00 16.34  ? 14  CYS A SG  1 
ATOM   100 N  N   . GLU A 1 15 ? 2.506   -7.734  3.933   1.00 18.36  ? 15  GLU A N   1 
ATOM   101 C  CA  . GLU A 1 15 ? 1.730   -7.301  5.097   1.00 17.87  ? 15  GLU A CA  1 
ATOM   102 C  C   . GLU A 1 15 ? 2.602   -6.714  6.196   1.00 17.35  ? 15  GLU A C   1 
ATOM   103 O  O   . GLU A 1 15 ? 2.219   -5.642  6.686   1.00 20.10  ? 15  GLU A O   1 
ATOM   104 C  CB  . GLU A 1 15 ? 0.859   -8.444  5.664   1.00 19.96  ? 15  GLU A CB  1 
ATOM   105 C  CG  . GLU A 1 15 ? -0.070  -7.859  6.733   1.00 28.89  ? 15  GLU A CG  1 
ATOM   106 C  CD  . GLU A 1 15 ? -0.947  -8.860  7.422   1.00 34.09  ? 15  GLU A CD  1 
ATOM   107 O  OE1 . GLU A 1 15 ? -1.181  -9.960  6.878   1.00 41.51  ? 15  GLU A OE1 1 
ATOM   108 O  OE2 . GLU A 1 15 ? -1.446  -8.585  8.543   1.00 50.64  ? 15  GLU A OE2 1 
ATOM   109 N  N   . PRO A 1 16 ? 3.697   -7.316  6.627   1.00 18.60  ? 16  PRO A N   1 
ATOM   110 C  CA  . PRO A 1 16 ? 4.457   -6.719  7.763   1.00 19.37  ? 16  PRO A CA  1 
ATOM   111 C  C   . PRO A 1 16 ? 5.248   -5.498  7.320   1.00 18.23  ? 16  PRO A C   1 
ATOM   112 O  O   . PRO A 1 16 ? 5.760   -4.800  8.210   1.00 21.82  ? 16  PRO A O   1 
ATOM   113 C  CB  . PRO A 1 16 ? 5.415   -7.815  8.203   1.00 20.85  ? 16  PRO A CB  1 
ATOM   114 C  CG  . PRO A 1 16 ? 5.365   -8.901  7.194   1.00 25.07  ? 16  PRO A CG  1 
ATOM   115 C  CD  . PRO A 1 16 ? 4.315   -8.561  6.164   1.00 24.32  ? 16  PRO A CD  1 
ATOM   116 N  N   . GLU A 1 17 ? 5.375   -5.222  6.013   1.00 16.95  ? 17  GLU A N   1 
ATOM   117 C  CA  . GLU A 1 17 ? 6.155   -4.090  5.541   1.00 16.77  ? 17  GLU A CA  1 
ATOM   118 C  C   . GLU A 1 17 ? 5.354   -2.790  5.532   1.00 15.44  ? 17  GLU A C   1 
ATOM   119 O  O   . GLU A 1 17 ? 5.955   -1.723  5.370   1.00 20.62  ? 17  GLU A O   1 
ATOM   120 C  CB  . GLU A 1 17 ? 6.672   -4.261  4.111   1.00 21.09  ? 17  GLU A CB  1 
ATOM   121 C  CG  . GLU A 1 17 ? 7.542   -5.506  3.933   1.00 26.13  ? 17  GLU A CG  1 
ATOM   122 C  CD  . GLU A 1 17 ? 8.789   -5.314  4.772   1.00 27.13  ? 17  GLU A CD  1 
ATOM   123 O  OE1 . GLU A 1 17 ? 9.433   -4.248  4.607   1.00 27.74  ? 17  GLU A OE1 1 
ATOM   124 O  OE2 . GLU A 1 17 ? 9.091   -6.197  5.602   1.00 42.63  ? 17  GLU A OE2 1 
ATOM   125 N  N   . CYS A 1 18 ? 4.036   -2.862  5.685   1.00 15.55  ? 18  CYS A N   1 
ATOM   126 C  CA  . CYS A 1 18 ? 3.235   -1.648  5.548   1.00 14.94  ? 18  CYS A CA  1 
ATOM   127 C  C   . CYS A 1 18 ? 3.242   -0.828  6.835   1.00 14.68  ? 18  CYS A C   1 
ATOM   128 O  O   . CYS A 1 18 ? 2.764   -1.346  7.837   1.00 16.21  ? 18  CYS A O   1 
ATOM   129 C  CB  . CYS A 1 18 ? 1.787   -2.000  5.137   1.00 14.56  ? 18  CYS A CB  1 
ATOM   130 S  SG  . CYS A 1 18 ? 0.876   -0.434  4.935   1.00 15.40  ? 18  CYS A SG  1 
ATOM   131 N  N   . PRO A 1 19 ? 3.749   0.397   6.847   1.00 14.67  ? 19  PRO A N   1 
ATOM   132 C  CA  . PRO A 1 19 ? 3.787   1.167   8.095   1.00 15.14  ? 19  PRO A CA  1 
ATOM   133 C  C   . PRO A 1 19 ? 2.397   1.542   8.583   1.00 15.23  ? 19  PRO A C   1 
ATOM   134 O  O   . PRO A 1 19 ? 2.269   1.919   9.749   1.00 17.22  ? 19  PRO A O   1 
ATOM   135 C  CB  . PRO A 1 19 ? 4.530   2.457   7.736   1.00 16.64  ? 19  PRO A CB  1 
ATOM   136 C  CG  . PRO A 1 19 ? 4.381   2.588   6.262   1.00 17.36  ? 19  PRO A CG  1 
ATOM   137 C  CD  . PRO A 1 19 ? 4.307   1.172   5.722   1.00 15.84  ? 19  PRO A CD  1 
ATOM   138 N  N   . ASN A 1 20 ? 1.363   1.481   7.745   1.00 15.99  ? 20  ASN A N   1 
ATOM   139 C  CA  . ASN A 1 20 ? 0.020   1.922   8.069   1.00 14.69  ? 20  ASN A CA  1 
ATOM   140 C  C   . ASN A 1 20 ? -0.944  0.756   8.216   1.00 16.09  ? 20  ASN A C   1 
ATOM   141 O  O   . ASN A 1 20 ? -2.133  1.007   8.442   1.00 16.87  ? 20  ASN A O   1 
ATOM   142 C  CB  . ASN A 1 20 ? -0.541  2.880   7.001   1.00 15.28  ? 20  ASN A CB  1 
ATOM   143 C  CG  . ASN A 1 20 ? 0.359   4.109   6.864   1.00 15.13  ? 20  ASN A CG  1 
ATOM   144 O  OD1 . ASN A 1 20 ? 0.780   4.473   5.754   1.00 21.18  ? 20  ASN A OD1 1 
ATOM   145 N  ND2 . ASN A 1 20 ? 0.654   4.775   7.959   1.00 13.02  ? 20  ASN A ND2 1 
ATOM   146 N  N   . GLY A 1 21 ? -0.488  -0.491  8.107   1.00 16.12  ? 21  GLY A N   1 
ATOM   147 C  CA  . GLY A 1 21 ? -1.411  -1.597  8.315   1.00 15.80  ? 21  GLY A CA  1 
ATOM   148 C  C   . GLY A 1 21 ? -2.441  -1.684  7.193   1.00 15.42  ? 21  GLY A C   1 
ATOM   149 O  O   . GLY A 1 21 ? -3.552  -2.217  7.424   1.00 17.14  ? 21  GLY A O   1 
ATOM   150 N  N   . ALA A 1 22 ? -2.100  -1.202  5.992   1.00 14.28  ? 22  ALA A N   1 
ATOM   151 C  CA  . ALA A 1 22 ? -3.085  -1.144  4.922   1.00 12.88  ? 22  ALA A CA  1 
ATOM   152 C  C   . ALA A 1 22 ? -3.313  -2.472  4.191   1.00 15.20  ? 22  ALA A C   1 
ATOM   153 O  O   . ALA A 1 22 ? -4.217  -2.592  3.327   1.00 16.68  ? 22  ALA A O   1 
ATOM   154 C  CB  . ALA A 1 22 ? -2.683  -0.092  3.897   1.00 14.19  ? 22  ALA A CB  1 
ATOM   155 N  N   . ILE A 1 23 ? -2.467  -3.448  4.520   1.00 15.33  ? 23  ILE A N   1 
ATOM   156 C  CA  . ILE A 1 23 ? -2.511  -4.717  3.779   1.00 14.74  ? 23  ILE A CA  1 
ATOM   157 C  C   . ILE A 1 23 ? -3.053  -5.820  4.676   1.00 15.54  ? 23  ILE A C   1 
ATOM   158 O  O   . ILE A 1 23 ? -2.642  -5.940  5.825   1.00 16.94  ? 23  ILE A O   1 
ATOM   159 C  CB  . ILE A 1 23 ? -1.122  -5.083  3.219   1.00 14.34  ? 23  ILE A CB  1 
ATOM   160 C  CG1 . ILE A 1 23 ? -0.695  -4.081  2.137   1.00 14.49  ? 23  ILE A CG1 1 
ATOM   161 C  CG2 . ILE A 1 23 ? -1.066  -6.524  2.745   1.00 15.20  ? 23  ILE A CG2 1 
ATOM   162 C  CD1 . ILE A 1 23 ? 0.743   -4.175  1.677   1.00 17.22  ? 23  ILE A CD1 1 
ATOM   163 N  N   . SER A 1 24 ? -4.000  -6.589  4.138   1.00 16.11  ? 24  SER A N   1 
ATOM   164 C  CA  . SER A 1 24 ? -4.519  -7.762  4.837   1.00 19.34  ? 24  SER A CA  1 
ATOM   165 C  C   . SER A 1 24 ? -4.846  -8.863  3.823   1.00 19.85  ? 24  SER A C   1 
ATOM   166 O  O   . SER A 1 24 ? -4.847  -8.668  2.611   1.00 21.49  ? 24  SER A O   1 
ATOM   167 C  CB  . SER A 1 24 ? -5.755  -7.436  5.668   1.00 20.44  ? 24  SER A CB  1 
ATOM   168 O  OG  . SER A 1 24 ? -6.805  -7.032  4.788   1.00 24.61  ? 24  SER A OG  1 
ATOM   169 N  N   . GLN A 1 25 ? -5.128  -10.058 4.350   1.00 23.92  ? 25  GLN A N   1 
ATOM   170 C  CA  . GLN A 1 25 ? -5.381  -11.200 3.490   1.00 28.49  ? 25  GLN A CA  1 
ATOM   171 C  C   . GLN A 1 25 ? -6.801  -11.083 2.953   1.00 26.78  ? 25  GLN A C   1 
ATOM   172 O  O   . GLN A 1 25 ? -7.700  -10.778 3.735   1.00 34.29  ? 25  GLN A O   1 
ATOM   173 C  CB  . GLN A 1 25 ? -5.204  -12.485 4.281   1.00 35.77  ? 25  GLN A CB  1 
ATOM   174 C  CG  . GLN A 1 25 ? -5.051  -13.809 3.592   1.00 44.19  ? 25  GLN A CG  1 
ATOM   175 C  CD  . GLN A 1 25 ? -4.733  -13.811 2.121   1.00 57.88  ? 25  GLN A CD  1 
ATOM   176 O  OE1 . GLN A 1 25 ? -5.200  -12.997 1.319   1.00 80.84  ? 25  GLN A OE1 1 
ATOM   177 N  NE2 . GLN A 1 25 ? -3.909  -14.782 1.721   1.00 75.70  ? 25  GLN A NE2 1 
ATOM   178 N  N   . GLY A 1 26 ? -6.992  -11.293 1.675   1.00 25.93  ? 26  GLY A N   1 
ATOM   179 C  CA  . GLY A 1 26 ? -8.292  -11.247 1.031   1.00 29.60  ? 26  GLY A CA  1 
ATOM   180 C  C   . GLY A 1 26 ? -8.685  -12.675 0.639   1.00 37.15  ? 26  GLY A C   1 
ATOM   181 O  O   . GLY A 1 26 ? -7.976  -13.595 1.062   1.00 32.53  ? 26  GLY A O   1 
ATOM   182 N  N   . ASP A 1 27 ? -9.761  -12.764 -0.134  1.00 42.66  ? 27  ASP A N   1 
ATOM   183 C  CA  . ASP A 1 27 ? -10.449 -13.984 -0.514  1.00 41.90  ? 27  ASP A CA  1 
ATOM   184 C  C   . ASP A 1 27 ? -9.582  -14.832 -1.444  1.00 39.57  ? 27  ASP A C   1 
ATOM   185 O  O   . ASP A 1 27 ? -9.460  -16.055 -1.315  1.00 52.02  ? 27  ASP A O   1 
ATOM   186 C  CB  . ASP A 1 27 ? -11.802 -13.714 -1.184  1.00 57.40  ? 27  ASP A CB  1 
ATOM   187 C  CG  . ASP A 1 27 ? -12.774 -12.812 -0.463  1.00 71.00  ? 27  ASP A CG  1 
ATOM   188 O  OD1 . ASP A 1 27 ? -12.447 -12.303 0.633   1.00 100.96 ? 27  ASP A OD1 1 
ATOM   189 O  OD2 . ASP A 1 27 ? -13.900 -12.549 -0.950  1.00 87.80  ? 27  ASP A OD2 1 
ATOM   190 N  N   . GLU A 1 28 ? -8.957  -14.172 -2.417  1.00 35.63  ? 28  GLU A N   1 
ATOM   191 C  CA  . GLU A 1 28 ? -8.101  -14.887 -3.348  1.00 36.49  ? 28  GLU A CA  1 
ATOM   192 C  C   . GLU A 1 28 ? -6.720  -14.259 -3.346  1.00 34.04  ? 28  GLU A C   1 
ATOM   193 O  O   . GLU A 1 28 ? -5.766  -14.909 -3.793  1.00 42.60  ? 28  GLU A O   1 
ATOM   194 C  CB  A GLU A 1 28 ? -8.687  -14.880 -4.757  0.58 48.09  ? 28  GLU A CB  1 
ATOM   195 C  CB  B GLU A 1 28 ? -8.691  -14.866 -4.750  0.42 46.79  ? 28  GLU A CB  1 
ATOM   196 C  CG  A GLU A 1 28 ? -9.602  -16.076 -5.021  0.58 49.40  ? 28  GLU A CG  1 
ATOM   197 C  CG  B GLU A 1 28 ? -9.536  -16.095 -5.089  0.42 48.90  ? 28  GLU A CG  1 
ATOM   198 C  CD  A GLU A 1 28 ? -11.001 -15.788 -4.503  0.58 52.23  ? 28  GLU A CD  1 
ATOM   199 C  CD  B GLU A 1 28 ? -10.291 -15.819 -6.382  0.42 51.07  ? 28  GLU A CD  1 
ATOM   200 O  OE1 A GLU A 1 28 ? -11.144 -14.737 -3.837  0.58 72.48  ? 28  GLU A OE1 1 
ATOM   201 O  OE1 B GLU A 1 28 ? -10.137 -14.674 -6.862  0.42 50.01  ? 28  GLU A OE1 1 
ATOM   202 O  OE2 A GLU A 1 28 ? -11.927 -16.587 -4.760  0.58 57.19  ? 28  GLU A OE2 1 
ATOM   203 O  OE2 B GLU A 1 28 ? -11.002 -16.707 -6.888  0.42 52.36  ? 28  GLU A OE2 1 
ATOM   204 N  N   . THR A 1 29 ? -6.606  -13.003 -2.868  1.00 27.24  ? 29  THR A N   1 
ATOM   205 C  CA  . THR A 1 29 ? -5.282  -12.404 -2.757  1.00 25.94  ? 29  THR A CA  1 
ATOM   206 C  C   . THR A 1 29 ? -5.183  -11.516 -1.513  1.00 23.93  ? 29  THR A C   1 
ATOM   207 O  O   . THR A 1 29 ? -6.200  -11.298 -0.845  1.00 23.03  ? 29  THR A O   1 
ATOM   208 C  CB  . THR A 1 29 ? -4.906  -11.528 -3.971  1.00 27.87  ? 29  THR A CB  1 
ATOM   209 O  OG1 . THR A 1 29 ? -5.764  -10.377 -3.968  1.00 34.81  ? 29  THR A OG1 1 
ATOM   210 C  CG2 . THR A 1 29 ? -5.137  -12.178 -5.331  1.00 30.20  ? 29  THR A CG2 1 
ATOM   211 N  N   . TYR A 1 30 ? -3.964  -11.012 -1.261  1.00 18.64  ? 30  TYR A N   1 
ATOM   212 C  CA  . TYR A 1 30 ? -3.830  -9.914  -0.295  1.00 17.65  ? 30  TYR A CA  1 
ATOM   213 C  C   . TYR A 1 30 ? -4.491  -8.658  -0.837  1.00 18.81  ? 30  TYR A C   1 
ATOM   214 O  O   . TYR A 1 30 ? -4.682  -8.578  -2.064  1.00 18.22  ? 30  TYR A O   1 
ATOM   215 C  CB  . TYR A 1 30 ? -2.357  -9.632  0.026   1.00 17.06  ? 30  TYR A CB  1 
ATOM   216 C  CG  . TYR A 1 30 ? -1.933  -10.562 1.145   1.00 19.88  ? 30  TYR A CG  1 
ATOM   217 C  CD1 . TYR A 1 30 ? -1.630  -11.893 0.848   1.00 23.20  ? 30  TYR A CD1 1 
ATOM   218 C  CD2 . TYR A 1 30 ? -1.876  -10.100 2.457   1.00 20.10  ? 30  TYR A CD2 1 
ATOM   219 C  CE1 . TYR A 1 30 ? -1.255  -12.744 1.878   1.00 21.41  ? 30  TYR A CE1 1 
ATOM   220 C  CE2 . TYR A 1 30 ? -1.492  -10.971 3.472   1.00 21.57  ? 30  TYR A CE2 1 
ATOM   221 C  CZ  . TYR A 1 30 ? -1.184  -12.282 3.172   1.00 21.60  ? 30  TYR A CZ  1 
ATOM   222 O  OH  . TYR A 1 30 ? -0.804  -13.153 4.171   1.00 23.61  ? 30  TYR A OH  1 
ATOM   223 N  N   . VAL A 1 31 ? -4.871  -7.695  0.020   1.00 17.41  ? 31  VAL A N   1 
ATOM   224 C  CA  . VAL A 1 31 ? -5.574  -6.527  -0.497  1.00 16.21  ? 31  VAL A CA  1 
ATOM   225 C  C   . VAL A 1 31 ? -5.078  -5.304  0.245   1.00 15.04  ? 31  VAL A C   1 
ATOM   226 O  O   . VAL A 1 31 ? -4.789  -5.384  1.434   1.00 16.87  ? 31  VAL A O   1 
ATOM   227 C  CB  A VAL A 1 31 ? -7.109  -6.564  -0.390  0.58 15.70  ? 31  VAL A CB  1 
ATOM   228 C  CB  B VAL A 1 31 ? -7.094  -6.679  -0.323  0.42 14.57  ? 31  VAL A CB  1 
ATOM   229 C  CG1 A VAL A 1 31 ? -7.687  -7.877  -0.915  0.58 12.78  ? 31  VAL A CG1 1 
ATOM   230 C  CG1 B VAL A 1 31 ? -7.406  -7.272  1.047   0.42 16.97  ? 31  VAL A CG1 1 
ATOM   231 C  CG2 A VAL A 1 31 ? -7.554  -6.308  1.045   0.58 23.75  ? 31  VAL A CG2 1 
ATOM   232 C  CG2 B VAL A 1 31 ? -7.805  -5.349  -0.505  0.42 15.62  ? 31  VAL A CG2 1 
ATOM   233 N  N   . ILE A 1 32 ? -5.013  -4.204  -0.483  1.00 15.07  ? 32  ILE A N   1 
ATOM   234 C  CA  . ILE A 1 32 ? -4.723  -2.913  0.125   1.00 14.52  ? 32  ILE A CA  1 
ATOM   235 C  C   . ILE A 1 32 ? -6.011  -2.187  0.439   1.00 15.81  ? 32  ILE A C   1 
ATOM   236 O  O   . ILE A 1 32 ? -6.881  -2.075  -0.445  1.00 17.71  ? 32  ILE A O   1 
ATOM   237 C  CB  . ILE A 1 32 ? -3.832  -2.097  -0.826  1.00 15.30  ? 32  ILE A CB  1 
ATOM   238 C  CG1 . ILE A 1 32 ? -2.411  -2.700  -0.889  1.00 15.50  ? 32  ILE A CG1 1 
ATOM   239 C  CG2 . ILE A 1 32 ? -3.840  -0.623  -0.455  1.00 15.37  ? 32  ILE A CG2 1 
ATOM   240 C  CD1 . ILE A 1 32 ? -1.492  -2.104  -1.943  1.00 15.42  ? 32  ILE A CD1 1 
ATOM   241 N  N   . GLU A 1 33 ? -6.130  -1.697  1.666   1.00 16.62  ? 33  GLU A N   1 
ATOM   242 C  CA  . GLU A 1 33 ? -7.170  -0.750  2.057   1.00 15.12  ? 33  GLU A CA  1 
ATOM   243 C  C   . GLU A 1 33 ? -6.757  0.652   1.593   1.00 14.94  ? 33  GLU A C   1 
ATOM   244 O  O   . GLU A 1 33 ? -5.827  1.242   2.186   1.00 15.57  ? 33  GLU A O   1 
ATOM   245 C  CB  . GLU A 1 33 ? -7.355  -0.731  3.569   1.00 18.91  ? 33  GLU A CB  1 
ATOM   246 C  CG  . GLU A 1 33 ? -8.278  0.330   4.117   1.00 31.91  ? 33  GLU A CG  1 
ATOM   247 C  CD  . GLU A 1 33 ? -9.600  0.484   3.382   1.00 30.74  ? 33  GLU A CD  1 
ATOM   248 O  OE1 . GLU A 1 33 ? -10.455 -0.425  3.503   1.00 38.73  ? 33  GLU A OE1 1 
ATOM   249 O  OE2 . GLU A 1 33 ? -9.827  1.531   2.694   1.00 33.50  ? 33  GLU A OE2 1 
ATOM   250 N  N   . PRO A 1 34 ? -7.352  1.214   0.556   1.00 17.45  ? 34  PRO A N   1 
ATOM   251 C  CA  . PRO A 1 34 ? -6.771  2.466   0.046   1.00 17.74  ? 34  PRO A CA  1 
ATOM   252 C  C   . PRO A 1 34 ? -6.813  3.601   1.059   1.00 17.62  ? 34  PRO A C   1 
ATOM   253 O  O   . PRO A 1 34 ? -5.952  4.494   1.001   1.00 18.20  ? 34  PRO A O   1 
ATOM   254 C  CB  . PRO A 1 34 ? -7.638  2.767   -1.175  1.00 22.83  ? 34  PRO A CB  1 
ATOM   255 C  CG  . PRO A 1 34 ? -8.911  1.983   -1.009  1.00 23.26  ? 34  PRO A CG  1 
ATOM   256 C  CD  . PRO A 1 34 ? -8.529  0.762   -0.210  1.00 19.18  ? 34  PRO A CD  1 
ATOM   257 N  N   . SER A 1 35 ? -7.757  3.611   2.002   1.00 16.83  ? 35  SER A N   1 
ATOM   258 C  CA  . SER A 1 35 ? -7.763  4.714   2.967   1.00 17.01  ? 35  SER A CA  1 
ATOM   259 C  C   . SER A 1 35 ? -6.559  4.723   3.907   1.00 16.00  ? 35  SER A C   1 
ATOM   260 O  O   . SER A 1 35 ? -6.280  5.723   4.611   1.00 17.11  ? 35  SER A O   1 
ATOM   261 C  CB  . SER A 1 35 ? -9.044  4.669   3.801   1.00 18.01  ? 35  SER A CB  1 
ATOM   262 O  OG  A SER A 1 35 ? -9.051  3.490   4.580   0.62 23.03  ? 35  SER A OG  1 
ATOM   263 O  OG  B SER A 1 35 ? -10.183 4.858   2.990   0.38 14.35  ? 35  SER A OG  1 
ATOM   264 N  N   . LEU A 1 36 ? -5.814  3.623   3.946   1.00 15.45  ? 36  LEU A N   1 
ATOM   265 C  CA  . LEU A 1 36 ? -4.600  3.568   4.757   1.00 15.50  ? 36  LEU A CA  1 
ATOM   266 C  C   . LEU A 1 36 ? -3.347  3.577   3.879   1.00 14.70  ? 36  LEU A C   1 
ATOM   267 O  O   . LEU A 1 36 ? -2.225  3.599   4.401   1.00 16.88  ? 36  LEU A O   1 
ATOM   268 C  CB  . LEU A 1 36 ? -4.621  2.315   5.625   1.00 14.72  ? 36  LEU A CB  1 
ATOM   269 C  CG  . LEU A 1 36 ? -5.644  2.305   6.752   1.00 14.79  ? 36  LEU A CG  1 
ATOM   270 C  CD1 . LEU A 1 36 ? -5.710  0.897   7.309   1.00 16.98  ? 36  LEU A CD1 1 
ATOM   271 C  CD2 . LEU A 1 36 ? -5.286  3.317   7.836   1.00 14.95  ? 36  LEU A CD2 1 
ATOM   272 N  N   . CYS A 1 37 ? -3.498  3.557   2.552   1.00 15.31  ? 37  CYS A N   1 
ATOM   273 C  CA  . CYS A 1 37 ? -2.290  3.507   1.731   1.00 16.28  ? 37  CYS A CA  1 
ATOM   274 C  C   . CYS A 1 37 ? -1.890  4.922   1.344   1.00 16.26  ? 37  CYS A C   1 
ATOM   275 O  O   . CYS A 1 37 ? -2.582  5.583   0.550   1.00 16.25  ? 37  CYS A O   1 
ATOM   276 C  CB  . CYS A 1 37 ? -2.473  2.665   0.471   1.00 17.24  ? 37  CYS A CB  1 
ATOM   277 S  SG  . CYS A 1 37 ? -0.995  2.662   -0.596  1.00 15.67  ? 37  CYS A SG  1 
ATOM   278 N  N   . THR A 1 38 ? -0.773  5.367   1.915   1.00 16.03  ? 38  THR A N   1 
ATOM   279 C  CA  . THR A 1 38 ? -0.138  6.640   1.643   1.00 17.17  ? 38  THR A CA  1 
ATOM   280 C  C   . THR A 1 38 ? 0.930   6.547   0.548   1.00 17.21  ? 38  THR A C   1 
ATOM   281 O  O   . THR A 1 38 ? 1.729   7.469   0.297   1.00 17.02  ? 38  THR A O   1 
ATOM   282 C  CB  . THR A 1 38 ? 0.597   7.095   2.935   1.00 15.36  ? 38  THR A CB  1 
ATOM   283 O  OG1 . THR A 1 38 ? 1.490   5.996   3.224   1.00 17.39  ? 38  THR A OG1 1 
ATOM   284 C  CG2 . THR A 1 38 ? -0.350  7.335   4.096   1.00 14.95  ? 38  THR A CG2 1 
ATOM   285 N  N   . GLU A 1 39 ? 1.035   5.368   -0.082  1.00 15.66  ? 39  GLU A N   1 
ATOM   286 C  CA  . GLU A 1 39 ? 2.150   5.016   -0.954  1.00 15.67  ? 39  GLU A CA  1 
ATOM   287 C  C   . GLU A 1 39 ? 3.475   5.192   -0.199  1.00 18.45  ? 39  GLU A C   1 
ATOM   288 O  O   . GLU A 1 39 ? 4.527   5.467   -0.799  1.00 20.25  ? 39  GLU A O   1 
ATOM   289 C  CB  . GLU A 1 39 ? 2.125   5.796   -2.279  1.00 16.35  ? 39  GLU A CB  1 
ATOM   290 C  CG  . GLU A 1 39 ? 0.792   5.650   -2.982  1.00 17.95  ? 39  GLU A CG  1 
ATOM   291 C  CD  . GLU A 1 39 ? 0.625   6.279   -4.344  1.00 19.95  ? 39  GLU A CD  1 
ATOM   292 O  OE1 . GLU A 1 39 ? 1.653   6.547   -5.021  1.00 24.56  ? 39  GLU A OE1 1 
ATOM   293 O  OE2 . GLU A 1 39 ? -0.540  6.478   -4.765  1.00 19.26  ? 39  GLU A OE2 1 
ATOM   294 N  N   . CYS A 1 40 ? 3.405   5.011   1.127   1.00 16.60  ? 40  CYS A N   1 
ATOM   295 C  CA  . CYS A 1 40 ? 4.479   5.140   2.093   1.00 15.57  ? 40  CYS A CA  1 
ATOM   296 C  C   . CYS A 1 40 ? 4.959   6.582   2.225   1.00 17.82  ? 40  CYS A C   1 
ATOM   297 O  O   . CYS A 1 40 ? 5.936   6.838   2.963   1.00 18.28  ? 40  CYS A O   1 
ATOM   298 C  CB  . CYS A 1 40 ? 5.622   4.159   1.787   1.00 16.66  ? 40  CYS A CB  1 
ATOM   299 S  SG  . CYS A 1 40 ? 5.292   2.442   2.295   1.00 17.15  ? 40  CYS A SG  1 
ATOM   300 N  N   . VAL A 1 41 ? 4.306   7.577   1.592   1.00 17.78  ? 41  VAL A N   1 
ATOM   301 C  CA  . VAL A 1 41 ? 4.907   8.892   1.882   1.00 21.20  ? 41  VAL A CA  1 
ATOM   302 C  C   . VAL A 1 41 ? 4.626   9.286   3.328   1.00 19.24  ? 41  VAL A C   1 
ATOM   303 O  O   . VAL A 1 41 ? 3.616   9.049   3.967   1.00 18.83  ? 41  VAL A O   1 
ATOM   304 C  CB  . VAL A 1 41 ? 4.590   9.992   0.844   1.00 24.71  ? 41  VAL A CB  1 
ATOM   305 C  CG1 . VAL A 1 41 ? 3.933   9.405   -0.395  1.00 20.88  ? 41  VAL A CG1 1 
ATOM   306 C  CG2 . VAL A 1 41 ? 3.806   11.179  1.357   1.00 22.05  ? 41  VAL A CG2 1 
ATOM   307 N  N   . GLY A 1 42 ? 5.683   9.913   3.867   1.00 18.11  ? 42  GLY A N   1 
ATOM   308 C  CA  . GLY A 1 42 ? 5.790   10.294  5.261   1.00 17.16  ? 42  GLY A CA  1 
ATOM   309 C  C   . GLY A 1 42 ? 6.657   9.292   6.012   1.00 13.43  ? 42  GLY A C   1 
ATOM   310 O  O   . GLY A 1 42 ? 7.205   9.658   7.041   1.00 17.68  ? 42  GLY A O   1 
ATOM   311 N  N   . HIS A 1 43 ? 6.786   8.051   5.555   1.00 16.76  ? 43  HIS A N   1 
ATOM   312 C  CA  . HIS A 1 43 ? 7.569   7.047   6.259   1.00 15.68  ? 43  HIS A CA  1 
ATOM   313 C  C   . HIS A 1 43 ? 8.816   6.669   5.454   1.00 16.02  ? 43  HIS A C   1 
ATOM   314 O  O   . HIS A 1 43 ? 9.910   6.620   6.017   1.00 16.74  ? 43  HIS A O   1 
ATOM   315 C  CB  . HIS A 1 43 ? 6.775   5.759   6.506   1.00 14.69  ? 43  HIS A CB  1 
ATOM   316 C  CG  . HIS A 1 43 ? 5.774   5.850   7.609   1.00 16.70  ? 43  HIS A CG  1 
ATOM   317 N  ND1 . HIS A 1 43 ? 4.426   5.988   7.395   1.00 15.31  ? 43  HIS A ND1 1 
ATOM   318 C  CD2 . HIS A 1 43 ? 5.917   5.798   8.952   1.00 15.17  ? 43  HIS A CD2 1 
ATOM   319 C  CE1 . HIS A 1 43 ? 3.780   6.039   8.548   1.00 15.13  ? 43  HIS A CE1 1 
ATOM   320 N  NE2 . HIS A 1 43 ? 4.661   5.924   9.506   1.00 14.70  ? 43  HIS A NE2 1 
ATOM   321 N  N   . TYR A 1 44 ? 8.649   6.393   4.168   1.00 15.48  ? 44  TYR A N   1 
ATOM   322 C  CA  . TYR A 1 44 ? 9.711   5.936   3.298   1.00 17.81  ? 44  TYR A CA  1 
ATOM   323 C  C   . TYR A 1 44 ? 9.646   6.606   1.926   1.00 16.43  ? 44  TYR A C   1 
ATOM   324 O  O   . TYR A 1 44 ? 8.569   7.016   1.480   1.00 23.25  ? 44  TYR A O   1 
ATOM   325 C  CB  . TYR A 1 44 ? 9.599   4.413   3.046   1.00 17.42  ? 44  TYR A CB  1 
ATOM   326 C  CG  . TYR A 1 44 ? 9.726   3.629   4.338   1.00 16.50  ? 44  TYR A CG  1 
ATOM   327 C  CD1 . TYR A 1 44 ? 10.984  3.242   4.805   1.00 17.86  ? 44  TYR A CD1 1 
ATOM   328 C  CD2 . TYR A 1 44 ? 8.614   3.271   5.088   1.00 22.31  ? 44  TYR A CD2 1 
ATOM   329 C  CE1 . TYR A 1 44 ? 11.075  2.528   5.986   1.00 18.70  ? 44  TYR A CE1 1 
ATOM   330 C  CE2 . TYR A 1 44 ? 8.708   2.554   6.286   1.00 20.90  ? 44  TYR A CE2 1 
ATOM   331 C  CZ  . TYR A 1 44 ? 9.958   2.187   6.720   1.00 22.39  ? 44  TYR A CZ  1 
ATOM   332 O  OH  . TYR A 1 44 ? 10.108  1.474   7.897   1.00 24.79  ? 44  TYR A OH  1 
ATOM   333 N  N   . GLU A 1 45 ? 10.792  6.688   1.256   1.00 20.00  ? 45  GLU A N   1 
ATOM   334 C  CA  . GLU A 1 45 ? 10.894  7.371   -0.033  1.00 21.09  ? 45  GLU A CA  1 
ATOM   335 C  C   . GLU A 1 45 ? 10.261  6.557   -1.150  1.00 21.00  ? 45  GLU A C   1 
ATOM   336 O  O   . GLU A 1 45 ? 9.979   7.020   -2.252  1.00 25.63  ? 45  GLU A O   1 
ATOM   337 C  CB  . GLU A 1 45 ? 12.369  7.659   -0.383  1.00 22.80  ? 45  GLU A CB  1 
ATOM   338 C  CG  . GLU A 1 45 ? 13.187  6.375   -0.391  1.00 43.47  ? 45  GLU A CG  1 
ATOM   339 C  CD  . GLU A 1 45 ? 14.648  6.529   -0.738  1.00 59.34  ? 45  GLU A CD  1 
ATOM   340 O  OE1 . GLU A 1 45 ? 15.308  5.484   -0.959  1.00 80.86  ? 45  GLU A OE1 1 
ATOM   341 O  OE2 . GLU A 1 45 ? 15.159  7.669   -0.779  1.00 71.95  ? 45  GLU A OE2 1 
ATOM   342 N  N   . THR A 1 46 ? 10.051  5.282   -0.849  1.00 21.84  ? 46  THR A N   1 
ATOM   343 C  CA  . THR A 1 46 ? 9.431   4.437   -1.863  1.00 22.40  ? 46  THR A CA  1 
ATOM   344 C  C   . THR A 1 46 ? 8.564   3.398   -1.198  1.00 19.80  ? 46  THR A C   1 
ATOM   345 O  O   . THR A 1 46 ? 8.734   3.074   -0.030  1.00 18.89  ? 46  THR A O   1 
ATOM   346 C  CB  . THR A 1 46 ? 10.524  3.807   -2.725  1.00 25.32  ? 46  THR A CB  1 
ATOM   347 O  OG1 . THR A 1 46 ? 9.848   3.278   -3.886  1.00 32.15  ? 46  THR A OG1 1 
ATOM   348 C  CG2 . THR A 1 46 ? 11.198  2.651   -2.034  1.00 29.89  ? 46  THR A CG2 1 
ATOM   349 N  N   . SER A 1 47 ? 7.590   2.853   -1.896  1.00 19.03  ? 47  SER A N   1 
ATOM   350 C  CA  . SER A 1 47 ? 6.639   1.895   -1.338  1.00 17.47  ? 47  SER A CA  1 
ATOM   351 C  C   . SER A 1 47 ? 7.294   0.639   -0.783  1.00 17.72  ? 47  SER A C   1 
ATOM   352 O  O   . SER A 1 47 ? 8.003   -0.071  -1.530  1.00 18.68  ? 47  SER A O   1 
ATOM   353 C  CB  . SER A 1 47 ? 5.673   1.498   -2.469  1.00 21.33  ? 47  SER A CB  1 
ATOM   354 O  OG  A SER A 1 47 ? 5.327   2.627   -3.232  0.38 31.81  ? 47  SER A OG  1 
ATOM   355 O  OG  B SER A 1 47 ? 5.064   0.253   -2.177  0.62 19.19  ? 47  SER A OG  1 
ATOM   356 N  N   . GLN A 1 48 ? 7.069   0.299   0.484   1.00 16.10  ? 48  GLN A N   1 
ATOM   357 C  CA  . GLN A 1 48 ? 7.791   -0.857  1.025   1.00 17.41  ? 48  GLN A CA  1 
ATOM   358 C  C   . GLN A 1 48 ? 7.202   -2.158  0.499   1.00 15.76  ? 48  GLN A C   1 
ATOM   359 O  O   . GLN A 1 48 ? 7.928   -3.150  0.388   1.00 19.35  ? 48  GLN A O   1 
ATOM   360 C  CB  . GLN A 1 48 ? 7.771   -0.853  2.560   1.00 17.41  ? 48  GLN A CB  1 
ATOM   361 C  CG  . GLN A 1 48 ? 8.441   0.403   3.117   1.00 18.22  ? 48  GLN A CG  1 
ATOM   362 C  CD  . GLN A 1 48 ? 9.923   0.418   2.752   1.00 22.83  ? 48  GLN A CD  1 
ATOM   363 O  OE1 . GLN A 1 48 ? 10.760  -0.245  3.380   1.00 32.04  ? 48  GLN A OE1 1 
ATOM   364 N  NE2 . GLN A 1 48 ? 10.267  1.185   1.714   1.00 20.75  ? 48  GLN A NE2 1 
ATOM   365 N  N   . CYS A 1 49 ? 5.894   -2.132  0.203   1.00 15.80  ? 49  CYS A N   1 
ATOM   366 C  CA  . CYS A 1 49 ? 5.319   -3.396  -0.255  1.00 13.91  ? 49  CYS A CA  1 
ATOM   367 C  C   . CYS A 1 49 ? 5.863   -3.724  -1.645  1.00 14.16  ? 49  CYS A C   1 
ATOM   368 O  O   . CYS A 1 49 ? 6.161   -4.885  -1.945  1.00 15.22  ? 49  CYS A O   1 
ATOM   369 C  CB  . CYS A 1 49 ? 3.785   -3.377  -0.235  1.00 13.91  ? 49  CYS A CB  1 
ATOM   370 S  SG  . CYS A 1 49 ? 3.018   -2.020  -1.131  1.00 15.57  ? 49  CYS A SG  1 
ATOM   371 N  N   . VAL A 1 50 ? 5.991   -2.697  -2.487  1.00 14.78  ? 50  VAL A N   1 
ATOM   372 C  CA  . VAL A 1 50 ? 6.509   -2.907  -3.837  1.00 16.68  ? 50  VAL A CA  1 
ATOM   373 C  C   . VAL A 1 50 ? 7.908   -3.503  -3.706  1.00 16.47  ? 50  VAL A C   1 
ATOM   374 O  O   . VAL A 1 50 ? 8.330   -4.444  -4.405  1.00 18.92  ? 50  VAL A O   1 
ATOM   375 C  CB  . VAL A 1 50 ? 6.447   -1.608  -4.667  1.00 15.84  ? 50  VAL A CB  1 
ATOM   376 C  CG1 . VAL A 1 50 ? 7.225   -1.717  -5.973  1.00 18.97  ? 50  VAL A CG1 1 
ATOM   377 C  CG2 . VAL A 1 50 ? 5.003   -1.211  -4.985  1.00 16.54  ? 50  VAL A CG2 1 
ATOM   378 N  N   . GLU A 1 51 ? 8.675   -2.962  -2.757  1.00 19.66  ? 51  GLU A N   1 
ATOM   379 C  CA  . GLU A 1 51 ? 10.051  -3.452  -2.636  1.00 19.38  ? 51  GLU A CA  1 
ATOM   380 C  C   . GLU A 1 51 ? 10.137  -4.932  -2.309  1.00 19.98  ? 51  GLU A C   1 
ATOM   381 O  O   . GLU A 1 51 ? 11.139  -5.563  -2.717  1.00 20.84  ? 51  GLU A O   1 
ATOM   382 C  CB  . GLU A 1 51 ? 10.758  -2.600  -1.573  1.00 22.76  ? 51  GLU A CB  1 
ATOM   383 C  CG  . GLU A 1 51 ? 11.173  -1.213  -2.032  1.00 29.27  ? 51  GLU A CG  1 
ATOM   384 C  CD  . GLU A 1 51 ? 11.880  -1.159  -3.376  1.00 35.83  ? 51  GLU A CD  1 
ATOM   385 O  OE1 . GLU A 1 51 ? 13.063  -1.580  -3.449  1.00 54.27  ? 51  GLU A OE1 1 
ATOM   386 O  OE2 . GLU A 1 51 ? 11.234  -0.695  -4.357  1.00 40.34  ? 51  GLU A OE2 1 
ATOM   387 N  N   . VAL A 1 52 ? 9.180   -5.542  -1.595  1.00 18.94  ? 52  VAL A N   1 
ATOM   388 C  CA  . VAL A 1 52 ? 9.360   -6.948  -1.246  1.00 19.56  ? 52  VAL A CA  1 
ATOM   389 C  C   . VAL A 1 52 ? 8.570   -7.903  -2.139  1.00 18.70  ? 52  VAL A C   1 
ATOM   390 O  O   . VAL A 1 52 ? 8.782   -9.136  -2.092  1.00 22.73  ? 52  VAL A O   1 
ATOM   391 C  CB  . VAL A 1 52 ? 8.952   -7.302  0.199   1.00 18.90  ? 52  VAL A CB  1 
ATOM   392 C  CG1 . VAL A 1 52 ? 9.890   -6.657  1.181   1.00 28.79  ? 52  VAL A CG1 1 
ATOM   393 C  CG2 . VAL A 1 52 ? 7.484   -6.936  0.386   1.00 17.59  ? 52  VAL A CG2 1 
ATOM   394 N  N   . CYS A 1 53 ? 7.663   -7.389  -2.968  1.00 17.56  ? 53  CYS A N   1 
ATOM   395 C  CA  . CYS A 1 53 ? 6.770   -8.283  -3.694  1.00 17.68  ? 53  CYS A CA  1 
ATOM   396 C  C   . CYS A 1 53 ? 7.533   -9.086  -4.725  1.00 17.70  ? 53  CYS A C   1 
ATOM   397 O  O   . CYS A 1 53 ? 8.165   -8.507  -5.616  1.00 21.55  ? 53  CYS A O   1 
ATOM   398 C  CB  . CYS A 1 53 ? 5.685   -7.469  -4.397  1.00 15.85  ? 53  CYS A CB  1 
ATOM   399 S  SG  . CYS A 1 53 ? 4.477   -8.537  -5.247  1.00 15.74  ? 53  CYS A SG  1 
ATOM   400 N  N   . PRO A 1 54 ? 7.483   -10.408 -4.599  1.00 17.26  ? 54  PRO A N   1 
ATOM   401 C  CA  . PRO A 1 54 ? 8.255   -11.222 -5.545  1.00 18.25  ? 54  PRO A CA  1 
ATOM   402 C  C   . PRO A 1 54 ? 7.719   -11.228 -6.981  1.00 22.04  ? 54  PRO A C   1 
ATOM   403 O  O   . PRO A 1 54 ? 8.449   -11.667 -7.895  1.00 21.60  ? 54  PRO A O   1 
ATOM   404 C  CB  . PRO A 1 54 ? 8.155   -12.619 -4.912  1.00 21.22  ? 54  PRO A CB  1 
ATOM   405 C  CG  . PRO A 1 54 ? 6.887   -12.587 -4.104  1.00 22.12  ? 54  PRO A CG  1 
ATOM   406 C  CD  . PRO A 1 54 ? 6.776   -11.186 -3.581  1.00 19.15  ? 54  PRO A CD  1 
ATOM   407 N  N   . VAL A 1 55 ? 6.497   -10.792 -7.230  1.00 19.26  ? 55  VAL A N   1 
ATOM   408 C  CA  . VAL A 1 55 ? 5.934   -10.989 -8.591  1.00 17.84  ? 55  VAL A CA  1 
ATOM   409 C  C   . VAL A 1 55 ? 5.472   -9.645  -9.159  1.00 18.89  ? 55  VAL A C   1 
ATOM   410 O  O   . VAL A 1 55 ? 4.751   -9.603  -10.150 1.00 21.34  ? 55  VAL A O   1 
ATOM   411 C  CB  . VAL A 1 55 ? 4.783   -12.012 -8.653  1.00 18.75  ? 55  VAL A CB  1 
ATOM   412 C  CG1 . VAL A 1 55 ? 5.265   -13.423 -8.385  1.00 19.82  ? 55  VAL A CG1 1 
ATOM   413 C  CG2 . VAL A 1 55 ? 3.676   -11.650 -7.651  1.00 18.64  ? 55  VAL A CG2 1 
ATOM   414 N  N   . ASP A 1 56 ? 5.891   -8.555  -8.525  1.00 18.46  ? 56  ASP A N   1 
ATOM   415 C  CA  . ASP A 1 56 ? 5.626   -7.204  -9.032  1.00 16.62  ? 56  ASP A CA  1 
ATOM   416 C  C   . ASP A 1 56 ? 4.167   -6.992  -9.368  1.00 15.83  ? 56  ASP A C   1 
ATOM   417 O  O   . ASP A 1 56 ? 3.817   -6.496  -10.441 1.00 18.73  ? 56  ASP A O   1 
ATOM   418 C  CB  . ASP A 1 56 ? 6.545   -6.956  -10.246 1.00 20.48  ? 56  ASP A CB  1 
ATOM   419 C  CG  . ASP A 1 56 ? 8.014   -7.043  -9.816  1.00 25.30  ? 56  ASP A CG  1 
ATOM   420 O  OD1 . ASP A 1 56 ? 8.363   -6.724  -8.652  1.00 24.14  ? 56  ASP A OD1 1 
ATOM   421 O  OD2 . ASP A 1 56 ? 8.842   -7.441  -10.665 1.00 32.06  ? 56  ASP A OD2 1 
ATOM   422 N  N   . CYS A 1 57 ? 3.304   -7.359  -8.416  1.00 17.99  ? 57  CYS A N   1 
ATOM   423 C  CA  . CYS A 1 57 ? 1.859   -7.253  -8.677  1.00 16.83  ? 57  CYS A CA  1 
ATOM   424 C  C   . CYS A 1 57 ? 1.223   -6.136  -7.875  1.00 15.39  ? 57  CYS A C   1 
ATOM   425 O  O   . CYS A 1 57 ? -0.005  -6.121  -7.637  1.00 18.11  ? 57  CYS A O   1 
ATOM   426 C  CB  . CYS A 1 57 ? 1.152   -8.585  -8.395  1.00 18.70  ? 57  CYS A CB  1 
ATOM   427 S  SG  . CYS A 1 57 ? 1.197   -9.066  -6.645  1.00 17.53  ? 57  CYS A SG  1 
ATOM   428 N  N   . ILE A 1 58 ? 2.042   -5.172  -7.478  1.00 15.83  ? 58  ILE A N   1 
ATOM   429 C  CA  . ILE A 1 58 ? 1.536   -4.028  -6.718  1.00 15.43  ? 58  ILE A CA  1 
ATOM   430 C  C   . ILE A 1 58 ? 1.768   -2.774  -7.558  1.00 16.42  ? 58  ILE A C   1 
ATOM   431 O  O   . ILE A 1 58 ? 2.923   -2.479  -7.885  1.00 17.06  ? 58  ILE A O   1 
ATOM   432 C  CB  . ILE A 1 58 ? 2.175   -3.921  -5.333  1.00 15.27  ? 58  ILE A CB  1 
ATOM   433 C  CG1 . ILE A 1 58 ? 2.046   -5.221  -4.529  1.00 15.80  ? 58  ILE A CG1 1 
ATOM   434 C  CG2 . ILE A 1 58 ? 1.570   -2.731  -4.613  1.00 14.08  ? 58  ILE A CG2 1 
ATOM   435 C  CD1 . ILE A 1 58 ? 2.580   -5.139  -3.106  1.00 15.73  ? 58  ILE A CD1 1 
ATOM   436 N  N   . ILE A 1 59 ? 0.651   -2.114  -7.913  1.00 16.58  ? 59  ILE A N   1 
ATOM   437 C  CA  . ILE A 1 59 ? 0.676   -1.034  -8.875  1.00 14.61  ? 59  ILE A CA  1 
ATOM   438 C  C   . ILE A 1 59 ? -0.152  0.143   -8.411  1.00 15.51  ? 59  ILE A C   1 
ATOM   439 O  O   . ILE A 1 59 ? -0.937  0.019   -7.471  1.00 17.92  ? 59  ILE A O   1 
ATOM   440 C  CB  . ILE A 1 59 ? 0.097   -1.513  -10.232 1.00 16.71  ? 59  ILE A CB  1 
ATOM   441 C  CG1 . ILE A 1 59 ? -1.329  -2.032  -10.120 1.00 15.58  ? 59  ILE A CG1 1 
ATOM   442 C  CG2 . ILE A 1 59 ? 1.032   -2.543  -10.854 1.00 19.06  ? 59  ILE A CG2 1 
ATOM   443 C  CD1 . ILE A 1 59 ? -2.044  -2.308  -11.432 1.00 18.14  ? 59  ILE A CD1 1 
ATOM   444 N  N   . LYS A 1 60 ? -0.023  1.305   -9.053  1.00 17.79  ? 60  LYS A N   1 
ATOM   445 C  CA  . LYS A 1 60 ? -0.929  2.415   -8.787  1.00 18.09  ? 60  LYS A CA  1 
ATOM   446 C  C   . LYS A 1 60 ? -2.367  1.973   -9.046  1.00 16.53  ? 60  LYS A C   1 
ATOM   447 O  O   . LYS A 1 60 ? -2.646  1.298   -10.041 1.00 18.17  ? 60  LYS A O   1 
ATOM   448 C  CB  . LYS A 1 60 ? -0.623  3.612   -9.676  1.00 19.83  ? 60  LYS A CB  1 
ATOM   449 C  CG  . LYS A 1 60 ? 0.672   4.345   -9.374  1.00 24.21  ? 60  LYS A CG  1 
ATOM   450 C  CD  . LYS A 1 60 ? 0.456   5.327   -8.238  1.00 35.97  ? 60  LYS A CD  1 
ATOM   451 C  CE  . LYS A 1 60 ? 1.704   6.103   -7.851  1.00 37.73  ? 60  LYS A CE  1 
ATOM   452 N  NZ  . LYS A 1 60 ? 2.735   6.041   -8.918  1.00 45.26  ? 60  LYS A NZ  1 
ATOM   453 N  N   . ASP A 1 61 ? -3.231  2.370   -8.113  1.00 17.94  ? 61  ASP A N   1 
ATOM   454 C  CA  . ASP A 1 61 ? -4.667  2.117   -8.296  1.00 20.67  ? 61  ASP A CA  1 
ATOM   455 C  C   . ASP A 1 61 ? -5.312  3.302   -8.998  1.00 18.52  ? 61  ASP A C   1 
ATOM   456 O  O   . ASP A 1 61 ? -5.455  4.351   -8.356  1.00 21.05  ? 61  ASP A O   1 
ATOM   457 C  CB  . ASP A 1 61 ? -5.325  1.863   -6.939  1.00 20.05  ? 61  ASP A CB  1 
ATOM   458 C  CG  . ASP A 1 61 ? -6.807  1.534   -7.075  1.00 21.06  ? 61  ASP A CG  1 
ATOM   459 O  OD1 . ASP A 1 61 ? -7.439  1.694   -8.148  1.00 19.81  ? 61  ASP A OD1 1 
ATOM   460 O  OD2 . ASP A 1 61 ? -7.365  1.112   -6.031  1.00 21.03  ? 61  ASP A OD2 1 
ATOM   461 N  N   . PRO A 1 62 ? -5.706  3.205   -10.262 1.00 20.74  ? 62  PRO A N   1 
ATOM   462 C  CA  . PRO A 1 62 ? -6.240  4.386   -10.931 1.00 22.18  ? 62  PRO A CA  1 
ATOM   463 C  C   . PRO A 1 62 ? -7.567  4.884   -10.368 1.00 22.31  ? 62  PRO A C   1 
ATOM   464 O  O   . PRO A 1 62 ? -7.938  6.030   -10.665 1.00 24.22  ? 62  PRO A O   1 
ATOM   465 C  CB  . PRO A 1 62 ? -6.443  3.930   -12.380 1.00 20.74  ? 62  PRO A CB  1 
ATOM   466 C  CG  . PRO A 1 62 ? -5.768  2.628   -12.521 1.00 25.45  ? 62  PRO A CG  1 
ATOM   467 C  CD  . PRO A 1 62 ? -5.688  2.018   -11.152 1.00 22.46  ? 62  PRO A CD  1 
ATOM   468 N  N   . SER A 1 63 ? -8.289  4.110   -9.581  1.00 20.29  ? 63  SER A N   1 
ATOM   469 C  CA  . SER A 1 63 ? -9.508  4.642   -8.986  1.00 25.20  ? 63  SER A CA  1 
ATOM   470 C  C   . SER A 1 63 ? -9.209  5.301   -7.638  1.00 22.09  ? 63  SER A C   1 
ATOM   471 O  O   . SER A 1 63 ? -10.128 5.818   -6.996  1.00 25.09  ? 63  SER A O   1 
ATOM   472 C  CB  . SER A 1 63 ? -10.563 3.554   -8.856  1.00 30.93  ? 63  SER A CB  1 
ATOM   473 O  OG  . SER A 1 63 ? -10.280 2.693   -7.778  1.00 38.07  ? 63  SER A OG  1 
ATOM   474 N  N   . HIS A 1 64 ? -7.950  5.312   -7.194  1.00 20.22  ? 64  HIS A N   1 
ATOM   475 C  CA  . HIS A 1 64 ? -7.476  6.114   -6.070  1.00 22.14  ? 64  HIS A CA  1 
ATOM   476 C  C   . HIS A 1 64 ? -6.181  6.840   -6.409  1.00 20.63  ? 64  HIS A C   1 
ATOM   477 O  O   . HIS A 1 64 ? -5.109  6.692   -5.803  1.00 21.52  ? 64  HIS A O   1 
ATOM   478 C  CB  . HIS A 1 64 ? -7.292  5.251   -4.816  1.00 24.34  ? 64  HIS A CB  1 
ATOM   479 C  CG  . HIS A 1 64 ? -8.634  4.818   -4.304  1.00 23.75  ? 64  HIS A CG  1 
ATOM   480 N  ND1 . HIS A 1 64 ? -9.148  3.552   -4.572  1.00 25.10  ? 64  HIS A ND1 1 
ATOM   481 C  CD2 . HIS A 1 64 ? -9.558  5.476   -3.586  1.00 25.40  ? 64  HIS A CD2 1 
ATOM   482 C  CE1 . HIS A 1 64 ? -10.347 3.450   -4.008  1.00 25.62  ? 64  HIS A CE1 1 
ATOM   483 N  NE2 . HIS A 1 64 ? -10.607 4.606   -3.408  1.00 29.98  ? 64  HIS A NE2 1 
ATOM   484 N  N   . GLU A 1 65 ? -6.250  7.684   -7.423  1.00 21.75  ? 65  GLU A N   1 
ATOM   485 C  CA  . GLU A 1 65 ? -5.063  8.451   -7.805  1.00 22.86  ? 65  GLU A CA  1 
ATOM   486 C  C   . GLU A 1 65 ? -4.903  9.642   -6.878  1.00 27.70  ? 65  GLU A C   1 
ATOM   487 O  O   . GLU A 1 65 ? -5.836  10.438  -6.787  1.00 29.64  ? 65  GLU A O   1 
ATOM   488 C  CB  . GLU A 1 65 ? -5.213  8.919   -9.248  1.00 28.30  ? 65  GLU A CB  1 
ATOM   489 C  CG  . GLU A 1 65 ? -3.927  9.448   -9.873  1.00 41.67  ? 65  GLU A CG  1 
ATOM   490 C  CD  . GLU A 1 65 ? -4.199  9.806   -11.324 1.00 55.76  ? 65  GLU A CD  1 
ATOM   491 O  OE1 . GLU A 1 65 ? -4.620  8.914   -12.103 1.00 59.36  ? 65  GLU A OE1 1 
ATOM   492 O  OE2 . GLU A 1 65 ? -3.995  10.995  -11.663 1.00 68.01  ? 65  GLU A OE2 1 
ATOM   493 N  N   . GLU A 1 66 ? -3.765  9.725   -6.219  1.00 20.43  ? 66  GLU A N   1 
ATOM   494 C  CA  . GLU A 1 66 ? -3.544  10.717  -5.168  1.00 22.95  ? 66  GLU A CA  1 
ATOM   495 C  C   . GLU A 1 66 ? -2.255  11.483  -5.412  1.00 23.49  ? 66  GLU A C   1 
ATOM   496 O  O   . GLU A 1 66 ? -1.264  10.890  -5.831  1.00 29.71  ? 66  GLU A O   1 
ATOM   497 C  CB  . GLU A 1 66 ? -3.540  10.024  -3.804  1.00 22.22  ? 66  GLU A CB  1 
ATOM   498 C  CG  . GLU A 1 66 ? -4.910  9.401   -3.491  1.00 20.89  ? 66  GLU A CG  1 
ATOM   499 C  CD  . GLU A 1 66 ? -4.909  8.629   -2.179  1.00 18.92  ? 66  GLU A CD  1 
ATOM   500 O  OE1 . GLU A 1 66 ? -4.488  7.445   -2.154  1.00 20.81  ? 66  GLU A OE1 1 
ATOM   501 O  OE2 . GLU A 1 66 ? -5.299  9.156   -1.117  1.00 26.88  ? 66  GLU A OE2 1 
ATOM   502 N  N   . THR A 1 67 ? -2.266  12.797  -5.176  1.00 27.48  ? 67  THR A N   1 
ATOM   503 C  CA  . THR A 1 67 ? -1.064  13.612  -5.240  1.00 29.98  ? 67  THR A CA  1 
ATOM   504 C  C   . THR A 1 67 ? -0.150  13.337  -4.054  1.00 31.45  ? 67  THR A C   1 
ATOM   505 O  O   . THR A 1 67 ? -0.499  12.779  -3.012  1.00 26.74  ? 67  THR A O   1 
ATOM   506 C  CB  . THR A 1 67 ? -1.406  15.120  -5.250  1.00 33.23  ? 67  THR A CB  1 
ATOM   507 O  OG1 . THR A 1 67 ? -2.032  15.459  -4.002  1.00 33.94  ? 67  THR A OG1 1 
ATOM   508 C  CG2 . THR A 1 67 ? -2.377  15.462  -6.384  1.00 30.77  ? 67  THR A CG2 1 
ATOM   509 N  N   . GLU A 1 68 ? 1.111   13.755  -4.136  1.00 35.89  ? 68  GLU A N   1 
ATOM   510 C  CA  . GLU A 1 68 ? 2.003   13.579  -2.995  1.00 36.23  ? 68  GLU A CA  1 
ATOM   511 C  C   . GLU A 1 68 ? 1.484   14.302  -1.765  1.00 32.99  ? 68  GLU A C   1 
ATOM   512 O  O   . GLU A 1 68 ? 1.656   13.803  -0.655  1.00 30.37  ? 68  GLU A O   1 
ATOM   513 C  CB  . GLU A 1 68 ? 3.399   14.097  -3.327  1.00 39.22  ? 68  GLU A CB  1 
ATOM   514 C  CG  . GLU A 1 68 ? 4.392   13.959  -2.176  1.00 47.28  ? 68  GLU A CG  1 
ATOM   515 C  CD  . GLU A 1 68 ? 5.655   13.267  -2.668  1.00 55.41  ? 68  GLU A CD  1 
ATOM   516 O  OE1 . GLU A 1 68 ? 5.485   12.252  -3.391  1.00 63.30  ? 68  GLU A OE1 1 
ATOM   517 O  OE2 . GLU A 1 68 ? 6.768   13.734  -2.356  1.00 67.52  ? 68  GLU A OE2 1 
ATOM   518 N  N   . ASP A 1 69 ? 0.859   15.448  -1.961  1.00 34.23  ? 69  ASP A N   1 
ATOM   519 C  CA  . ASP A 1 69 ? 0.265   16.201  -0.870  1.00 35.88  ? 69  ASP A CA  1 
ATOM   520 C  C   . ASP A 1 69 ? -0.917  15.488  -0.231  1.00 31.98  ? 69  ASP A C   1 
ATOM   521 O  O   . ASP A 1 69 ? -1.132  15.504  0.964   1.00 36.00  ? 69  ASP A O   1 
ATOM   522 C  CB  . ASP A 1 69 ? -0.328  17.509  -1.392  1.00 37.37  ? 69  ASP A CB  1 
ATOM   523 C  CG  . ASP A 1 69 ? 0.456   18.741  -1.055  1.00 38.46  ? 69  ASP A CG  1 
ATOM   524 O  OD1 . ASP A 1 69 ? 1.516   18.582  -0.409  1.00 38.79  ? 69  ASP A OD1 1 
ATOM   525 O  OD2 . ASP A 1 69 ? -0.021  19.823  -1.464  1.00 42.99  ? 69  ASP A OD2 1 
ATOM   526 N  N   . GLU A 1 70 ? -1.724  14.885  -1.099  1.00 29.44  ? 70  GLU A N   1 
ATOM   527 C  CA  . GLU A 1 70 ? -2.891  14.163  -0.569  1.00 26.84  ? 70  GLU A CA  1 
ATOM   528 C  C   . GLU A 1 70 ? -2.432  12.996  0.285   1.00 22.42  ? 70  GLU A C   1 
ATOM   529 O  O   . GLU A 1 70 ? -3.007  12.656  1.309   1.00 22.03  ? 70  GLU A O   1 
ATOM   530 C  CB  . GLU A 1 70 ? -3.768  13.669  -1.727  1.00 25.66  ? 70  GLU A CB  1 
ATOM   531 C  CG  . GLU A 1 70 ? -4.584  14.805  -2.327  1.00 26.34  ? 70  GLU A CG  1 
ATOM   532 C  CD  . GLU A 1 70 ? -5.273  14.462  -3.633  1.00 31.26  ? 70  GLU A CD  1 
ATOM   533 O  OE1 . GLU A 1 70 ? -4.748  13.664  -4.431  1.00 29.36  ? 70  GLU A OE1 1 
ATOM   534 O  OE2 . GLU A 1 70 ? -6.375  15.022  -3.872  1.00 38.83  ? 70  GLU A OE2 1 
ATOM   535 N  N   . LEU A 1 71 ? -1.363  12.377  -0.201  1.00 20.61  ? 71  LEU A N   1 
ATOM   536 C  CA  . LEU A 1 71 ? -0.807  11.207  0.474   1.00 19.99  ? 71  LEU A CA  1 
ATOM   537 C  C   . LEU A 1 71 ? -0.187  11.641  1.791   1.00 19.27  ? 71  LEU A C   1 
ATOM   538 O  O   . LEU A 1 71 ? -0.345  10.955  2.783   1.00 18.41  ? 71  LEU A O   1 
ATOM   539 C  CB  . LEU A 1 71 ? 0.202   10.526  -0.455  1.00 19.54  ? 71  LEU A CB  1 
ATOM   540 C  CG  . LEU A 1 71 ? -0.420  9.904   -1.719  1.00 18.81  ? 71  LEU A CG  1 
ATOM   541 C  CD1 . LEU A 1 71 ? 0.689   9.559   -2.697  1.00 19.59  ? 71  LEU A CD1 1 
ATOM   542 C  CD2 . LEU A 1 71 ? -1.267  8.710   -1.342  1.00 16.70  ? 71  LEU A CD2 1 
ATOM   543 N  N   . ARG A 1 72 ? 0.480   12.803  1.728   1.00 23.30  ? 72  ARG A N   1 
ATOM   544 C  CA  . ARG A 1 72 ? 1.105   13.370  2.935   1.00 20.82  ? 72  ARG A CA  1 
ATOM   545 C  C   . ARG A 1 72 ? 0.021   13.701  3.940   1.00 19.84  ? 72  ARG A C   1 
ATOM   546 O  O   . ARG A 1 72 ? 0.135   13.386  5.126   1.00 21.19  ? 72  ARG A O   1 
ATOM   547 C  CB  . ARG A 1 72 ? 1.924   14.621  2.629   1.00 33.79  ? 72  ARG A CB  1 
ATOM   548 C  CG  . ARG A 1 72 ? 2.827   14.986  3.823   1.00 38.82  ? 72  ARG A CG  1 
ATOM   549 C  CD  . ARG A 1 72 ? 4.058   15.741  3.334   1.00 42.29  ? 72  ARG A CD  1 
ATOM   550 N  NE  . ARG A 1 72 ? 5.184   14.850  3.108   1.00 42.81  ? 72  ARG A NE  1 
ATOM   551 C  CZ  . ARG A 1 72 ? 5.980   14.322  4.036   1.00 47.93  ? 72  ARG A CZ  1 
ATOM   552 N  NH1 . ARG A 1 72 ? 5.931   14.487  5.361   1.00 37.17  ? 72  ARG A NH1 1 
ATOM   553 N  NH2 . ARG A 1 72 ? 6.925   13.531  3.509   1.00 32.27  ? 72  ARG A NH2 1 
ATOM   554 N  N   . ALA A 1 73 ? -1.044  14.328  3.422   1.00 21.01  ? 73  ALA A N   1 
ATOM   555 C  CA  . ALA A 1 73 ? -2.142  14.676  4.334   1.00 21.25  ? 73  ALA A CA  1 
ATOM   556 C  C   . ALA A 1 73 ? -2.728  13.412  4.960   1.00 21.79  ? 73  ALA A C   1 
ATOM   557 O  O   . ALA A 1 73 ? -3.130  13.379  6.144   1.00 25.85  ? 73  ALA A O   1 
ATOM   558 C  CB  . ALA A 1 73 ? -3.231  15.476  3.626   1.00 23.46  ? 73  ALA A CB  1 
ATOM   559 N  N   . LYS A 1 74 ? -2.778  12.367  4.138   1.00 20.45  ? 74  LYS A N   1 
ATOM   560 C  CA  . LYS A 1 74 ? -3.292  11.093  4.631   1.00 18.52  ? 74  LYS A CA  1 
ATOM   561 C  C   . LYS A 1 74 ? -2.363  10.580  5.722   1.00 18.19  ? 74  LYS A C   1 
ATOM   562 O  O   . LYS A 1 74 ? -2.807  10.182  6.792   1.00 21.12  ? 74  LYS A O   1 
ATOM   563 C  CB  . LYS A 1 74 ? -3.442  10.072  3.495   1.00 17.81  ? 74  LYS A CB  1 
ATOM   564 C  CG  . LYS A 1 74 ? -4.084  8.768   3.959   1.00 19.39  ? 74  LYS A CG  1 
ATOM   565 C  CD  . LYS A 1 74 ? -4.134  7.704   2.875   1.00 19.52  ? 74  LYS A CD  1 
ATOM   566 C  CE  . LYS A 1 74 ? -4.901  8.123   1.639   1.00 23.13  ? 74  LYS A CE  1 
ATOM   567 N  NZ  . LYS A 1 74 ? -4.951  7.065   0.588   1.00 19.46  ? 74  LYS A NZ  1 
ATOM   568 N  N   . TYR A 1 75 ? -1.050  10.631  5.462   1.00 19.46  ? 75  TYR A N   1 
ATOM   569 C  CA  . TYR A 1 75 ? -0.060  10.175  6.429   1.00 18.00  ? 75  TYR A CA  1 
ATOM   570 C  C   . TYR A 1 75 ? -0.283  10.934  7.727   1.00 20.85  ? 75  TYR A C   1 
ATOM   571 O  O   . TYR A 1 75 ? -0.302  10.403  8.846   1.00 19.68  ? 75  TYR A O   1 
ATOM   572 C  CB  . TYR A 1 75 ? 1.351   10.396  5.835   1.00 19.28  ? 75  TYR A CB  1 
ATOM   573 C  CG  . TYR A 1 75 ? 2.410   10.572  6.893   1.00 19.72  ? 75  TYR A CG  1 
ATOM   574 C  CD1 . TYR A 1 75 ? 2.992   9.445   7.470   1.00 17.66  ? 75  TYR A CD1 1 
ATOM   575 C  CD2 . TYR A 1 75 ? 2.841   11.832  7.314   1.00 18.80  ? 75  TYR A CD2 1 
ATOM   576 C  CE1 . TYR A 1 75 ? 3.973   9.609   8.451   1.00 16.48  ? 75  TYR A CE1 1 
ATOM   577 C  CE2 . TYR A 1 75 ? 3.806   11.969  8.302   1.00 19.94  ? 75  TYR A CE2 1 
ATOM   578 C  CZ  . TYR A 1 75 ? 4.371   10.861  8.868   1.00 17.69  ? 75  TYR A CZ  1 
ATOM   579 O  OH  . TYR A 1 75 ? 5.352   11.011  9.843   1.00 21.16  ? 75  TYR A OH  1 
ATOM   580 N  N   . GLU A 1 76 ? -0.439  12.251  7.604   1.00 19.92  ? 76  GLU A N   1 
ATOM   581 C  CA  . GLU A 1 76 ? -0.648  13.009  8.848   1.00 22.71  ? 76  GLU A CA  1 
ATOM   582 C  C   . GLU A 1 76 ? -1.918  12.608  9.583   1.00 21.57  ? 76  GLU A C   1 
ATOM   583 O  O   . GLU A 1 76 ? -1.910  12.544  10.816  1.00 23.75  ? 76  GLU A O   1 
ATOM   584 C  CB  . GLU A 1 76 ? -0.661  14.502  8.499   1.00 23.87  ? 76  GLU A CB  1 
ATOM   585 C  CG  . GLU A 1 76 ? 0.755   15.011  8.254   1.00 27.61  ? 76  GLU A CG  1 
ATOM   586 C  CD  . GLU A 1 76 ? 0.850   16.269  7.437   1.00 34.14  ? 76  GLU A CD  1 
ATOM   587 O  OE1 . GLU A 1 76 ? -0.206  16.902  7.196   1.00 43.49  ? 76  GLU A OE1 1 
ATOM   588 O  OE2 . GLU A 1 76 ? 1.977   16.642  7.018   1.00 40.31  ? 76  GLU A OE2 1 
ATOM   589 N  N   . ARG A 1 77 ? -2.998  12.323  8.855   1.00 20.35  ? 77  ARG A N   1 
ATOM   590 C  CA  . ARG A 1 77 ? -4.222  11.884  9.515   1.00 19.93  ? 77  ARG A CA  1 
ATOM   591 C  C   . ARG A 1 77 ? -4.028  10.551  10.230  1.00 20.30  ? 77  ARG A C   1 
ATOM   592 O  O   . ARG A 1 77 ? -4.519  10.323  11.345  1.00 21.56  ? 77  ARG A O   1 
ATOM   593 C  CB  . ARG A 1 77 ? -5.374  11.774  8.503   1.00 21.30  ? 77  ARG A CB  1 
ATOM   594 C  CG  . ARG A 1 77 ? -5.859  13.139  8.007   1.00 25.37  ? 77  ARG A CG  1 
ATOM   595 C  CD  . ARG A 1 77 ? -7.092  13.042  7.139   1.00 26.26  ? 77  ARG A CD  1 
ATOM   596 N  NE  . ARG A 1 77 ? -6.859  12.752  5.723   1.00 28.02  ? 77  ARG A NE  1 
ATOM   597 C  CZ  . ARG A 1 77 ? -7.052  11.550  5.173   1.00 30.80  ? 77  ARG A CZ  1 
ATOM   598 N  NH1 . ARG A 1 77 ? -7.460  10.506  5.913   1.00 27.02  ? 77  ARG A NH1 1 
ATOM   599 N  NH2 . ARG A 1 77 ? -6.827  11.371  3.870   1.00 31.51  ? 77  ARG A NH2 1 
ATOM   600 N  N   . ILE A 1 78 ? -3.319  9.618   9.594   1.00 17.94  ? 78  ILE A N   1 
ATOM   601 C  CA  . ILE A 1 78 ? -3.170  8.292   10.219  1.00 17.92  ? 78  ILE A CA  1 
ATOM   602 C  C   . ILE A 1 78 ? -2.307  8.340   11.457  1.00 18.31  ? 78  ILE A C   1 
ATOM   603 O  O   . ILE A 1 78 ? -2.579  7.764   12.512  1.00 22.03  ? 78  ILE A O   1 
ATOM   604 C  CB  . ILE A 1 78 ? -2.594  7.306   9.185   1.00 16.36  ? 78  ILE A CB  1 
ATOM   605 C  CG1 . ILE A 1 78 ? -3.617  7.009   8.084   1.00 19.79  ? 78  ILE A CG1 1 
ATOM   606 C  CG2 . ILE A 1 78 ? -2.073  6.037   9.845   1.00 16.08  ? 78  ILE A CG2 1 
ATOM   607 C  CD1 . ILE A 1 78 ? -2.989  6.517   6.777   1.00 15.75  ? 78  ILE A CD1 1 
ATOM   608 N  N   . THR A 1 79 ? -1.187  9.060   11.358  1.00 20.68  ? 79  THR A N   1 
ATOM   609 C  CA  . THR A 1 79 ? -0.224  9.036   12.454  1.00 20.88  ? 79  THR A CA  1 
ATOM   610 C  C   . THR A 1 79 ? -0.424  10.157  13.472  1.00 26.89  ? 79  THR A C   1 
ATOM   611 O  O   . THR A 1 79 ? 0.166   10.123  14.549  1.00 24.67  ? 79  THR A O   1 
ATOM   612 C  CB  . THR A 1 79 ? 1.209   9.196   11.909  1.00 18.95  ? 79  THR A CB  1 
ATOM   613 O  OG1 . THR A 1 79 ? 1.272   10.445  11.204  1.00 21.74  ? 79  THR A OG1 1 
ATOM   614 C  CG2 . THR A 1 79 ? 1.535   8.113   10.908  1.00 20.92  ? 79  THR A CG2 1 
ATOM   615 N  N   . GLY A 1 80 ? -1.228  11.150  13.135  1.00 36.09  ? 80  GLY A N   1 
ATOM   616 C  CA  . GLY A 1 80 ? -1.449  12.314  13.964  1.00 45.79  ? 80  GLY A CA  1 
ATOM   617 C  C   . GLY A 1 80 ? -0.358  13.356  13.776  1.00 50.21  ? 80  GLY A C   1 
ATOM   618 O  O   . GLY A 1 80 ? 0.506   13.368  12.892  1.00 61.18  ? 80  GLY A O   1 
ATOM   619 N  N   . GLU A 1 81 ? -0.405  14.324  14.685  1.00 52.85  ? 81  GLU A N   1 
ATOM   620 C  CA  . GLU A 1 81 ? 0.546   15.427  14.681  0.00 52.86  ? 81  GLU A CA  1 
ATOM   621 C  C   . GLU A 1 81 ? -0.172  16.774  14.723  0.00 52.87  ? 81  GLU A C   1 
ATOM   622 O  O   . GLU A 1 81 ? -0.426  17.336  15.876  0.00 52.86  ? 81  GLU A O   1 
ATOM   623 C  CB  . GLU A 1 81 ? 1.456   15.354  13.456  0.00 52.86  ? 81  GLU A CB  1 
ATOM   624 C  CG  . GLU A 1 81 ? 2.486   14.237  13.508  0.00 52.85  ? 81  GLU A CG  1 
ATOM   625 C  CD  . GLU A 1 81 ? 2.472   13.371  12.257  0.00 52.85  ? 81  GLU A CD  1 
ATOM   626 O  OE1 . GLU A 1 81 ? 2.122   13.891  11.176  0.00 52.82  ? 81  GLU A OE1 1 
ATOM   627 O  OE2 . GLU A 1 81 ? 2.813   12.171  12.356  0.00 52.84  ? 81  GLU A OE2 1 
HETATM 628 FE FE1 . SF4 B 2 .  ? 0.918   -10.825 -2.948  1.00 16.19  ? 83  SF4 A FE1 1 
HETATM 629 FE FE2 . SF4 B 2 .  ? 3.277   -11.476 -1.797  1.00 16.24  ? 83  SF4 A FE2 1 
HETATM 630 FE FE3 . SF4 B 2 .  ? 2.032   -9.174  -1.157  1.00 15.36  ? 83  SF4 A FE3 1 
HETATM 631 FE FE4 . SF4 B 2 .  ? 3.161   -9.460  -3.634  1.00 15.71  ? 83  SF4 A FE4 1 
HETATM 632 S  S1  . SF4 B 2 .  ? 4.223   -9.398  -1.591  1.00 15.31  ? 83  SF4 A S1  1 
HETATM 633 S  S2  . SF4 B 2 .  ? 1.130   -8.580  -3.163  1.00 15.65  ? 83  SF4 A S2  1 
HETATM 634 S  S3  . SF4 B 2 .  ? 2.738   -11.666 -4.017  1.00 16.43  ? 83  SF4 A S3  1 
HETATM 635 S  S4  . SF4 B 2 .  ? 1.279   -11.274 -0.747  1.00 15.74  ? 83  SF4 A S4  1 
HETATM 636 FE FE1 . SF4 C 2 .  ? 0.638   1.610   0.652   1.00 15.38  ? 84  SF4 A FE1 1 
HETATM 637 FE FE2 . SF4 C 2 .  ? 3.227   1.786   1.587   1.00 15.74  ? 84  SF4 A FE2 1 
HETATM 638 FE FE3 . SF4 C 2 .  ? 2.289   -0.495  0.369   1.00 15.07  ? 84  SF4 A FE3 1 
HETATM 639 FE FE4 . SF4 C 2 .  ? 1.402   0.218   2.797   1.00 15.62  ? 84  SF4 A FE4 1 
HETATM 640 S  S1  . SF4 C 2 .  ? 3.528   -0.404  2.222   1.00 15.42  ? 84  SF4 A S1  1 
HETATM 641 S  S2  . SF4 C 2 .  ? 0.126   -0.556  1.106   1.00 15.44  ? 84  SF4 A S2  1 
HETATM 642 S  S3  . SF4 C 2 .  ? 1.295   2.500   2.629   1.00 15.57  ? 84  SF4 A S3  1 
HETATM 643 S  S4  . SF4 C 2 .  ? 2.580   1.581   -0.553  1.00 16.58  ? 84  SF4 A S4  1 
HETATM 644 O  O   . HOH D 3 .  ? 1.464   10.244  -6.268  1.00 40.68  ? 85  HOH A O   1 
HETATM 645 O  O   . HOH D 3 .  ? -9.634  -10.946 -2.886  0.75 36.45  ? 86  HOH A O   1 
HETATM 646 O  O   . HOH D 3 .  ? -7.723  -9.357  -6.154  0.50 24.93  ? 87  HOH A O   1 
HETATM 647 O  O   . HOH D 3 .  ? -9.966  -2.762  0.062   0.75 44.15  ? 88  HOH A O   1 
HETATM 648 O  O   . HOH D 3 .  ? -4.298  16.085  9.851   0.50 25.09  ? 89  HOH A O   1 
HETATM 649 O  O   . HOH D 3 .  ? -11.544 -0.764  -1.324  1.00 36.07  ? 90  HOH A O   1 
HETATM 650 O  O   . HOH D 3 .  ? 6.446   7.720   -3.235  0.75 35.11  ? 91  HOH A O   1 
HETATM 651 O  O   . HOH D 3 .  ? 7.925   -2.934  -9.299  0.75 40.89  ? 92  HOH A O   1 
HETATM 652 O  O   . HOH D 3 .  ? -0.671  11.985  -9.019  0.75 36.20  ? 93  HOH A O   1 
HETATM 653 O  O   . HOH D 3 .  ? -3.060  12.797  -9.075  0.75 37.15  ? 94  HOH A O   1 
HETATM 654 O  O   . HOH D 3 .  ? 12.699  3.870   1.134   1.00 36.69  ? 95  HOH A O   1 
HETATM 655 O  O   . HOH D 3 .  ? 11.613  -10.126 1.187   0.75 45.18  ? 96  HOH A O   1 
HETATM 656 O  O   . HOH D 3 .  ? -10.977 -2.081  2.004   0.50 36.89  ? 97  HOH A O   1 
HETATM 657 O  O   . HOH D 3 .  ? 3.964   10.394  -4.335  1.00 41.44  ? 98  HOH A O   1 
HETATM 658 O  O   . HOH D 3 .  ? -5.571  -4.196  -3.435  1.00 15.01  ? 99  HOH A O   1 
HETATM 659 O  O   . HOH D 3 .  ? -11.449 0.827   -4.223  0.75 40.41  ? 100 HOH A O   1 
HETATM 660 O  O   . HOH D 3 .  ? -1.521  18.480  5.283   0.75 39.80  ? 101 HOH A O   1 
HETATM 661 O  O   . HOH D 3 .  ? 5.012   15.804  9.455   0.75 35.84  ? 102 HOH A O   1 
HETATM 662 O  O   . HOH D 3 .  ? 8.401   -11.537 6.159   0.50 33.70  ? 103 HOH A O   1 
HETATM 663 O  O   . HOH D 3 .  ? 7.582   10.282  -3.247  0.50 35.02  ? 104 HOH A O   1 
HETATM 664 O  O   . HOH D 3 .  ? 4.455   2.272   -7.702  0.75 55.09  ? 105 HOH A O   1 
HETATM 665 O  O   . HOH D 3 .  ? 0.185   -15.671 7.325   0.75 63.26  ? 106 HOH A O   1 
HETATM 666 O  O   . HOH D 3 .  ? 1.411   6.960   -12.477 1.00 37.43  ? 107 HOH A O   1 
HETATM 667 O  O   . HOH D 3 .  ? -10.064 -5.494  -3.174  0.75 35.44  ? 108 HOH A O   1 
HETATM 668 O  O   . HOH D 3 .  ? 5.069   7.843   -7.523  1.00 41.28  ? 109 HOH A O   1 
HETATM 669 O  O   . HOH D 3 .  ? -9.096  -2.372  -4.793  0.75 39.04  ? 110 HOH A O   1 
HETATM 670 O  O   . HOH D 3 .  ? 8.199   6.650   -4.804  0.75 40.86  ? 111 HOH A O   1 
HETATM 671 O  O   . HOH D 3 .  ? 2.948   6.795   5.235   1.00 16.26  ? 112 HOH A O   1 
HETATM 672 O  O   . HOH D 3 .  ? 14.676  10.925  -0.166  0.50 37.77  ? 113 HOH A O   1 
HETATM 673 O  O   . HOH D 3 .  ? 1.418   -10.210 2.980   1.00 30.30  ? 114 HOH A O   1 
HETATM 674 O  O   . HOH D 3 .  ? -7.894  12.542  -2.131  0.50 35.00  ? 115 HOH A O   1 
HETATM 675 O  O   . HOH D 3 .  ? 7.343   -5.631  10.989  0.50 29.10  ? 116 HOH A O   1 
HETATM 676 O  O   . HOH D 3 .  ? 11.677  -12.105 -6.774  1.00 31.64  ? 117 HOH A O   1 
HETATM 677 O  O   . HOH D 3 .  ? 2.413   -8.271  10.312  0.75 38.00  ? 118 HOH A O   1 
HETATM 678 O  O   . HOH D 3 .  ? -0.220  -12.294 7.202   0.75 40.82  ? 119 HOH A O   1 
HETATM 679 O  O   . HOH D 3 .  ? -1.925  -8.351  -14.102 1.00 26.35  ? 120 HOH A O   1 
HETATM 680 O  O   . HOH D 3 .  ? -11.912 0.105   -8.059  0.50 32.17  ? 121 HOH A O   1 
HETATM 681 O  O   . HOH D 3 .  ? -0.507  -4.288  6.625   1.00 16.36  ? 122 HOH A O   1 
HETATM 682 O  O   . HOH D 3 .  ? -8.911  16.074  7.657   0.50 34.19  ? 123 HOH A O   1 
HETATM 683 O  O   . HOH D 3 .  ? 1.229   -1.593  11.624  0.50 34.42  ? 124 HOH A O   1 
HETATM 684 O  O   . HOH D 3 .  ? -0.539  -15.575 -11.221 0.50 58.96  ? 125 HOH A O   1 
HETATM 685 O  O   . HOH D 3 .  ? 4.586   16.009  0.031   0.50 32.79  ? 126 HOH A O   1 
HETATM 686 O  O   . HOH D 3 .  ? 1.878   -18.492 2.063   0.75 36.47  ? 127 HOH A O   1 
HETATM 687 O  O   . HOH D 3 .  ? -13.224 8.507   -6.926  0.50 39.91  ? 128 HOH A O   1 
HETATM 688 O  O   . HOH D 3 .  ? 10.712  -8.279  -8.276  0.50 33.95  ? 129 HOH A O   1 
HETATM 689 O  O   . HOH D 3 .  ? 8.595   -5.188  9.865   0.50 30.44  ? 130 HOH A O   1 
HETATM 690 O  O   . HOH D 3 .  ? 8.292   9.742   -6.266  0.50 48.67  ? 131 HOH A O   1 
HETATM 691 O  O   . HOH D 3 .  ? 0.666   -12.210 10.259  0.50 36.51  ? 132 HOH A O   1 
HETATM 692 O  O   . HOH D 3 .  ? -3.773  -6.741  8.446   0.50 34.52  ? 133 HOH A O   1 
HETATM 693 O  O   . HOH D 3 .  ? 7.075   -8.222  11.193  0.50 63.76  ? 134 HOH A O   1 
HETATM 694 O  O   . HOH D 3 .  ? -5.682  -14.466 -8.230  0.50 27.41  ? 135 HOH A O   1 
HETATM 695 O  O   . HOH D 3 .  ? 4.336   -4.047  -11.698 0.50 24.38  ? 136 HOH A O   1 
HETATM 696 O  O   . HOH D 3 .  ? -6.190  0.459   -3.589  1.00 20.05  ? 137 HOH A O   1 
HETATM 697 O  O   . HOH D 3 .  ? -1.211  10.571  -12.523 0.50 38.43  ? 138 HOH A O   1 
HETATM 698 O  O   . HOH D 3 .  ? -0.734  16.557  11.355  0.50 36.06  ? 139 HOH A O   1 
HETATM 699 O  O   . HOH D 3 .  ? -2.294  1.627   -12.715 1.00 18.50  ? 140 HOH A O   1 
HETATM 700 O  O   . HOH D 3 .  ? -10.120 -1.592  5.457   0.50 22.12  ? 141 HOH A O   1 
HETATM 701 O  O   . HOH D 3 .  ? 11.984  -5.189  7.632   0.50 47.93  ? 142 HOH A O   1 
HETATM 702 O  O   . HOH D 3 .  ? 3.240   -13.007 -12.088 0.50 33.56  ? 143 HOH A O   1 
HETATM 703 O  O   . HOH D 3 .  ? 13.720  0.570   4.568   0.50 45.38  ? 144 HOH A O   1 
HETATM 704 O  O   . HOH D 3 .  ? 4.079   -0.514  -11.576 0.50 32.24  ? 145 HOH A O   1 
HETATM 705 O  O   . HOH D 3 .  ? 12.460  -4.160  -6.062  0.50 39.02  ? 146 HOH A O   1 
HETATM 706 O  O   . HOH D 3 .  ? 0.035   -4.888  10.078  0.50 34.33  ? 147 HOH A O   1 
HETATM 707 O  O   . HOH D 3 .  ? -13.756 -14.029 -3.405  0.50 47.30  ? 148 HOH A O   1 
HETATM 708 O  O   . HOH D 3 .  ? -13.043 3.493   3.817   0.50 23.02  ? 149 HOH A O   1 
HETATM 709 O  O   . HOH D 3 .  ? 10.263  -10.814 -0.759  0.50 20.17  ? 150 HOH A O   1 
HETATM 710 O  O   . HOH D 3 .  ? -0.281  18.126  -5.101  0.50 36.16  ? 151 HOH A O   1 
HETATM 711 O  O   . HOH D 3 .  ? 4.777   17.370  -3.662  0.50 45.34  ? 152 HOH A O   1 
HETATM 712 O  O   . HOH D 3 .  ? 4.305   -7.892  -13.012 0.50 27.38  ? 153 HOH A O   1 
HETATM 713 O  O   . HOH D 3 .  ? -7.786  8.126   4.404   1.00 16.95  ? 154 HOH A O   1 
HETATM 714 O  O   . HOH D 3 .  ? -7.517  17.444  -2.505  0.50 45.21  ? 155 HOH A O   1 
HETATM 715 O  O   . HOH D 3 .  ? 0.064   -17.328 9.513   0.50 40.36  ? 156 HOH A O   1 
HETATM 716 O  O   . HOH D 3 .  ? 4.811   -4.378  -7.913  1.00 18.98  ? 157 HOH A O   1 
HETATM 717 O  O   . HOH D 3 .  ? -6.300  -17.173 -4.488  0.50 29.03  ? 158 HOH A O   1 
HETATM 718 O  O   . HOH D 3 .  ? -5.924  -3.118  6.263   1.00 20.80  ? 159 HOH A O   1 
HETATM 719 O  O   . HOH D 3 .  ? 7.776   17.236  -4.870  0.50 48.17  ? 160 HOH A O   1 
HETATM 720 O  O   . HOH D 3 .  ? -2.166  -10.138 10.399  0.50 42.01  ? 161 HOH A O   1 
HETATM 721 O  O   . HOH D 3 .  ? -10.010 -9.656  -8.944  0.50 30.48  ? 162 HOH A O   1 
HETATM 722 O  O   . HOH D 3 .  ? 7.244   17.492  2.112   0.50 68.80  ? 163 HOH A O   1 
HETATM 723 O  O   . HOH D 3 .  ? 3.902   12.910  14.731  0.50 52.73  ? 164 HOH A O   1 
HETATM 724 O  O   . HOH D 3 .  ? 7.584   12.264  7.673   1.00 21.20  ? 165 HOH A O   1 
HETATM 725 O  O   . HOH D 3 .  ? -9.850  -5.333  6.930   0.50 40.81  ? 166 HOH A O   1 
HETATM 726 O  O   . HOH D 3 .  ? -6.465  -4.372  3.762   1.00 19.08  ? 167 HOH A O   1 
HETATM 727 O  O   . HOH D 3 .  ? -3.810  -19.218 -3.337  0.50 30.10  ? 168 HOH A O   1 
HETATM 728 O  O   . HOH D 3 .  ? 8.023   -10.289 -11.373 0.50 32.33  ? 169 HOH A O   1 
HETATM 729 O  O   . HOH D 3 .  ? 1.289   4.473   10.602  1.00 19.41  ? 170 HOH A O   1 
HETATM 730 O  O   . HOH D 3 .  ? 2.189   -3.819  8.824   1.00 29.34  ? 171 HOH A O   1 
HETATM 731 O  O   . HOH D 3 .  ? 8.160   10.298  2.205   1.00 31.59  ? 172 HOH A O   1 
HETATM 732 O  O   . HOH D 3 .  ? 12.189  -1.866  -9.572  0.50 41.47  ? 173 HOH A O   1 
HETATM 733 O  O   . HOH D 3 .  ? 2.037   -11.454 8.462   0.50 37.89  ? 174 HOH A O   1 
HETATM 734 O  O   . HOH D 3 .  ? 16.823  7.462   -3.917  0.50 39.36  ? 175 HOH A O   1 
HETATM 735 O  O   . HOH D 3 .  ? -6.094  -20.004 -6.465  0.50 49.64  ? 176 HOH A O   1 
HETATM 736 O  O   . HOH D 3 .  ? 8.016   -9.180  4.718   1.00 33.95  ? 177 HOH A O   1 
HETATM 737 O  O   . HOH D 3 .  ? -3.033  5.846   -8.554  1.00 19.34  ? 178 HOH A O   1 
HETATM 738 O  O   . HOH D 3 .  ? -5.602  12.765  1.672   1.00 22.94  ? 179 HOH A O   1 
HETATM 739 O  O   . HOH D 3 .  ? 6.943   6.646   -0.697  1.00 23.86  ? 180 HOH A O   1 
HETATM 740 O  O   . HOH D 3 .  ? 7.223   -5.020  -7.089  1.00 22.55  ? 181 HOH A O   1 
HETATM 741 O  O   . HOH D 3 .  ? 4.536   9.460   12.236  1.00 23.02  ? 182 HOH A O   1 
HETATM 742 O  O   . HOH D 3 .  ? -13.144 6.830   -3.549  0.50 37.31  ? 183 HOH A O   1 
HETATM 743 O  O   . HOH D 3 .  ? -7.064  -1.867  -3.149  1.00 20.51  ? 184 HOH A O   1 
HETATM 744 O  O   . HOH D 3 .  ? 8.053   15.707  6.362   0.50 34.11  ? 185 HOH A O   1 
HETATM 745 O  O   . HOH D 3 .  ? -12.943 5.498   -6.413  0.50 45.36  ? 186 HOH A O   1 
HETATM 746 O  O   . HOH D 3 .  ? 6.809   -8.546  -13.091 0.50 49.21  ? 187 HOH A O   1 
HETATM 747 O  O   . HOH D 3 .  ? -8.137  7.076   -0.325  1.00 40.68  ? 188 HOH A O   1 
HETATM 748 O  O   . HOH D 3 .  ? 1.929   1.309   -11.396 1.00 23.60  ? 189 HOH A O   1 
HETATM 749 O  O   . HOH D 3 .  ? -1.715  4.173   -13.219 1.00 20.37  ? 190 HOH A O   1 
HETATM 750 O  O   . HOH D 3 .  ? 9.615   1.429   -7.667  0.50 44.97  ? 191 HOH A O   1 
HETATM 751 O  O   . HOH D 3 .  ? 9.717   11.869  -1.147  0.50 48.16  ? 192 HOH A O   1 
HETATM 752 O  O   . HOH D 3 .  ? 0.101   -7.600  -12.043 1.00 25.13  ? 193 HOH A O   1 
HETATM 753 O  O   . HOH D 3 .  ? 12.551  6.183   5.591   1.00 20.79  ? 194 HOH A O   1 
HETATM 754 O  O   . HOH D 3 .  ? -6.610  11.137  -0.343  1.00 26.11  ? 195 HOH A O   1 
HETATM 755 O  O   . HOH D 3 .  ? 10.281  -1.267  5.473   0.50 28.28  ? 196 HOH A O   1 
HETATM 756 O  O   . HOH D 3 .  ? 4.095   4.688   -5.378  1.00 36.38  ? 197 HOH A O   1 
HETATM 757 O  O   . HOH D 3 .  ? -2.861  6.043   -11.254 1.00 21.30  ? 198 HOH A O   1 
HETATM 758 O  O   . HOH D 3 .  ? 4.433   -0.796  -9.108  1.00 41.28  ? 199 HOH A O   1 
HETATM 759 O  O   . HOH D 3 .  ? 1.426   -14.495 -10.552 1.00 29.76  ? 200 HOH A O   1 
HETATM 760 O  O   . HOH D 3 .  ? 9.115   0.667   -4.135  1.00 26.92  ? 201 HOH A O   1 
HETATM 761 O  O   . HOH D 3 .  ? 3.933   8.075   -4.393  1.00 33.58  ? 202 HOH A O   1 
HETATM 762 O  O   . HOH D 3 .  ? 6.086   -17.045 1.163   1.00 32.07  ? 203 HOH A O   1 
HETATM 763 O  O   . HOH D 3 .  ? -4.922  -2.522  9.553   1.00 38.30  ? 204 HOH A O   1 
HETATM 764 O  O   . HOH D 3 .  ? 10.136  -6.594  -5.614  1.00 33.42  ? 205 HOH A O   1 
HETATM 765 O  O   . HOH D 3 .  ? 11.212  -2.417  -7.065  0.50 33.20  ? 206 HOH A O   1 
HETATM 766 O  O   . HOH D 3 .  ? -1.725  7.655   -6.875  1.00 21.28  ? 207 HOH A O   1 
HETATM 767 O  O   . HOH D 3 .  ? 2.508   14.170  -7.059  0.50 28.78  ? 208 HOH A O   1 
HETATM 768 O  O   . HOH D 3 .  ? -4.617  5.748   12.756  1.00 23.86  ? 209 HOH A O   1 
HETATM 769 O  O   . HOH D 3 .  ? -3.863  1.165   10.766  1.00 34.70  ? 210 HOH A O   1 
HETATM 770 O  O   . HOH D 3 .  ? -9.189  -4.408  3.274   1.00 31.08  ? 211 HOH A O   1 
HETATM 771 O  O   . HOH D 3 .  ? 13.201  2.064   8.808   0.75 35.20  ? 212 HOH A O   1 
HETATM 772 O  O   . HOH D 3 .  ? 0.269   0.472   11.857  0.75 35.55  ? 213 HOH A O   1 
HETATM 773 O  O   . HOH D 3 .  ? 8.771   -13.167 -10.508 0.50 25.40  ? 214 HOH A O   1 
HETATM 774 O  O   . HOH D 3 .  ? 1.295   16.191  -6.974  1.00 33.81  ? 215 HOH A O   1 
HETATM 775 O  O   . HOH D 3 .  ? 0.520   5.377   13.153  1.00 27.59  ? 216 HOH A O   1 
HETATM 776 O  O   . HOH D 3 .  ? -8.594  8.046   -2.862  1.00 37.88  ? 217 HOH A O   1 
HETATM 777 O  O   . HOH D 3 .  ? -8.314  10.026  1.832   0.75 32.20  ? 218 HOH A O   1 
HETATM 778 O  O   . HOH D 3 .  ? 2.165   8.409   15.479  1.00 27.83  ? 219 HOH A O   1 
HETATM 779 O  O   . HOH D 3 .  ? 10.050  -3.306  1.932   1.00 28.52  ? 220 HOH A O   1 
HETATM 780 O  O   . HOH D 3 .  ? -8.865  8.232   -8.868  1.00 28.59  ? 221 HOH A O   1 
HETATM 781 O  O   . HOH D 3 .  ? 8.320   1.430   9.679   1.00 27.58  ? 222 HOH A O   1 
HETATM 782 O  O   . HOH D 3 .  ? -7.071  -6.624  -4.218  0.75 41.02  ? 223 HOH A O   1 
HETATM 783 O  O   . HOH D 3 .  ? -4.211  -10.487 7.365   1.00 33.14  ? 224 HOH A O   1 
HETATM 784 O  O   . HOH D 3 .  ? 5.540   -15.945 -11.505 1.00 34.49  ? 225 HOH A O   1 
HETATM 785 O  O   . HOH D 3 .  ? 6.230   13.567  10.199  1.00 33.19  ? 226 HOH A O   1 
HETATM 786 O  O   . HOH D 3 .  ? -6.299  15.564  1.595   0.75 33.98  ? 227 HOH A O   1 
HETATM 787 O  O   . HOH D 3 .  ? -3.687  16.174  7.466   0.75 34.02  ? 228 HOH A O   1 
HETATM 788 O  O   . HOH D 3 .  ? -0.620  8.017   -11.098 1.00 35.96  ? 229 HOH A O   1 
HETATM 789 O  O   . HOH D 3 .  ? -2.276  -15.820 -8.755  1.00 41.11  ? 230 HOH A O   1 
HETATM 790 O  O   . HOH D 3 .  ? -0.271  8.901   -8.812  1.00 28.82  ? 231 HOH A O   1 
HETATM 791 O  O   . HOH D 3 .  ? 4.210   15.577  7.150   1.00 34.09  ? 232 HOH A O   1 
HETATM 792 O  O   . HOH D 3 .  ? -8.294  9.840   -5.582  1.00 39.66  ? 233 HOH A O   1 
HETATM 793 O  O   . HOH D 3 .  ? -6.295  11.961  12.675  1.00 30.18  ? 234 HOH A O   1 
HETATM 794 O  O   . HOH D 3 .  ? -5.856  13.452  -6.916  1.00 36.34  ? 235 HOH A O   1 
HETATM 795 O  O   . HOH D 3 .  ? 6.765   -0.349  8.880   1.00 35.27  ? 236 HOH A O   1 
HETATM 796 O  O   . HOH D 3 .  ? -6.528  14.821  4.152   0.75 42.62  ? 237 HOH A O   1 
HETATM 797 O  O   . HOH D 3 .  ? 6.741   4.323   -4.281  1.00 37.81  ? 238 HOH A O   1 
HETATM 798 O  O   . HOH D 3 .  ? -5.908  -15.212 -0.675  0.75 38.03  ? 239 HOH A O   1 
HETATM 799 O  O   . HOH D 3 .  ? 13.225  1.583   1.086   1.00 36.55  ? 240 HOH A O   1 
HETATM 800 O  O   . HOH D 3 .  ? 6.569   -11.925 -12.056 0.75 37.87  ? 241 HOH A O   1 
HETATM 801 O  O   . HOH D 3 .  ? -2.492  -17.645 -4.366  1.00 36.12  ? 242 HOH A O   1 
HETATM 802 O  O   . HOH D 3 .  ? -0.370  17.764  2.697   0.50 31.93  ? 243 HOH A O   1 
HETATM 803 O  O   . HOH D 3 .  ? 7.607   1.748   -6.086  0.75 40.12  ? 244 HOH A O   1 
HETATM 804 O  O   . HOH D 3 .  ? -10.840 -10.078 -1.145  1.00 35.57  ? 245 HOH A O   1 
HETATM 805 O  O   . HOH D 3 .  ? 5.612   -12.882 6.337   0.75 36.67  ? 246 HOH A O   1 
HETATM 806 O  O   . HOH D 3 .  ? -9.405  -0.431  -5.975  0.75 37.38  ? 247 HOH A O   1 
HETATM 807 O  O   . HOH D 3 .  ? -3.442  17.998  -3.802  1.00 37.56  ? 248 HOH A O   1 
HETATM 808 O  O   . HOH D 3 .  ? 5.133   -2.224  9.958   0.75 34.27  ? 249 HOH A O   1 
HETATM 809 O  O   . HOH D 3 .  ? -4.275  9.700   14.693  0.50 37.98  ? 250 HOH A O   1 
HETATM 810 O  O   . HOH D 3 .  ? -7.217  -6.125  -7.155  1.00 32.22  ? 251 HOH A O   1 
HETATM 811 O  O   . HOH D 3 .  ? 7.855   10.403  -0.439  0.75 39.03  ? 252 HOH A O   1 
HETATM 812 O  O   . HOH D 3 .  ? -4.632  18.492  -1.466  0.75 42.12  ? 253 HOH A O   1 
# 
loop_
_atom_site_anisotrop.id 
_atom_site_anisotrop.type_symbol 
_atom_site_anisotrop.pdbx_label_atom_id 
_atom_site_anisotrop.pdbx_label_alt_id 
_atom_site_anisotrop.pdbx_label_comp_id 
_atom_site_anisotrop.pdbx_label_asym_id 
_atom_site_anisotrop.pdbx_label_seq_id 
_atom_site_anisotrop.pdbx_PDB_ins_code 
_atom_site_anisotrop.U[1][1] 
_atom_site_anisotrop.U[2][2] 
_atom_site_anisotrop.U[3][3] 
_atom_site_anisotrop.U[1][2] 
_atom_site_anisotrop.U[1][3] 
_atom_site_anisotrop.U[2][3] 
_atom_site_anisotrop.pdbx_auth_seq_id 
_atom_site_anisotrop.pdbx_auth_comp_id 
_atom_site_anisotrop.pdbx_auth_asym_id 
_atom_site_anisotrop.pdbx_auth_atom_id 
1   N  N   . ALA A 1  ? 0.2277 0.2296 0.1493 0.0296  -0.0536 0.0076  1  ALA A N   
2   C  CA  . ALA A 1  ? 0.1884 0.1590 0.2533 -0.0414 -0.0863 -0.0326 1  ALA A CA  
3   C  C   . ALA A 1  ? 0.1364 0.2310 0.2092 0.0041  -0.1169 -0.0368 1  ALA A C   
4   O  O   . ALA A 1  ? 0.2422 0.2390 0.2293 0.0242  -0.1621 -0.0248 1  ALA A O   
5   C  CB  . ALA A 1  ? 0.1852 0.2175 0.1608 -0.0421 -0.1017 -0.0463 1  ALA A CB  
6   N  N   . LEU A 2  ? 0.1867 0.1967 0.1584 -0.0063 -0.0867 -0.0261 2  LEU A N   
7   C  CA  . LEU A 2  ? 0.1753 0.2282 0.1966 -0.0090 -0.1000 -0.0708 2  LEU A CA  
8   C  C   . LEU A 2  ? 0.1815 0.2318 0.1929 -0.0144 -0.0874 -0.0833 2  LEU A C   
9   O  O   . LEU A 2  ? 0.2127 0.2429 0.2065 -0.0020 -0.0615 -0.0501 2  LEU A O   
10  C  CB  . LEU A 2  ? 0.1612 0.2680 0.1545 0.0069  -0.0434 -0.0473 2  LEU A CB  
11  C  CG  . LEU A 2  ? 0.1514 0.2503 0.1617 0.0183  -0.0537 0.0063  2  LEU A CG  
12  C  CD1 . LEU A 2  ? 0.1589 0.2159 0.1993 0.0175  -0.0621 -0.0434 2  LEU A CD1 
13  C  CD2 . LEU A 2  ? 0.2453 0.2617 0.1260 0.0340  -0.0419 -0.0094 2  LEU A CD2 
14  N  N   . MET A 3  ? 0.2200 0.2280 0.2143 -0.0098 -0.1035 -0.0874 3  MET A N   
15  C  CA  . MET A 3  ? 0.2075 0.2043 0.2378 0.0071  -0.1334 -0.0676 3  MET A CA  
16  C  C   . MET A 3  ? 0.1688 0.2149 0.2300 0.0041  -0.0980 -0.0210 3  MET A C   
17  O  O   . MET A 3  ? 0.2067 0.2460 0.1880 -0.0060 -0.0818 -0.0177 3  MET A O   
18  C  CB  . MET A 3  ? 0.1238 0.3150 0.2314 0.0263  -0.0851 -0.0707 3  MET A CB  
19  C  CG  . MET A 3  ? 0.1816 0.3553 0.2200 0.0430  -0.0893 -0.0571 3  MET A CG  
20  S  SD  . MET A 3  ? 0.2685 0.2880 0.2805 0.0037  -0.1676 -0.0410 3  MET A SD  
21  C  CE  . MET A 3  ? 0.2524 0.3143 0.4660 -0.0393 -0.0829 -0.0945 3  MET A CE  
22  N  N   . ILE A 4  ? 0.2013 0.2078 0.1810 0.0095  -0.0800 -0.0317 4  ILE A N   
23  C  CA  . ILE A 4  ? 0.2046 0.2116 0.1471 0.0094  -0.0929 -0.0578 4  ILE A CA  
24  C  C   . ILE A 4  ? 0.1743 0.2539 0.1446 0.0109  -0.0965 -0.0505 4  ILE A C   
25  O  O   . ILE A 4  ? 0.1728 0.3183 0.3017 0.0112  -0.0806 -0.1655 4  ILE A O   
26  C  CB  . ILE A 4  ? 0.2034 0.1888 0.1354 0.0198  -0.1010 -0.0753 4  ILE A CB  
27  C  CG1 . ILE A 4  ? 0.1750 0.2011 0.1210 -0.0010 -0.0638 -0.0914 4  ILE A CG1 
28  C  CG2 . ILE A 4  ? 0.2201 0.1663 0.1782 -0.0398 -0.0387 -0.0732 4  ILE A CG2 
29  C  CD1 . ILE A 4  ? 0.1571 0.3361 0.0992 0.0112  -0.0471 -0.0859 4  ILE A CD1 
30  N  N   . THR A 5  ? 0.2150 0.2903 0.1455 -0.0470 -0.0670 -0.0747 5  THR A N   
31  C  CA  . THR A 5  ? 0.2342 0.2708 0.1818 -0.0356 -0.0843 -0.0885 5  THR A CA  
32  C  C   . THR A 5  ? 0.1992 0.2793 0.2084 -0.0460 -0.0731 -0.0652 5  THR A C   
33  O  O   . THR A 5  ? 0.2353 0.3520 0.1488 -0.0617 -0.0167 -0.0221 5  THR A O   
34  C  CB  . THR A 5  ? 0.2973 0.2063 0.1516 0.0180  -0.0976 -0.0626 5  THR A CB  
35  O  OG1 . THR A 5  ? 0.2321 0.2541 0.1564 0.0033  -0.0893 -0.0184 5  THR A OG1 
36  C  CG2 . THR A 5  ? 0.3018 0.2327 0.1800 -0.0140 -0.0917 -0.0633 5  THR A CG2 
37  N  N   . ASP A 6  ? 0.2122 0.2911 0.2655 -0.0438 -0.0912 -0.0958 6  ASP A N   
38  C  CA  . ASP A 6  ? 0.2740 0.2840 0.3190 -0.0274 -0.1381 -0.1133 6  ASP A CA  
39  C  C   . ASP A 6  ? 0.2993 0.3049 0.3070 -0.0092 -0.1097 -0.0971 6  ASP A C   
40  O  O   . ASP A 6  ? 0.3045 0.2899 0.4040 -0.0095 -0.1530 -0.1388 6  ASP A O   
41  C  CB  . ASP A 6  ? 0.3016 0.3834 0.3921 -0.1038 -0.1872 -0.1027 6  ASP A CB  
42  C  CG  . ASP A 6  ? 0.3198 0.5566 0.2167 -0.0181 -0.1562 0.1336  6  ASP A CG  
43  O  OD1 . ASP A 6  ? 0.5509 0.9424 0.1972 0.0190  -0.0947 0.1322  6  ASP A OD1 
44  O  OD2 . ASP A 6  ? 0.4756 0.3163 0.3729 -0.0784 -0.2616 0.1154  6  ASP A OD2 
45  N  N   . GLU A 7  ? 0.3052 0.3594 0.1812 0.0039  -0.0981 -0.0618 7  GLU A N   
46  C  CA  . GLU A 7  ? 0.3156 0.2709 0.1775 -0.0258 -0.0596 -0.0507 7  GLU A CA  
47  C  C   . GLU A 7  ? 0.2615 0.2762 0.1746 0.0006  -0.0359 -0.0505 7  GLU A C   
48  O  O   . GLU A 7  ? 0.2454 0.2922 0.2112 -0.0003 -0.0458 -0.0915 7  GLU A O   
49  C  CB  . GLU A 7  ? 0.2987 0.2895 0.1662 -0.0625 -0.0993 -0.0424 7  GLU A CB  
50  C  CG  . GLU A 7  ? 0.3592 0.5979 0.1566 -0.0401 -0.0909 -0.0115 7  GLU A CG  
51  C  CD  . GLU A 7  ? 0.5108 0.8171 0.1769 -0.1220 0.0108  -0.0330 7  GLU A CD  
52  O  OE1 . GLU A 7  ? 0.4922 1.0310 0.4340 -0.2150 -0.0056 0.1756  7  GLU A OE1 
53  O  OE2 . GLU A 7  ? 0.7719 0.9927 0.2620 -0.2947 -0.0704 0.1377  7  GLU A OE2 
54  N  N   . CYS A 8  ? 0.2689 0.2412 0.1797 0.0039  -0.0569 -0.0653 8  CYS A N   
55  C  CA  . CYS A 8  ? 0.2531 0.2459 0.1888 0.0653  -0.0752 -0.1054 8  CYS A CA  
56  C  C   . CYS A 8  ? 0.2286 0.2602 0.2005 0.0404  -0.0672 -0.0637 8  CYS A C   
57  O  O   . CYS A 8  ? 0.1954 0.3060 0.2546 0.0035  -0.0315 0.0107  8  CYS A O   
58  C  CB  . CYS A 8  ? 0.2629 0.2417 0.1949 0.0021  0.0179  -0.0522 8  CYS A CB  
59  S  SG  . CYS A 8  ? 0.1793 0.2632 0.2043 0.0019  -0.0201 -0.0585 8  CYS A SG  
60  N  N   . ILE A 9  ? 0.2289 0.2530 0.1658 0.0409  -0.0533 -0.0670 9  ILE A N   
61  C  CA  . ILE A 9  ? 0.1534 0.2475 0.1907 0.0291  -0.0179 -0.0645 9  ILE A CA  
62  C  C   . ILE A 9  ? 0.1396 0.2542 0.2108 0.0004  0.0146  -0.0396 9  ILE A C   
63  O  O   . ILE A 9  ? 0.1670 0.2846 0.2021 0.0453  -0.0157 -0.0431 9  ILE A O   
64  C  CB  . ILE A 9  ? 0.1641 0.2616 0.2152 0.0094  0.0237  -0.0744 9  ILE A CB  
65  C  CG1 . ILE A 9  ? 0.1494 0.2294 0.2960 0.0457  -0.0217 -0.0561 9  ILE A CG1 
66  C  CG2 . ILE A 9  ? 0.3027 0.2568 0.2148 -0.0136 0.0530  -0.1016 9  ILE A CG2 
67  C  CD1 . ILE A 9  ? 0.1740 0.2585 0.2386 0.0685  0.0039  -0.0454 9  ILE A CD1 
68  N  N   . ASN A 10 ? 0.2090 0.2457 0.1787 0.0097  0.0059  -0.0325 10 ASN A N   
69  C  CA  . ASN A 10 ? 0.2026 0.2221 0.1892 -0.0124 0.0171  -0.0161 10 ASN A CA  
70  C  C   . ASN A 10 ? 0.2241 0.2405 0.1837 0.0114  0.0213  0.0046  10 ASN A C   
71  O  O   . ASN A 10 ? 0.3212 0.1918 0.2183 -0.0216 -0.0312 -0.0088 10 ASN A O   
72  C  CB  . ASN A 10 ? 0.2513 0.2387 0.3105 -0.0475 0.0410  -0.0221 10 ASN A CB  
73  C  CG  . ASN A 10 ? 0.2215 0.2262 0.5718 -0.0526 0.0440  -0.2067 10 ASN A CG  
74  O  OD1 . ASN A 10 ? 0.3944 0.3121 0.6875 -0.0406 0.2292  -0.2514 10 ASN A OD1 
75  N  ND2 . ASN A 10 ? 0.4136 0.3270 0.5687 0.0469  -0.1767 -0.1240 10 ASN A ND2 
76  N  N   . CYS A 11 ? 0.2101 0.2371 0.2122 0.0038  -0.0010 -0.0217 11 CYS A N   
77  C  CA  . CYS A 11 ? 0.2244 0.2710 0.2015 0.0270  -0.0020 -0.0190 11 CYS A CA  
78  C  C   . CYS A 11 ? 0.2371 0.3597 0.1985 0.0287  -0.0010 -0.0312 11 CYS A C   
79  O  O   . CYS A 11 ? 0.2640 0.2527 0.2077 0.0028  -0.0160 -0.0307 11 CYS A O   
80  C  CB  . CYS A 11 ? 0.2151 0.2650 0.2354 0.0464  0.0299  -0.0494 11 CYS A CB  
81  S  SG  . CYS A 11 ? 0.1725 0.2683 0.2144 0.0385  -0.0216 -0.0280 11 CYS A SG  
82  N  N   . ASP A 12 ? 0.2006 0.2670 0.1850 -0.0343 -0.0222 -0.0389 12 ASP A N   
83  C  CA  . ASP A 12 ? 0.2724 0.2943 0.1853 -0.0463 -0.0127 -0.0460 12 ASP A CA  
84  C  C   . ASP A 12 ? 0.2526 0.3043 0.1852 -0.0294 -0.0193 -0.0756 12 ASP A C   
85  O  O   . ASP A 12 ? 0.2432 0.4402 0.2105 -0.0382 -0.0339 -0.1282 12 ASP A O   
86  C  CB  . ASP A 12 ? 0.3551 0.3778 0.1888 -0.0366 0.0381  0.0023  12 ASP A CB  
87  C  CG  . ASP A 12 ? 0.2996 0.3210 0.3163 0.0154  0.0097  0.0590  12 ASP A CG  
88  O  OD1 . ASP A 12 ? 0.3129 0.3379 0.5413 0.0450  -0.0414 -0.0374 12 ASP A OD1 
89  O  OD2 . ASP A 12 ? 0.3541 0.3427 0.5490 0.0591  -0.0595 0.0170  12 ASP A OD2 
90  N  N   . GLY A 13 ? 0.2260 0.2611 0.1808 -0.0118 -0.0527 -0.0141 13 GLY A N   
91  C  CA  . GLY A 13 ? 0.2271 0.2525 0.2122 -0.0046 -0.0679 -0.0301 13 GLY A CA  
92  C  C   . GLY A 13 ? 0.1980 0.2610 0.2225 0.0083  -0.0579 -0.0437 13 GLY A C   
93  O  O   . GLY A 13 ? 0.2281 0.2616 0.2314 0.0453  -0.0947 -0.0694 13 GLY A O   
94  N  N   . CYS A 14 ? 0.1858 0.2721 0.1933 0.0052  -0.0451 -0.0442 14 CYS A N   
95  C  CA  . CYS A 14 ? 0.2238 0.2749 0.1110 0.0189  -0.0559 -0.0406 14 CYS A CA  
96  C  C   . CYS A 14 ? 0.1998 0.3028 0.1440 -0.0266 -0.0392 -0.0763 14 CYS A C   
97  O  O   . CYS A 14 ? 0.2760 0.2681 0.1183 -0.0021 -0.0274 -0.0410 14 CYS A O   
98  C  CB  . CYS A 14 ? 0.1355 0.3641 0.1432 0.0134  -0.0475 -0.0044 14 CYS A CB  
99  S  SG  . CYS A 14 ? 0.1766 0.2712 0.1730 0.0101  -0.0286 -0.0657 14 CYS A SG  
100 N  N   . GLU A 15 ? 0.2031 0.3352 0.1593 -0.0523 -0.0372 -0.0827 15 GLU A N   
101 C  CA  . GLU A 15 ? 0.2561 0.3425 0.0805 0.0359  -0.0575 0.0152  15 GLU A CA  
102 C  C   . GLU A 15 ? 0.2606 0.3018 0.0969 0.0498  -0.0535 -0.0103 15 GLU A C   
103 O  O   . GLU A 15 ? 0.2884 0.2575 0.2177 0.0330  -0.0549 -0.0061 15 GLU A O   
104 C  CB  . GLU A 15 ? 0.2840 0.3365 0.1379 0.0134  -0.0023 -0.0362 15 GLU A CB  
105 C  CG  . GLU A 15 ? 0.2793 0.5202 0.2981 -0.0010 0.0854  -0.1094 15 GLU A CG  
106 C  CD  . GLU A 15 ? 0.4995 0.5420 0.2537 -0.0041 0.1709  -0.0658 15 GLU A CD  
107 O  OE1 . GLU A 15 ? 0.5042 0.7129 0.3601 -0.2507 -0.0190 -0.1165 15 GLU A OE1 
108 O  OE2 . GLU A 15 ? 0.9176 0.7836 0.2228 0.1266  0.2692  0.0429  15 GLU A OE2 
109 N  N   . PRO A 16 ? 0.2271 0.2929 0.1869 0.0243  -0.0823 -0.0402 16 PRO A N   
110 C  CA  . PRO A 16 ? 0.2701 0.3024 0.1636 0.0190  -0.0915 -0.0146 16 PRO A CA  
111 C  C   . PRO A 16 ? 0.2452 0.2976 0.1498 0.0188  -0.0845 -0.0407 16 PRO A C   
112 O  O   . PRO A 16 ? 0.3266 0.3268 0.1758 0.0010  -0.1196 -0.0434 16 PRO A O   
113 C  CB  . PRO A 16 ? 0.2795 0.3246 0.1881 0.0286  -0.0991 -0.0024 16 PRO A CB  
114 C  CG  . PRO A 16 ? 0.3185 0.3636 0.2704 0.0948  -0.1506 -0.0661 16 PRO A CG  
115 C  CD  . PRO A 16 ? 0.3052 0.3530 0.2659 0.0985  -0.1451 -0.0898 16 PRO A CD  
116 N  N   . GLU A 17 ? 0.2114 0.2795 0.1532 0.0604  -0.0747 -0.0290 17 GLU A N   
117 C  CA  . GLU A 17 ? 0.1993 0.2935 0.1445 0.0476  -0.0698 -0.0447 17 GLU A CA  
118 C  C   . GLU A 17 ? 0.1673 0.2744 0.1451 0.0162  -0.0361 -0.0346 17 GLU A C   
119 O  O   . GLU A 17 ? 0.1639 0.2853 0.3342 -0.0026 -0.0630 -0.0332 17 GLU A O   
120 C  CB  . GLU A 17 ? 0.2078 0.3791 0.2143 0.0104  0.0149  -0.0991 17 GLU A CB  
121 C  CG  . GLU A 17 ? 0.1417 0.4440 0.4071 0.0166  0.0087  -0.1851 17 GLU A CG  
122 C  CD  . GLU A 17 ? 0.1871 0.4365 0.4074 -0.0123 -0.0326 -0.0838 17 GLU A CD  
123 O  OE1 . GLU A 17 ? 0.1655 0.4147 0.4739 0.0028  -0.0280 -0.1237 17 GLU A OE1 
124 O  OE2 . GLU A 17 ? 0.3282 0.5898 0.7017 -0.0335 -0.1317 0.1177  17 GLU A OE2 
125 N  N   . CYS A 18 ? 0.1688 0.2731 0.1489 0.0123  -0.0229 -0.0308 18 CYS A N   
126 C  CA  . CYS A 18 ? 0.1520 0.2606 0.1549 -0.0027 -0.0407 -0.0792 18 CYS A CA  
127 C  C   . CYS A 18 ? 0.1877 0.2487 0.1214 -0.0318 -0.0488 -0.0476 18 CYS A C   
128 O  O   . CYS A 18 ? 0.2288 0.2557 0.1314 0.0047  -0.0385 -0.0180 18 CYS A O   
129 C  CB  . CYS A 18 ? 0.1653 0.2388 0.1491 -0.0226 -0.0655 -0.0374 18 CYS A CB  
130 S  SG  . CYS A 18 ? 0.1718 0.2598 0.1536 0.0045  -0.0424 -0.0591 18 CYS A SG  
131 N  N   . PRO A 19 ? 0.1727 0.2306 0.1540 -0.0063 -0.0646 -0.0452 19 PRO A N   
132 C  CA  . PRO A 19 ? 0.1609 0.2511 0.1631 -0.0322 -0.0813 -0.0557 19 PRO A CA  
133 C  C   . PRO A 19 ? 0.1834 0.2344 0.1609 -0.0059 -0.0926 -0.0919 19 PRO A C   
134 O  O   . PRO A 19 ? 0.2147 0.2682 0.1715 -0.0045 -0.0883 -0.1113 19 PRO A O   
135 C  CB  . PRO A 19 ? 0.2328 0.2201 0.1794 -0.0137 -0.0614 -0.0409 19 PRO A CB  
136 C  CG  . PRO A 19 ? 0.2639 0.2184 0.1773 -0.0022 -0.0687 -0.0482 19 PRO A CG  
137 C  CD  . PRO A 19 ? 0.2136 0.2142 0.1742 -0.0150 -0.0533 -0.0378 19 PRO A CD  
138 N  N   . ASN A 20 ? 0.1759 0.2855 0.1463 0.0386  -0.0901 -0.0466 20 ASN A N   
139 C  CA  . ASN A 20 ? 0.1855 0.2196 0.1528 0.0193  -0.0735 -0.1100 20 ASN A CA  
140 C  C   . ASN A 20 ? 0.2000 0.2307 0.1807 0.0009  -0.0728 -0.1193 20 ASN A C   
141 O  O   . ASN A 20 ? 0.2186 0.2634 0.1591 0.0058  -0.0205 -0.0647 20 ASN A O   
142 C  CB  . ASN A 20 ? 0.1203 0.2690 0.1913 0.0209  -0.0772 -0.0786 20 ASN A CB  
143 C  CG  . ASN A 20 ? 0.1392 0.2750 0.1608 0.0169  -0.0189 -0.0673 20 ASN A CG  
144 O  OD1 . ASN A 20 ? 0.2400 0.4071 0.1576 -0.0209 -0.0041 -0.0580 20 ASN A OD1 
145 N  ND2 . ASN A 20 ? 0.1028 0.2441 0.1479 -0.0006 -0.0213 -0.0401 20 ASN A ND2 
146 N  N   . GLY A 21 ? 0.2174 0.2251 0.1699 0.0061  -0.1016 -0.0699 21 GLY A N   
147 C  CA  . GLY A 21 ? 0.2413 0.2325 0.1265 -0.0047 -0.0873 -0.0695 21 GLY A CA  
148 C  C   . GLY A 21 ? 0.1724 0.2740 0.1396 -0.0142 -0.0672 -0.0219 21 GLY A C   
149 O  O   . GLY A 21 ? 0.1789 0.2964 0.1758 -0.0113 -0.0303 -0.0389 21 GLY A O   
150 N  N   . ALA A 22 ? 0.1604 0.2541 0.1280 0.0174  -0.0528 -0.0375 22 ALA A N   
151 C  CA  . ALA A 22 ? 0.1595 0.2025 0.1273 0.0058  -0.0451 -0.0276 22 ALA A CA  
152 C  C   . ALA A 22 ? 0.1485 0.2116 0.2176 0.0033  -0.0693 -0.0559 22 ALA A C   
153 O  O   . ALA A 22 ? 0.1674 0.2566 0.2096 0.0223  -0.0776 -0.0782 22 ALA A O   
154 C  CB  . ALA A 22 ? 0.1919 0.2218 0.1256 0.0000  -0.0188 -0.0263 22 ALA A CB  
155 N  N   . ILE A 23 ? 0.1561 0.2368 0.1897 0.0386  -0.0550 -0.0879 23 ILE A N   
156 C  CA  . ILE A 23 ? 0.1795 0.2258 0.1548 0.0115  -0.0104 -0.0670 23 ILE A CA  
157 C  C   . ILE A 23 ? 0.1571 0.2635 0.1700 -0.0032 -0.0309 -0.0407 23 ILE A C   
158 O  O   . ILE A 23 ? 0.2256 0.2605 0.1577 -0.0204 -0.0366 -0.0530 23 ILE A O   
159 C  CB  . ILE A 23 ? 0.1794 0.2259 0.1398 0.0070  -0.0140 -0.0698 23 ILE A CB  
160 C  CG1 . ILE A 23 ? 0.1291 0.2329 0.1886 0.0176  -0.0334 -0.0302 23 ILE A CG1 
161 C  CG2 . ILE A 23 ? 0.2122 0.2181 0.1471 0.0224  -0.0054 -0.0608 23 ILE A CG2 
162 C  CD1 . ILE A 23 ? 0.1355 0.2799 0.2389 0.0173  -0.0145 -0.0128 23 ILE A CD1 
163 N  N   . SER A 24 ? 0.1580 0.2939 0.1602 -0.0225 -0.0046 -0.0669 24 SER A N   
164 C  CA  . SER A 24 ? 0.1675 0.3435 0.2239 -0.0550 -0.0102 -0.0222 24 SER A CA  
165 C  C   . SER A 24 ? 0.1808 0.3079 0.2654 -0.0618 0.0024  -0.0219 24 SER A C   
166 O  O   . SER A 24 ? 0.2623 0.2951 0.2591 -0.0789 -0.0552 -0.0384 24 SER A O   
167 C  CB  . SER A 24 ? 0.1889 0.3560 0.2318 -0.0451 0.0109  -0.0059 24 SER A CB  
168 O  OG  . SER A 24 ? 0.1946 0.3567 0.3839 -0.0155 -0.0687 -0.0829 24 SER A OG  
169 N  N   . GLN A 25 ? 0.2448 0.3254 0.3385 -0.0749 0.0057  0.0117  25 GLN A N   
170 C  CA  . GLN A 25 ? 0.3503 0.3343 0.3980 -0.1442 -0.0268 0.0039  25 GLN A CA  
171 C  C   . GLN A 25 ? 0.3371 0.3474 0.3332 -0.1171 0.0053  -0.0286 25 GLN A C   
172 O  O   . GLN A 25 ? 0.3785 0.6021 0.3224 -0.0868 0.0350  -0.0094 25 GLN A O   
173 C  CB  . GLN A 25 ? 0.5408 0.3221 0.4964 -0.0268 -0.0516 0.0002  25 GLN A CB  
174 C  CG  . GLN A 25 ? 0.6261 0.3423 0.7107 -0.0795 -0.0512 -0.0948 25 GLN A CG  
175 C  CD  . GLN A 25 ? 0.7174 0.7487 0.7331 0.0700  -0.0019 -0.2897 25 GLN A CD  
176 O  OE1 . GLN A 25 ? 1.0736 1.4424 0.5554 0.3672  -0.0250 -0.1565 25 GLN A OE1 
177 N  NE2 . GLN A 25 ? 0.4932 1.1702 1.2128 0.1314  -0.0562 -0.6346 25 GLN A NE2 
178 N  N   . GLY A 26 ? 0.3505 0.3033 0.3313 -0.1283 0.0102  -0.0279 26 GLY A N   
179 C  CA  . GLY A 26 ? 0.3586 0.4195 0.3466 -0.1281 -0.0049 -0.0657 26 GLY A CA  
180 C  C   . GLY A 26 ? 0.4133 0.4814 0.5169 -0.1772 -0.0286 -0.1521 26 GLY A C   
181 O  O   . GLY A 26 ? 0.4911 0.3841 0.3609 -0.2321 0.0191  -0.1127 26 GLY A O   
182 N  N   . ASP A 27 ? 0.3975 0.6317 0.5917 -0.1872 -0.0409 -0.2122 27 ASP A N   
183 C  CA  . ASP A 27 ? 0.3989 0.5984 0.5947 -0.1880 -0.0938 -0.1297 27 ASP A CA  
184 C  C   . ASP A 27 ? 0.4854 0.4081 0.6101 -0.1769 -0.0538 -0.0387 27 ASP A C   
185 O  O   . ASP A 27 ? 0.9060 0.4777 0.5929 0.0069  -0.0532 0.1357  27 ASP A O   
186 C  CB  . ASP A 27 ? 0.4086 0.9451 0.8271 -0.1213 -0.1858 -0.3167 27 ASP A CB  
187 C  CG  . ASP A 27 ? 0.4080 1.2997 0.9899 -0.0032 -0.2421 -0.5066 27 ASP A CG  
188 O  OD1 . ASP A 27 ? 0.8890 1.8804 1.0666 0.3082  -0.3606 -0.8112 27 ASP A OD1 
189 O  OD2 . ASP A 27 ? 0.3625 1.7952 1.1785 0.0735  -0.1949 -0.4136 27 ASP A OD2 
190 N  N   . GLU A 28 ? 0.3601 0.3667 0.6268 -0.1984 -0.0813 -0.0674 28 GLU A N   
191 C  CA  . GLU A 28 ? 0.3905 0.4659 0.5299 -0.1306 -0.1454 -0.0729 28 GLU A CA  
192 C  C   . GLU A 28 ? 0.3428 0.4356 0.5151 -0.0705 -0.1368 -0.1949 28 GLU A C   
193 O  O   . GLU A 28 ? 0.4168 0.4266 0.7752 -0.0687 -0.0687 -0.3011 28 GLU A O   
194 C  CB  A GLU A 28 ? 0.3964 0.7969 0.6340 0.0078  -0.2735 -0.1949 28 GLU A CB  
195 C  CB  B GLU A 28 ? 0.3853 0.7668 0.6255 -0.0173 -0.2578 -0.1716 28 GLU A CB  
196 C  CG  A GLU A 28 ? 0.3777 0.8509 0.6485 -0.0125 -0.2745 -0.2249 28 GLU A CG  
197 C  CG  B GLU A 28 ? 0.3774 0.8170 0.6637 -0.0303 -0.2641 -0.2236 28 GLU A CG  
198 C  CD  A GLU A 28 ? 0.3851 0.9134 0.6860 -0.0060 -0.2702 -0.2855 28 GLU A CD  
199 C  CD  B GLU A 28 ? 0.3867 0.8710 0.6828 -0.0049 -0.2811 -0.2284 28 GLU A CD  
200 O  OE1 A GLU A 28 ? 0.5115 1.2834 0.9591 0.1151  -0.3719 -0.6525 28 GLU A OE1 
201 O  OE1 B GLU A 28 ? 0.3926 0.8575 0.6502 -0.0363 -0.3521 -0.2504 28 GLU A OE1 
202 O  OE2 A GLU A 28 ? 0.4376 0.9825 0.7530 -0.1280 -0.1983 -0.1710 28 GLU A OE2 
203 O  OE2 B GLU A 28 ? 0.3622 0.8617 0.7655 -0.0363 -0.3622 -0.1212 28 GLU A OE2 
204 N  N   . THR A 29 ? 0.2914 0.4288 0.3146 -0.0488 -0.0865 -0.1555 29 THR A N   
205 C  CA  . THR A 29 ? 0.3080 0.4114 0.2662 -0.0790 -0.0143 -0.1659 29 THR A CA  
206 C  C   . THR A 29 ? 0.2296 0.4180 0.2616 -0.0788 0.0154  -0.1658 29 THR A C   
207 O  O   . THR A 29 ? 0.2417 0.3156 0.3177 -0.0484 0.0445  -0.1059 29 THR A O   
208 C  CB  . THR A 29 ? 0.2747 0.5376 0.2465 0.0037  -0.0394 -0.0994 29 THR A CB  
209 O  OG1 . THR A 29 ? 0.5318 0.4777 0.3131 0.0585  -0.1515 -0.1773 29 THR A OG1 
210 C  CG2 . THR A 29 ? 0.3647 0.5111 0.2716 -0.0057 0.0192  -0.1392 29 THR A CG2 
211 N  N   . TYR A 30 ? 0.2218 0.2411 0.2452 -0.0350 -0.0224 -0.0708 30 TYR A N   
212 C  CA  . TYR A 30 ? 0.1707 0.2654 0.2346 0.0043  -0.0280 -0.0873 30 TYR A CA  
213 C  C   . TYR A 30 ? 0.1939 0.2812 0.2397 0.0298  -0.0276 -0.0944 30 TYR A C   
214 O  O   . TYR A 30 ? 0.2929 0.1724 0.2268 -0.0172 0.0274  -0.0620 30 TYR A O   
215 C  CB  . TYR A 30 ? 0.1716 0.1843 0.2923 -0.0140 -0.0158 -0.0587 30 TYR A CB  
216 C  CG  . TYR A 30 ? 0.2014 0.2267 0.3273 0.0186  -0.0608 -0.0493 30 TYR A CG  
217 C  CD1 . TYR A 30 ? 0.2580 0.2840 0.3397 0.1478  -0.0457 -0.0549 30 TYR A CD1 
218 C  CD2 . TYR A 30 ? 0.2429 0.2057 0.3149 -0.0289 -0.0569 -0.0288 30 TYR A CD2 
219 C  CE1 . TYR A 30 ? 0.1990 0.2631 0.3512 0.0552  0.0393  0.0061  30 TYR A CE1 
220 C  CE2 . TYR A 30 ? 0.2502 0.2236 0.3458 -0.0558 -0.0846 -0.0038 30 TYR A CE2 
221 C  CZ  . TYR A 30 ? 0.2409 0.2413 0.3385 -0.0099 0.0128  0.0360  30 TYR A CZ  
222 O  OH  . TYR A 30 ? 0.2110 0.3044 0.3818 0.0210  0.0277  0.0828  30 TYR A OH  
223 N  N   . VAL A 31 ? 0.1665 0.2665 0.2283 0.0055  -0.0452 -0.0941 31 VAL A N   
224 C  CA  . VAL A 31 ? 0.1471 0.2368 0.2321 -0.0212 -0.0046 -0.0741 31 VAL A CA  
225 C  C   . VAL A 31 ? 0.1459 0.2518 0.1736 -0.0267 -0.0379 -0.0448 31 VAL A C   
226 O  O   . VAL A 31 ? 0.1849 0.2774 0.1786 0.0002  -0.0447 -0.0320 31 VAL A O   
227 C  CB  A VAL A 31 ? 0.1510 0.1701 0.2754 -0.0101 0.0049  -0.1317 31 VAL A CB  
228 C  CB  B VAL A 31 ? 0.1534 0.1604 0.2397 -0.0175 0.0133  -0.0660 31 VAL A CB  
229 C  CG1 A VAL A 31 ? 0.1450 0.1572 0.1835 0.0205  -0.0155 -0.1275 31 VAL A CG1 
230 C  CG1 B VAL A 31 ? 0.2432 0.1433 0.2582 -0.0538 0.0350  -0.0612 31 VAL A CG1 
231 C  CG2 A VAL A 31 ? 0.2320 0.3019 0.3683 -0.0302 0.0790  -0.3037 31 VAL A CG2 
232 C  CG2 B VAL A 31 ? 0.2144 0.1870 0.1923 0.0312  0.0208  -0.0837 31 VAL A CG2 
233 N  N   . ILE A 32 ? 0.1830 0.2336 0.1559 -0.0164 -0.0435 -0.0626 32 ILE A N   
234 C  CA  . ILE A 32 ? 0.1018 0.2447 0.2051 -0.0082 -0.0511 -0.0892 32 ILE A CA  
235 C  C   . ILE A 32 ? 0.0931 0.3106 0.1971 -0.0048 -0.0551 -0.1257 32 ILE A C   
236 O  O   . ILE A 32 ? 0.1622 0.2888 0.2220 0.0512  -0.0942 -0.1108 32 ILE A O   
237 C  CB  . ILE A 32 ? 0.1265 0.2181 0.2365 0.0015  -0.0110 -0.1092 32 ILE A CB  
238 C  CG1 . ILE A 32 ? 0.1374 0.2014 0.2502 0.0082  -0.0021 -0.0070 32 ILE A CG1 
239 C  CG2 . ILE A 32 ? 0.2077 0.2085 0.1680 0.0252  -0.0600 -0.0797 32 ILE A CG2 
240 C  CD1 . ILE A 32 ? 0.1291 0.2706 0.1863 -0.0088 -0.0160 -0.0384 32 ILE A CD1 
241 N  N   . GLU A 33 ? 0.1817 0.2813 0.1683 0.0193  -0.0331 -0.0761 33 GLU A N   
242 C  CA  . GLU A 33 ? 0.1255 0.2872 0.1618 -0.0249 0.0183  -0.0615 33 GLU A CA  
243 C  C   . GLU A 33 ? 0.1179 0.2732 0.1768 -0.0064 -0.0414 -0.0532 33 GLU A C   
244 O  O   . GLU A 33 ? 0.1554 0.2313 0.2050 0.0135  -0.0846 -0.0519 33 GLU A O   
245 C  CB  . GLU A 33 ? 0.2247 0.3370 0.1567 -0.0259 0.0127  -0.0672 33 GLU A CB  
246 C  CG  . GLU A 33 ? 0.2569 0.6704 0.2852 0.0883  0.0055  -0.2706 33 GLU A CG  
247 C  CD  . GLU A 33 ? 0.1951 0.4905 0.4823 -0.0104 0.0047  -0.1270 33 GLU A CD  
248 O  OE1 . GLU A 33 ? 0.2989 0.5928 0.5798 -0.0992 0.0807  -0.0876 33 GLU A OE1 
249 O  OE2 . GLU A 33 ? 0.3278 0.3835 0.5614 0.0132  -0.0699 -0.1999 33 GLU A OE2 
250 N  N   . PRO A 34 ? 0.1739 0.2704 0.2187 -0.0135 -0.0997 -0.0608 34 PRO A N   
251 C  CA  . PRO A 34 ? 0.2252 0.2822 0.1668 -0.0192 -0.0835 -0.0534 34 PRO A CA  
252 C  C   . PRO A 34 ? 0.2037 0.2595 0.2063 -0.0001 -0.0789 -0.0543 34 PRO A C   
253 O  O   . PRO A 34 ? 0.1927 0.2684 0.2305 -0.0019 -0.0843 -0.0680 34 PRO A O   
254 C  CB  . PRO A 34 ? 0.2697 0.4141 0.1838 -0.0565 -0.1109 -0.0107 34 PRO A CB  
255 C  CG  . PRO A 34 ? 0.2144 0.4202 0.2493 -0.0170 -0.1157 0.0200  34 PRO A CG  
256 C  CD  . PRO A 34 ? 0.2002 0.2871 0.2415 -0.0008 -0.1207 -0.0915 34 PRO A CD  
257 N  N   . SER A 35 ? 0.1596 0.2578 0.2223 0.0355  -0.0909 -0.0612 35 SER A N   
258 C  CA  . SER A 35 ? 0.0992 0.2362 0.3109 0.0363  -0.0713 -0.0899 35 SER A CA  
259 C  C   . SER A 35 ? 0.1308 0.2493 0.2276 0.0559  -0.0610 -0.1013 35 SER A C   
260 O  O   . SER A 35 ? 0.1949 0.2084 0.2466 0.0451  -0.0819 -0.0739 35 SER A O   
261 C  CB  . SER A 35 ? 0.1303 0.2866 0.2674 0.0391  -0.0654 -0.0615 35 SER A CB  
262 O  OG  A SER A 35 ? 0.3650 0.2667 0.2435 0.0182  -0.0098 -0.0875 35 SER A OG  
263 O  OG  B SER A 35 ? 0.0940 0.1476 0.3035 0.0205  -0.0699 -0.1352 35 SER A OG  
264 N  N   . LEU A 36 ? 0.1858 0.2219 0.1793 0.0527  -0.1023 -0.0875 36 LEU A N   
265 C  CA  . LEU A 36 ? 0.1712 0.2565 0.1613 0.0423  -0.0800 -0.0472 36 LEU A CA  
266 C  C   . LEU A 36 ? 0.1827 0.2047 0.1713 -0.0134 -0.0677 -0.0982 36 LEU A C   
267 O  O   . LEU A 36 ? 0.1792 0.2782 0.1840 0.0046  -0.0704 -0.0819 36 LEU A O   
268 C  CB  . LEU A 36 ? 0.1638 0.2447 0.1508 0.0490  -0.0620 -0.0633 36 LEU A CB  
269 C  CG  . LEU A 36 ? 0.1557 0.2093 0.1970 0.0226  -0.0421 -0.0733 36 LEU A CG  
270 C  CD1 . LEU A 36 ? 0.2066 0.2109 0.2277 0.0293  -0.0332 -0.0557 36 LEU A CD1 
271 C  CD2 . LEU A 36 ? 0.1721 0.2200 0.1760 0.0270  -0.0318 -0.0718 36 LEU A CD2 
272 N  N   . CYS A 37 ? 0.2014 0.2117 0.1686 0.0298  -0.0667 -0.0869 37 CYS A N   
273 C  CA  . CYS A 37 ? 0.1978 0.2602 0.1607 -0.0077 -0.0716 -0.0659 37 CYS A CA  
274 C  C   . CYS A 37 ? 0.1974 0.2521 0.1685 -0.0066 -0.0932 -0.0836 37 CYS A C   
275 O  O   . CYS A 37 ? 0.1944 0.2492 0.1740 -0.0088 -0.0875 -0.0741 37 CYS A O   
276 C  CB  . CYS A 37 ? 0.2620 0.2223 0.1709 -0.0235 -0.0031 -0.0690 37 CYS A CB  
277 S  SG  . CYS A 37 ? 0.1796 0.2479 0.1679 -0.0112 -0.0589 -0.0384 37 CYS A SG  
278 N  N   . THR A 38 ? 0.1507 0.2865 0.1720 0.0007  -0.0592 -0.1072 38 THR A N   
279 C  CA  . THR A 38 ? 0.1760 0.2977 0.1788 -0.0133 -0.0798 -0.0925 38 THR A CA  
280 C  C   . THR A 38 ? 0.2582 0.2445 0.1509 0.0063  -0.0513 -0.0402 38 THR A C   
281 O  O   . THR A 38 ? 0.2339 0.2506 0.1622 -0.0020 -0.0720 -0.0466 38 THR A O   
282 C  CB  . THR A 38 ? 0.1563 0.2713 0.1561 -0.0089 -0.0682 -0.0665 38 THR A CB  
283 O  OG1 . THR A 38 ? 0.1362 0.3272 0.1972 0.0264  -0.0520 -0.0774 38 THR A OG1 
284 C  CG2 . THR A 38 ? 0.1714 0.2359 0.1608 0.0359  -0.0600 -0.0412 38 THR A CG2 
285 N  N   . GLU A 39 ? 0.2123 0.2445 0.1383 0.0034  -0.0697 -0.0392 39 GLU A N   
286 C  CA  . GLU A 39 ? 0.2084 0.2571 0.1299 -0.0213 -0.0746 -0.0622 39 GLU A CA  
287 C  C   . GLU A 39 ? 0.2030 0.3643 0.1337 -0.0377 -0.0703 -0.0476 39 GLU A C   
288 O  O   . GLU A 39 ? 0.2048 0.4093 0.1551 -0.0290 -0.0534 -0.0380 39 GLU A O   
289 C  CB  . GLU A 39 ? 0.2286 0.2740 0.1185 -0.0577 -0.0819 -0.0696 39 GLU A CB  
290 C  CG  . GLU A 39 ? 0.2456 0.3106 0.1258 -0.0451 -0.1033 -0.0702 39 GLU A CG  
291 C  CD  . GLU A 39 ? 0.2413 0.3724 0.1443 -0.0552 -0.0947 -0.0331 39 GLU A CD  
292 O  OE1 . GLU A 39 ? 0.2835 0.4043 0.2451 -0.0818 -0.0528 0.0261  39 GLU A OE1 
293 O  OE2 . GLU A 39 ? 0.2626 0.2708 0.1983 -0.0005 -0.1086 -0.0376 39 GLU A OE2 
294 N  N   . CYS A 40 ? 0.1684 0.3299 0.1323 -0.0071 -0.0681 -0.0687 40 CYS A N   
295 C  CA  . CYS A 40 ? 0.1678 0.2917 0.1323 0.0017  -0.0616 -0.0990 40 CYS A CA  
296 C  C   . CYS A 40 ? 0.1950 0.2797 0.2026 -0.0011 -0.0541 -0.0983 40 CYS A C   
297 O  O   . CYS A 40 ? 0.2125 0.2467 0.2352 0.0031  -0.0802 -0.0927 40 CYS A O   
298 C  CB  . CYS A 40 ? 0.1972 0.2842 0.1515 0.0264  -0.0645 -0.0710 40 CYS A CB  
299 S  SG  . CYS A 40 ? 0.1699 0.2943 0.1875 0.0013  -0.0786 -0.0673 40 CYS A SG  
300 N  N   . VAL A 41 ? 0.2289 0.3047 0.1420 -0.0314 -0.0670 -0.0671 41 VAL A N   
301 C  CA  . VAL A 41 ? 0.3284 0.2833 0.1936 -0.0356 -0.0785 -0.0583 41 VAL A CA  
302 C  C   . VAL A 41 ? 0.2571 0.2585 0.2154 -0.0077 -0.0799 -0.0843 41 VAL A C   
303 O  O   . VAL A 41 ? 0.2744 0.2420 0.1993 -0.0455 -0.0920 -0.0684 41 VAL A O   
304 C  CB  . VAL A 41 ? 0.4082 0.2949 0.2357 0.0544  -0.0628 -0.0478 41 VAL A CB  
305 C  CG1 . VAL A 41 ? 0.2349 0.3092 0.2493 0.0313  -0.0711 0.0035  41 VAL A CG1 
306 C  CG2 . VAL A 41 ? 0.2431 0.4638 0.1310 0.1171  -0.0121 -0.0059 41 VAL A CG2 
307 N  N   . GLY A 42 ? 0.1912 0.2949 0.2020 0.0469  -0.0781 -0.0896 42 GLY A N   
308 C  CA  . GLY A 42 ? 0.1809 0.2757 0.1954 0.0189  -0.0614 -0.0842 42 GLY A CA  
309 C  C   . GLY A 42 ? 0.1309 0.2105 0.1691 -0.0613 -0.0394 -0.0641 42 GLY A C   
310 O  O   . GLY A 42 ? 0.2439 0.2527 0.1754 -0.0567 -0.0885 -0.0619 42 GLY A O   
311 N  N   . HIS A 43 ? 0.1940 0.2061 0.2368 -0.0544 -0.0538 -0.0743 43 HIS A N   
312 C  CA  . HIS A 43 ? 0.1956 0.2284 0.1719 -0.0217 -0.0119 -0.0812 43 HIS A CA  
313 C  C   . HIS A 43 ? 0.1709 0.2745 0.1634 -0.0538 -0.0265 -0.1198 43 HIS A C   
314 O  O   . HIS A 43 ? 0.1757 0.2918 0.1686 -0.0567 -0.0321 -0.0605 43 HIS A O   
315 C  CB  . HIS A 43 ? 0.2020 0.2655 0.0906 -0.0484 -0.0544 -0.0332 43 HIS A CB  
316 C  CG  . HIS A 43 ? 0.2058 0.3113 0.1175 -0.0337 -0.0501 -0.0288 43 HIS A CG  
317 N  ND1 . HIS A 43 ? 0.1997 0.2545 0.1276 -0.0495 -0.0468 -0.0502 43 HIS A ND1 
318 C  CD2 . HIS A 43 ? 0.1861 0.2787 0.1116 -0.0296 -0.0221 -0.0101 43 HIS A CD2 
319 C  CE1 . HIS A 43 ? 0.2047 0.2731 0.0970 -0.0082 -0.0677 -0.0248 43 HIS A CE1 
320 N  NE2 . HIS A 43 ? 0.1497 0.2762 0.1327 -0.0134 -0.0625 -0.0342 43 HIS A NE2 
321 N  N   . TYR A 44 ? 0.1968 0.2559 0.1355 -0.0715 -0.0118 -0.0639 44 TYR A N   
322 C  CA  . TYR A 44 ? 0.2548 0.2896 0.1321 -0.0139 0.0094  -0.0353 44 TYR A CA  
323 C  C   . TYR A 44 ? 0.1949 0.2952 0.1343 -0.0960 -0.0226 -0.0276 44 TYR A C   
324 O  O   . TYR A 44 ? 0.2321 0.4374 0.2137 -0.0299 -0.0287 0.0367  44 TYR A O   
325 C  CB  . TYR A 44 ? 0.2467 0.2807 0.1344 0.0226  -0.0552 -0.0348 44 TYR A CB  
326 C  CG  . TYR A 44 ? 0.2321 0.2840 0.1108 -0.0042 -0.0655 -0.0511 44 TYR A CG  
327 C  CD1 . TYR A 44 ? 0.2510 0.2416 0.1861 -0.0106 -0.0949 -0.0245 44 TYR A CD1 
328 C  CD2 . TYR A 44 ? 0.2753 0.4034 0.1691 0.0501  0.0026  0.0017  44 TYR A CD2 
329 C  CE1 . TYR A 44 ? 0.3045 0.1888 0.2171 -0.0104 -0.1088 -0.0184 44 TYR A CE1 
330 C  CE2 . TYR A 44 ? 0.3306 0.2878 0.1757 -0.0012 -0.0041 -0.0265 44 TYR A CE2 
331 C  CZ  . TYR A 44 ? 0.3787 0.3063 0.1658 0.0496  -0.0306 -0.0226 44 TYR A CZ  
332 O  OH  . TYR A 44 ? 0.4931 0.2852 0.1635 0.0740  -0.0210 -0.0351 44 TYR A OH  
333 N  N   . GLU A 45 ? 0.2153 0.3817 0.1627 -0.1167 -0.0027 -0.0294 45 GLU A N   
334 C  CA  . GLU A 45 ? 0.2432 0.4270 0.1311 -0.1569 -0.0002 -0.0514 45 GLU A CA  
335 C  C   . GLU A 45 ? 0.2061 0.4057 0.1862 -0.1317 -0.0627 -0.0348 45 GLU A C   
336 O  O   . GLU A 45 ? 0.3489 0.4773 0.1477 -0.1413 -0.0461 -0.0345 45 GLU A O   
337 C  CB  . GLU A 45 ? 0.2559 0.4399 0.1703 -0.2124 -0.0031 -0.0705 45 GLU A CB  
338 C  CG  . GLU A 45 ? 0.4540 0.8587 0.3391 0.1764  -0.0831 -0.2658 45 GLU A CG  
339 C  CD  . GLU A 45 ? 0.5074 1.2363 0.5109 0.1802  0.0646  -0.3764 45 GLU A CD  
340 O  OE1 . GLU A 45 ? 0.7642 1.5767 0.7316 0.4724  0.2153  -0.4857 45 GLU A OE1 
341 O  OE2 . GLU A 45 ? 0.6217 1.4925 0.6195 -0.1207 0.1578  -0.4151 45 GLU A OE2 
342 N  N   . THR A 46 ? 0.2198 0.4183 0.1916 -0.1658 0.0099  -0.0468 46 THR A N   
343 C  CA  . THR A 46 ? 0.2805 0.3831 0.1874 -0.1278 -0.0363 -0.0346 46 THR A CA  
344 C  C   . THR A 46 ? 0.2735 0.3241 0.1549 -0.1114 -0.0469 -0.0713 46 THR A C   
345 O  O   . THR A 46 ? 0.1941 0.3422 0.1815 -0.0852 -0.0486 -0.0368 46 THR A O   
346 C  CB  . THR A 46 ? 0.2990 0.4479 0.2154 -0.1479 -0.0133 -0.0810 46 THR A CB  
347 O  OG1 . THR A 46 ? 0.4206 0.5537 0.2474 -0.1750 -0.0327 -0.1449 46 THR A OG1 
348 C  CG2 . THR A 46 ? 0.4403 0.4178 0.2775 -0.0434 -0.0072 -0.1455 46 THR A CG2 
349 N  N   . SER A 47 ? 0.2482 0.2865 0.1885 -0.0684 -0.0563 -0.0899 47 SER A N   
350 C  CA  . SER A 47 ? 0.2199 0.2673 0.1765 -0.0490 -0.0887 -0.0618 47 SER A CA  
351 C  C   . SER A 47 ? 0.2291 0.3053 0.1389 -0.0035 -0.0685 -0.0667 47 SER A C   
352 O  O   . SER A 47 ? 0.1943 0.3371 0.1783 -0.0139 -0.0213 -0.0505 47 SER A O   
353 C  CB  . SER A 47 ? 0.1930 0.3467 0.2706 -0.0276 -0.1398 -0.0693 47 SER A CB  
354 O  OG  A SER A 47 ? 0.2813 0.4944 0.4328 -0.1674 -0.2583 0.1285  47 SER A OG  
355 O  OG  B SER A 47 ? 0.1513 0.4045 0.1734 -0.0775 -0.0199 -0.1416 47 SER A OG  
356 N  N   . GLN A 48 ? 0.1716 0.2929 0.1472 -0.0396 -0.0632 -0.0630 48 GLN A N   
357 C  CA  . GLN A 48 ? 0.1738 0.3197 0.1682 -0.0383 -0.0752 -0.0405 48 GLN A CA  
358 C  C   . GLN A 48 ? 0.1912 0.2976 0.1100 -0.0155 -0.0927 -0.0181 48 GLN A C   
359 O  O   . GLN A 48 ? 0.1684 0.3042 0.2626 -0.0255 -0.0566 -0.0229 48 GLN A O   
360 C  CB  . GLN A 48 ? 0.2165 0.2821 0.1630 -0.0230 -0.0701 -0.0618 48 GLN A CB  
361 C  CG  . GLN A 48 ? 0.2443 0.2634 0.1847 -0.0382 -0.0182 -0.0665 48 GLN A CG  
362 C  CD  . GLN A 48 ? 0.2236 0.3448 0.2989 -0.0488 -0.0510 -0.1057 48 GLN A CD  
363 O  OE1 . GLN A 48 ? 0.2373 0.5613 0.4186 -0.0661 -0.1563 -0.0290 48 GLN A OE1 
364 N  NE2 . GLN A 48 ? 0.1720 0.3260 0.2904 -0.0676 0.0034  -0.1525 48 GLN A NE2 
365 N  N   . CYS A 49 ? 0.1750 0.2797 0.1458 -0.0269 -0.0726 -0.0551 49 CYS A N   
366 C  CA  . CYS A 49 ? 0.1529 0.2252 0.1502 0.0007  -0.0145 -0.0449 49 CYS A CA  
367 C  C   . CYS A 49 ? 0.1645 0.2416 0.1318 0.0144  -0.0330 -0.0336 49 CYS A C   
368 O  O   . CYS A 49 ? 0.1931 0.2427 0.1425 -0.0008 -0.0028 -0.0484 49 CYS A O   
369 C  CB  . CYS A 49 ? 0.1538 0.2026 0.1722 0.0010  -0.0310 -0.0669 49 CYS A CB  
370 S  SG  . CYS A 49 ? 0.1834 0.2718 0.1362 0.0148  -0.0522 -0.0475 49 CYS A SG  
371 N  N   . VAL A 50 ? 0.1603 0.2501 0.1510 -0.0184 -0.0299 -0.0275 50 VAL A N   
372 C  CA  . VAL A 50 ? 0.1763 0.2901 0.1672 0.0075  -0.0031 0.0001  50 VAL A CA  
373 C  C   . VAL A 50 ? 0.1668 0.2502 0.2087 -0.0087 -0.0221 -0.0483 50 VAL A C   
374 O  O   . VAL A 50 ? 0.2127 0.3031 0.2032 0.0122  0.0051  -0.0650 50 VAL A O   
375 C  CB  . VAL A 50 ? 0.2010 0.2484 0.1525 -0.0003 0.0038  -0.0367 50 VAL A CB  
376 C  CG1 . VAL A 50 ? 0.2526 0.3903 0.0778 0.0115  -0.0374 -0.0226 50 VAL A CG1 
377 C  CG2 . VAL A 50 ? 0.2119 0.2195 0.1972 -0.0175 -0.0538 -0.0336 50 VAL A CG2 
378 N  N   . GLU A 51 ? 0.1899 0.3126 0.2447 -0.0110 -0.0408 -0.0772 51 GLU A N   
379 C  CA  . GLU A 51 ? 0.1770 0.3708 0.1885 -0.0164 -0.0281 -0.0438 51 GLU A CA  
380 C  C   . GLU A 51 ? 0.1721 0.3824 0.2046 0.0073  -0.0464 -0.0198 51 GLU A C   
381 O  O   . GLU A 51 ? 0.1935 0.3523 0.2462 -0.0335 0.0008  -0.0671 51 GLU A O   
382 C  CB  . GLU A 51 ? 0.1761 0.4495 0.2393 -0.0295 -0.0162 -0.1079 51 GLU A CB  
383 C  CG  . GLU A 51 ? 0.2868 0.4399 0.3856 -0.0840 0.0286  -0.1511 51 GLU A CG  
384 C  CD  . GLU A 51 ? 0.2497 0.6026 0.5092 -0.1090 0.1284  -0.0248 51 GLU A CD  
385 O  OE1 . GLU A 51 ? 0.2546 1.0969 0.7105 -0.0240 0.0718  -0.4462 51 GLU A OE1 
386 O  OE2 . GLU A 51 ? 0.5452 0.5189 0.4686 -0.1205 0.1088  0.0341  51 GLU A OE2 
387 N  N   . VAL A 52 ? 0.1730 0.3531 0.1935 0.0302  -0.0317 -0.0257 52 VAL A N   
388 C  CA  . VAL A 52 ? 0.1490 0.3566 0.2375 0.0353  -0.0291 -0.0234 52 VAL A CA  
389 C  C   . VAL A 52 ? 0.1455 0.3377 0.2273 0.0356  -0.0277 -0.0074 52 VAL A C   
390 O  O   . VAL A 52 ? 0.3037 0.3506 0.2092 0.1152  -0.0747 -0.0589 52 VAL A O   
391 C  CB  . VAL A 52 ? 0.1800 0.2945 0.2434 -0.0161 -0.0284 -0.0364 52 VAL A CB  
392 C  CG1 . VAL A 52 ? 0.2721 0.5408 0.2807 -0.0141 -0.0641 -0.1583 52 VAL A CG1 
393 C  CG2 . VAL A 52 ? 0.2234 0.2610 0.1839 0.0559  -0.0082 -0.0068 52 VAL A CG2 
394 N  N   . CYS A 53 ? 0.1439 0.3197 0.2033 0.0670  -0.0161 -0.0537 53 CYS A N   
395 C  CA  . CYS A 53 ? 0.1836 0.2945 0.1938 0.0852  -0.0332 -0.0661 53 CYS A CA  
396 C  C   . CYS A 53 ? 0.1654 0.2520 0.2552 0.0204  0.0453  -0.0507 53 CYS A C   
397 O  O   . CYS A 53 ? 0.2893 0.2828 0.2466 -0.0158 0.0598  -0.0387 53 CYS A O   
398 C  CB  . CYS A 53 ? 0.2136 0.2012 0.1873 0.0432  -0.0574 -0.0562 53 CYS A CB  
399 S  SG  . CYS A 53 ? 0.2053 0.2288 0.1641 0.0196  -0.0287 -0.0582 53 CYS A SG  
400 N  N   . PRO A 54 ? 0.2110 0.2554 0.1893 0.0332  0.0227  -0.0445 54 PRO A N   
401 C  CA  . PRO A 54 ? 0.2559 0.2590 0.1786 0.0819  0.0166  -0.0167 54 PRO A CA  
402 C  C   . PRO A 54 ? 0.2889 0.3637 0.1849 0.0507  0.0044  -0.0694 54 PRO A C   
403 O  O   . PRO A 54 ? 0.2790 0.3271 0.2145 -0.0809 0.0541  -0.1132 54 PRO A O   
404 C  CB  . PRO A 54 ? 0.2337 0.2595 0.3130 0.0664  0.0712  0.0072  54 PRO A CB  
405 C  CG  . PRO A 54 ? 0.2492 0.2477 0.3438 0.0857  0.0900  -0.0036 54 PRO A CG  
406 C  CD  . PRO A 54 ? 0.2473 0.2649 0.2154 0.0502  0.0373  -0.0140 54 PRO A CD  
407 N  N   . VAL A 55 ? 0.2882 0.2475 0.1963 0.0043  -0.0450 -0.0641 55 VAL A N   
408 C  CA  . VAL A 55 ? 0.2763 0.2516 0.1498 -0.0372 0.0213  -0.0295 55 VAL A CA  
409 C  C   . VAL A 55 ? 0.2857 0.2643 0.1677 0.0030  -0.0202 -0.0589 55 VAL A C   
410 O  O   . VAL A 55 ? 0.3820 0.2806 0.1482 -0.0419 -0.0407 -0.0335 55 VAL A O   
411 C  CB  . VAL A 55 ? 0.2251 0.2638 0.2234 -0.0094 0.0065  -0.0934 55 VAL A CB  
412 C  CG1 . VAL A 55 ? 0.2865 0.2417 0.2248 -0.0346 0.0419  -0.0745 55 VAL A CG1 
413 C  CG2 . VAL A 55 ? 0.2297 0.3161 0.1623 0.0241  0.0096  0.0066  55 VAL A CG2 
414 N  N   . ASP A 56 ? 0.2657 0.2495 0.1861 -0.0209 -0.0164 -0.0425 56 ASP A N   
415 C  CA  . ASP A 56 ? 0.2305 0.2645 0.1366 0.0058  -0.0039 -0.0376 56 ASP A CA  
416 C  C   . ASP A 56 ? 0.2252 0.2394 0.1370 -0.0400 -0.0171 -0.0689 56 ASP A C   
417 O  O   . ASP A 56 ? 0.2140 0.3750 0.1226 -0.0097 -0.0205 -0.0652 56 ASP A O   
418 C  CB  . ASP A 56 ? 0.2393 0.3791 0.1599 0.0262  0.0091  0.0083  56 ASP A CB  
419 C  CG  . ASP A 56 ? 0.2275 0.5232 0.2106 0.0497  0.0192  -0.1162 56 ASP A CG  
420 O  OD1 . ASP A 56 ? 0.2671 0.4245 0.2257 0.0193  -0.0236 -0.0860 56 ASP A OD1 
421 O  OD2 . ASP A 56 ? 0.2648 0.6494 0.3039 0.0289  0.0860  -0.1634 56 ASP A OD2 
422 N  N   . CYS A 57 ? 0.2350 0.2781 0.1703 -0.0117 0.0101  -0.0477 57 CYS A N   
423 C  CA  . CYS A 57 ? 0.2337 0.2485 0.1573 -0.0301 -0.0043 -0.0449 57 CYS A CA  
424 C  C   . CYS A 57 ? 0.2284 0.2482 0.1084 0.0034  -0.0510 -0.0247 57 CYS A C   
425 O  O   . CYS A 57 ? 0.2420 0.2666 0.1795 -0.0257 -0.0115 -0.0782 57 CYS A O   
426 C  CB  . CYS A 57 ? 0.2996 0.2562 0.1548 -0.0622 -0.0549 -0.0373 57 CYS A CB  
427 S  SG  . CYS A 57 ? 0.2327 0.2627 0.1703 -0.0177 -0.0507 -0.0136 57 CYS A SG  
428 N  N   . ILE A 58 ? 0.2098 0.2771 0.1147 0.0153  -0.0685 -0.0582 58 ILE A N   
429 C  CA  . ILE A 58 ? 0.2469 0.2531 0.0864 0.0213  -0.0579 -0.0285 58 ILE A CA  
430 C  C   . ILE A 58 ? 0.2445 0.2857 0.0935 0.0331  -0.0488 0.0000  58 ILE A C   
431 O  O   . ILE A 58 ? 0.2338 0.2064 0.2079 0.0331  -0.0557 -0.0123 58 ILE A O   
432 C  CB  . ILE A 58 ? 0.2443 0.2594 0.0767 0.0550  -0.0507 -0.0261 58 ILE A CB  
433 C  CG1 . ILE A 58 ? 0.2501 0.2275 0.1226 0.0902  -0.1089 -0.0344 58 ILE A CG1 
434 C  CG2 . ILE A 58 ? 0.2077 0.1886 0.1388 -0.0211 -0.0654 -0.0509 58 ILE A CG2 
435 C  CD1 . ILE A 58 ? 0.2018 0.2912 0.1045 0.0804  -0.0787 -0.0090 58 ILE A CD1 
436 N  N   . ILE A 59 ? 0.2301 0.2608 0.1391 0.0203  -0.0547 -0.0116 59 ILE A N   
437 C  CA  . ILE A 59 ? 0.1891 0.2534 0.1126 -0.0033 -0.0921 -0.0263 59 ILE A CA  
438 C  C   . ILE A 59 ? 0.2133 0.2471 0.1290 -0.0017 -0.0804 -0.0272 59 ILE A C   
439 O  O   . ILE A 59 ? 0.2538 0.2989 0.1281 0.0269  -0.0589 -0.0212 59 ILE A O   
440 C  CB  . ILE A 59 ? 0.1894 0.3241 0.1214 -0.0107 -0.0723 -0.0576 59 ILE A CB  
441 C  CG1 . ILE A 59 ? 0.2095 0.1986 0.1838 -0.0294 -0.0960 -0.0429 59 ILE A CG1 
442 C  CG2 . ILE A 59 ? 0.2713 0.2843 0.1687 -0.0325 0.0078  -0.0589 59 ILE A CG2 
443 C  CD1 . ILE A 59 ? 0.2394 0.2281 0.2217 -0.0002 -0.1455 -0.0397 59 ILE A CD1 
444 N  N   . LYS A 60 ? 0.2325 0.2581 0.1855 0.0010  -0.0785 -0.0080 60 LYS A N   
445 C  CA  . LYS A 60 ? 0.2172 0.2716 0.1987 0.0205  -0.1261 0.0048  60 LYS A CA  
446 C  C   . LYS A 60 ? 0.2269 0.3048 0.0963 0.0090  -0.1085 -0.0225 60 LYS A C   
447 O  O   . LYS A 60 ? 0.3075 0.2408 0.1421 -0.0012 -0.1127 -0.0361 60 LYS A O   
448 C  CB  . LYS A 60 ? 0.2155 0.3086 0.2291 0.0348  -0.0924 0.0416  60 LYS A CB  
449 C  CG  . LYS A 60 ? 0.2230 0.4115 0.2855 -0.0202 -0.0807 0.0909  60 LYS A CG  
450 C  CD  . LYS A 60 ? 0.3014 0.5720 0.4932 -0.0326 -0.1953 -0.1282 60 LYS A CD  
451 C  CE  . LYS A 60 ? 0.2477 0.6635 0.5223 -0.0431 -0.1815 -0.0829 60 LYS A CE  
452 N  NZ  . LYS A 60 ? 0.4344 0.8156 0.4696 -0.1916 -0.1085 -0.1053 60 LYS A NZ  
453 N  N   . ASP A 61 ? 0.2327 0.3109 0.1379 0.0698  -0.1041 -0.0183 61 ASP A N   
454 C  CA  . ASP A 61 ? 0.2273 0.3379 0.2201 0.0721  -0.0953 -0.0053 61 ASP A CA  
455 C  C   . ASP A 61 ? 0.1958 0.2845 0.2234 0.0153  -0.1345 -0.0273 61 ASP A C   
456 O  O   . ASP A 61 ? 0.3000 0.2829 0.2171 0.0097  -0.1278 -0.0237 61 ASP A O   
457 C  CB  . ASP A 61 ? 0.2244 0.3238 0.2135 0.0189  -0.1090 -0.0197 61 ASP A CB  
458 C  CG  . ASP A 61 ? 0.2263 0.2711 0.3027 0.0168  -0.1089 0.0211  61 ASP A CG  
459 O  OD1 . ASP A 61 ? 0.1999 0.2467 0.3061 -0.0017 -0.1123 0.0030  61 ASP A OD1 
460 O  OD2 . ASP A 61 ? 0.2374 0.2803 0.2814 0.0242  -0.0769 -0.0350 61 ASP A OD2 
461 N  N   . PRO A 62 ? 0.2880 0.2742 0.2257 0.0248  -0.1523 -0.0285 62 PRO A N   
462 C  CA  . PRO A 62 ? 0.3602 0.2587 0.2237 0.0283  -0.1462 -0.0190 62 PRO A CA  
463 C  C   . PRO A 62 ? 0.3609 0.2499 0.2370 0.0518  -0.1644 -0.0137 62 PRO A C   
464 O  O   . PRO A 62 ? 0.4254 0.2517 0.2431 0.0657  -0.1709 -0.0146 62 PRO A O   
465 C  CB  . PRO A 62 ? 0.3080 0.2340 0.2461 0.0268  -0.1837 -0.0373 62 PRO A CB  
466 C  CG  . PRO A 62 ? 0.4271 0.3210 0.2189 0.1464  -0.1997 -0.0295 62 PRO A CG  
467 C  CD  . PRO A 62 ? 0.3650 0.2565 0.2319 0.0307  -0.1752 -0.0198 62 PRO A CD  
468 N  N   . SER A 63 ? 0.2964 0.2274 0.2472 0.0405  -0.1828 -0.0408 63 SER A N   
469 C  CA  . SER A 63 ? 0.2762 0.3215 0.3599 0.0286  -0.1722 -0.1050 63 SER A CA  
470 C  C   . SER A 63 ? 0.2475 0.3598 0.2318 0.0489  -0.1187 -0.0055 63 SER A C   
471 O  O   . SER A 63 ? 0.2359 0.3306 0.3869 -0.0002 -0.0912 -0.0945 63 SER A O   
472 C  CB  . SER A 63 ? 0.3371 0.3510 0.4872 -0.0034 -0.0928 -0.0826 63 SER A CB  
473 O  OG  . SER A 63 ? 0.6069 0.4377 0.4019 0.0030  0.0207  -0.0526 63 SER A OG  
474 N  N   . HIS A 64 ? 0.2619 0.2599 0.2466 0.0647  -0.1436 -0.0288 64 HIS A N   
475 C  CA  . HIS A 64 ? 0.3048 0.3457 0.1907 0.0274  -0.1051 -0.0333 64 HIS A CA  
476 C  C   . HIS A 64 ? 0.3160 0.3231 0.1446 0.0142  -0.0863 -0.0871 64 HIS A C   
477 O  O   . HIS A 64 ? 0.3332 0.2498 0.2348 0.0011  -0.1260 -0.0656 64 HIS A O   
478 C  CB  . HIS A 64 ? 0.3323 0.3602 0.2322 0.0164  -0.1207 0.0046  64 HIS A CB  
479 C  CG  . HIS A 64 ? 0.3418 0.3177 0.2430 0.0193  -0.1047 -0.0024 64 HIS A CG  
480 N  ND1 . HIS A 64 ? 0.3685 0.3024 0.2829 0.0261  -0.0961 0.0035  64 HIS A ND1 
481 C  CD2 . HIS A 64 ? 0.3461 0.3765 0.2425 0.0065  -0.1145 -0.0713 64 HIS A CD2 
482 C  CE1 . HIS A 64 ? 0.3013 0.3343 0.3377 0.0279  -0.1524 0.0126  64 HIS A CE1 
483 N  NE2 . HIS A 64 ? 0.3444 0.4216 0.3730 0.0002  -0.0683 -0.0742 64 HIS A NE2 
484 N  N   . GLU A 65 ? 0.3161 0.3425 0.1679 0.0026  -0.1022 -0.0702 65 GLU A N   
485 C  CA  . GLU A 65 ? 0.3264 0.3263 0.2158 0.0046  -0.1163 -0.0311 65 GLU A CA  
486 C  C   . GLU A 65 ? 0.3153 0.3377 0.3996 0.0184  -0.1466 -0.1055 65 GLU A C   
487 O  O   . GLU A 65 ? 0.3725 0.4085 0.3452 0.0851  -0.2004 -0.1269 65 GLU A O   
488 C  CB  . GLU A 65 ? 0.3860 0.4109 0.2784 0.0175  -0.1332 0.0811  65 GLU A CB  
489 C  CG  . GLU A 65 ? 0.4582 0.7304 0.3947 0.0406  -0.0139 0.1981  65 GLU A CG  
490 C  CD  . GLU A 65 ? 0.7333 1.0032 0.3823 0.1372  0.0595  0.2584  65 GLU A CD  
491 O  OE1 . GLU A 65 ? 0.6913 1.2008 0.3632 0.0135  -0.1115 0.3125  65 GLU A OE1 
492 O  OE2 . GLU A 65 ? 1.2477 0.8920 0.4442 0.4179  -0.0021 0.2855  65 GLU A OE2 
493 N  N   . GLU A 66 ? 0.3073 0.2179 0.2510 -0.0069 -0.1013 -0.0103 66 GLU A N   
494 C  CA  . GLU A 66 ? 0.3763 0.2391 0.2565 -0.0511 -0.0763 -0.0202 66 GLU A CA  
495 C  C   . GLU A 66 ? 0.3441 0.3174 0.2310 -0.0670 -0.1284 -0.0113 66 GLU A C   
496 O  O   . GLU A 66 ? 0.3400 0.5130 0.2758 -0.0382 -0.1251 -0.0880 66 GLU A O   
497 C  CB  . GLU A 66 ? 0.3387 0.2526 0.2530 -0.0449 -0.1130 -0.0200 66 GLU A CB  
498 C  CG  . GLU A 66 ? 0.3215 0.2584 0.2140 -0.0130 -0.0839 -0.0195 66 GLU A CG  
499 C  CD  . GLU A 66 ? 0.3101 0.2148 0.1943 0.0381  -0.0738 -0.0498 66 GLU A CD  
500 O  OE1 . GLU A 66 ? 0.2893 0.2066 0.2949 0.0240  -0.1314 -0.0533 66 GLU A OE1 
501 O  OE2 . GLU A 66 ? 0.4468 0.3627 0.2118 0.1341  -0.0352 -0.0594 66 GLU A OE2 
502 N  N   . THR A 67 ? 0.4833 0.3194 0.2414 -0.1449 -0.1290 -0.0216 67 THR A N   
503 C  CA  . THR A 67 ? 0.5071 0.3701 0.2618 -0.1741 -0.1222 0.0767  67 THR A CA  
504 C  C   . THR A 67 ? 0.4849 0.4331 0.2770 -0.2034 -0.1351 0.0643  67 THR A C   
505 O  O   . THR A 67 ? 0.5173 0.2586 0.2400 -0.1029 -0.1161 0.0088  67 THR A O   
506 C  CB  . THR A 67 ? 0.6175 0.3513 0.2940 -0.1989 -0.1110 0.0694  67 THR A CB  
507 O  OG1 . THR A 67 ? 0.6503 0.3392 0.3002 -0.2183 -0.1197 0.0226  67 THR A OG1 
508 C  CG2 . THR A 67 ? 0.5950 0.2768 0.2974 -0.1399 -0.0977 0.0257  67 THR A CG2 
509 N  N   . GLU A 68 ? 0.4678 0.5300 0.3659 -0.1863 -0.1112 0.0111  68 GLU A N   
510 C  CA  . GLU A 68 ? 0.4554 0.5483 0.3730 -0.1758 -0.1225 -0.0305 68 GLU A CA  
511 C  C   . GLU A 68 ? 0.4374 0.4171 0.3992 -0.2053 -0.1355 -0.0304 68 GLU A C   
512 O  O   . GLU A 68 ? 0.3661 0.4029 0.3850 -0.1111 -0.1213 -0.0608 68 GLU A O   
513 C  CB  . GLU A 68 ? 0.4924 0.6544 0.3434 -0.2406 -0.1180 -0.0251 68 GLU A CB  
514 C  CG  . GLU A 68 ? 0.4952 0.8980 0.4030 -0.2032 -0.1671 -0.1330 68 GLU A CG  
515 C  CD  . GLU A 68 ? 0.5203 1.0109 0.5740 -0.1269 -0.2166 -0.2266 68 GLU A CD  
516 O  OE1 . GLU A 68 ? 0.7788 0.9649 0.6613 -0.0768 -0.1880 -0.2466 68 GLU A OE1 
517 O  OE2 . GLU A 68 ? 0.5015 1.1435 0.9205 -0.3407 0.0532  -0.1843 68 GLU A OE2 
518 N  N   . ASP A 69 ? 0.4482 0.4565 0.3958 -0.1833 -0.1303 0.0328  69 ASP A N   
519 C  CA  . ASP A 69 ? 0.4162 0.4832 0.4639 -0.1235 -0.1507 -0.0020 69 ASP A CA  
520 C  C   . ASP A 69 ? 0.4675 0.3724 0.3753 -0.1142 -0.1348 -0.0424 69 ASP A C   
521 O  O   . ASP A 69 ? 0.7029 0.2679 0.3973 -0.1148 -0.0492 -0.1162 69 ASP A O   
522 C  CB  . ASP A 69 ? 0.5413 0.5233 0.3555 -0.1009 -0.0694 0.0715  69 ASP A CB  
523 C  CG  . ASP A 69 ? 0.6947 0.4678 0.2986 -0.0482 -0.0546 -0.0663 69 ASP A CG  
524 O  OD1 . ASP A 69 ? 0.5736 0.3584 0.5419 -0.1283 -0.0331 0.0231  69 ASP A OD1 
525 O  OD2 . ASP A 69 ? 0.7817 0.4710 0.3809 0.0439  -0.1427 -0.1769 69 ASP A OD2 
526 N  N   . GLU A 70 ? 0.4051 0.3094 0.4040 -0.0526 -0.2049 0.0329  70 GLU A N   
527 C  CA  . GLU A 70 ? 0.3669 0.2708 0.3820 -0.0018 -0.1881 0.0077  70 GLU A CA  
528 C  C   . GLU A 70 ? 0.3329 0.2316 0.2874 0.0157  -0.1492 -0.0535 70 GLU A C   
529 O  O   . GLU A 70 ? 0.3089 0.2326 0.2955 0.0630  -0.1243 -0.0639 70 GLU A O   
530 C  CB  . GLU A 70 ? 0.3783 0.2127 0.3839 -0.0087 -0.1968 0.0353  70 GLU A CB  
531 C  CG  . GLU A 70 ? 0.3921 0.2105 0.3980 0.0145  -0.2035 0.0062  70 GLU A CG  
532 C  CD  . GLU A 70 ? 0.4899 0.3221 0.3755 0.0972  -0.2269 -0.0107 70 GLU A CD  
533 O  OE1 . GLU A 70 ? 0.4819 0.2235 0.4101 0.0085  -0.1886 -0.0113 70 GLU A OE1 
534 O  OE2 . GLU A 70 ? 0.5603 0.3990 0.5163 0.1636  -0.3463 -0.1154 70 GLU A OE2 
535 N  N   . LEU A 71 ? 0.2677 0.2136 0.3017 -0.0561 -0.1113 -0.0139 71 LEU A N   
536 C  CA  . LEU A 71 ? 0.2996 0.2146 0.2451 -0.0017 -0.1059 -0.0672 71 LEU A CA  
537 C  C   . LEU A 71 ? 0.3036 0.2055 0.2232 -0.0577 -0.0757 -0.0444 71 LEU A C   
538 O  O   . LEU A 71 ? 0.2111 0.2480 0.2405 -0.0559 -0.0669 -0.0219 71 LEU A O   
539 C  CB  . LEU A 71 ? 0.2420 0.2794 0.2212 -0.0369 -0.1101 -0.0677 71 LEU A CB  
540 C  CG  . LEU A 71 ? 0.2261 0.2591 0.2295 -0.0783 -0.0782 -0.0746 71 LEU A CG  
541 C  CD1 . LEU A 71 ? 0.2650 0.2897 0.1898 -0.0171 -0.0700 -0.0085 71 LEU A CD1 
542 C  CD2 . LEU A 71 ? 0.2677 0.2094 0.1574 -0.0348 -0.0939 -0.0205 71 LEU A CD2 
554 N  N   . ALA A 73 ? 0.3926 0.1912 0.2147 0.0504  -0.0961 -0.0776 73 ALA A N   
555 C  CA  . ALA A 73 ? 0.2953 0.1551 0.3568 0.0224  -0.0929 -0.0909 73 ALA A CA  
556 C  C   . ALA A 73 ? 0.3259 0.1396 0.3626 0.0352  -0.0743 -0.0927 73 ALA A C   
557 O  O   . ALA A 73 ? 0.3235 0.2689 0.3899 -0.0946 -0.0315 -0.1369 73 ALA A O   
558 C  CB  . ALA A 73 ? 0.3501 0.1868 0.3543 0.0171  -0.1333 -0.0644 73 ALA A CB  
559 N  N   . LYS A 74 ? 0.2016 0.1802 0.3950 0.0034  -0.1171 -0.1289 74 LYS A N   
560 C  CA  . LYS A 74 ? 0.1970 0.1833 0.3233 -0.0074 -0.1538 -0.1434 74 LYS A CA  
561 C  C   . LYS A 74 ? 0.1665 0.2468 0.2779 -0.0127 -0.1195 -0.1393 74 LYS A C   
562 O  O   . LYS A 74 ? 0.2028 0.3016 0.2983 0.0529  -0.0721 -0.1169 74 LYS A O   
563 C  CB  . LYS A 74 ? 0.2807 0.1859 0.2100 -0.0330 -0.0919 -0.0904 74 LYS A CB  
564 C  CG  . LYS A 74 ? 0.2303 0.2043 0.3021 -0.0720 -0.0802 -0.1304 74 LYS A CG  
565 C  CD  . LYS A 74 ? 0.2316 0.2099 0.3001 -0.0426 -0.0827 -0.1301 74 LYS A CD  
566 C  CE  . LYS A 74 ? 0.2283 0.3041 0.3463 0.0122  -0.1381 -0.1832 74 LYS A CE  
567 N  NZ  . LYS A 74 ? 0.2449 0.2229 0.2717 -0.0496 -0.0569 -0.1073 74 LYS A NZ  
568 N  N   . TYR A 75 ? 0.1689 0.2517 0.3186 0.0200  -0.1046 -0.1031 75 TYR A N   
569 C  CA  . TYR A 75 ? 0.1440 0.3007 0.2394 0.0115  -0.0560 -0.0929 75 TYR A CA  
570 C  C   . TYR A 75 ? 0.2237 0.3065 0.2620 -0.0177 -0.0316 -0.1101 75 TYR A C   
571 O  O   . TYR A 75 ? 0.1867 0.3170 0.2438 -0.0369 -0.0627 -0.1224 75 TYR A O   
572 C  CB  . TYR A 75 ? 0.1467 0.3201 0.2656 -0.0170 -0.0568 -0.0808 75 TYR A CB  
573 C  CG  . TYR A 75 ? 0.1587 0.3319 0.2586 -0.0320 -0.0603 -0.0673 75 TYR A CG  
574 C  CD1 . TYR A 75 ? 0.1949 0.3049 0.1713 -0.0324 -0.0533 -0.0992 75 TYR A CD1 
575 C  CD2 . TYR A 75 ? 0.1698 0.3131 0.2313 -0.0761 -0.0722 0.0047  75 TYR A CD2 
576 C  CE1 . TYR A 75 ? 0.1421 0.2890 0.1951 -0.0693 -0.0385 -0.0793 75 TYR A CE1 
577 C  CE2 . TYR A 75 ? 0.1862 0.3008 0.2709 -0.0495 -0.1012 -0.0083 75 TYR A CE2 
578 C  CZ  . TYR A 75 ? 0.1852 0.2668 0.2201 -0.0853 -0.0902 -0.0164 75 TYR A CZ  
579 O  OH  . TYR A 75 ? 0.2424 0.2564 0.3051 -0.0024 -0.1663 -0.1022 75 TYR A OH  
580 N  N   . GLU A 76 ? 0.1847 0.3072 0.2650 -0.0144 -0.0684 -0.1235 76 GLU A N   
581 C  CA  . GLU A 76 ? 0.2681 0.3086 0.2862 -0.0739 -0.0241 -0.1365 76 GLU A CA  
582 C  C   . GLU A 76 ? 0.2511 0.2870 0.2814 -0.0334 -0.0279 -0.1239 76 GLU A C   
583 O  O   . GLU A 76 ? 0.3091 0.3136 0.2796 -0.0499 -0.0040 -0.1462 76 GLU A O   
584 C  CB  . GLU A 76 ? 0.3024 0.3022 0.3022 -0.0890 -0.0404 -0.1438 76 GLU A CB  
585 C  CG  . GLU A 76 ? 0.3332 0.3480 0.3678 -0.1206 0.0144  -0.1485 76 GLU A CG  
586 C  CD  . GLU A 76 ? 0.4223 0.3781 0.4969 -0.1299 0.0496  -0.0865 76 GLU A CD  
587 O  OE1 . GLU A 76 ? 0.5490 0.3268 0.7767 -0.0545 -0.0143 -0.0767 76 GLU A OE1 
588 O  OE2 . GLU A 76 ? 0.5339 0.4010 0.5968 -0.2374 0.1527  -0.1723 76 GLU A OE2 
589 N  N   . ARG A 77 ? 0.2217 0.2092 0.3425 0.0166  -0.0467 -0.1198 77 ARG A N   
590 C  CA  . ARG A 77 ? 0.2081 0.2679 0.2814 0.0441  -0.0604 -0.0926 77 ARG A CA  
591 C  C   . ARG A 77 ? 0.2188 0.2905 0.2617 0.0537  -0.0419 -0.0764 77 ARG A C   
592 O  O   . ARG A 77 ? 0.2649 0.2631 0.2911 -0.0135 0.0012  -0.1097 77 ARG A O   
593 C  CB  . ARG A 77 ? 0.1811 0.3078 0.3204 0.1165  -0.0691 -0.1262 77 ARG A CB  
594 C  CG  . ARG A 77 ? 0.2816 0.2903 0.3921 0.1350  -0.1412 -0.1668 77 ARG A CG  
595 C  CD  . ARG A 77 ? 0.2864 0.3129 0.3982 0.1336  -0.1553 -0.1339 77 ARG A CD  
596 N  NE  . ARG A 77 ? 0.2696 0.4040 0.3911 0.1003  -0.1478 -0.1231 77 ARG A NE  
597 C  CZ  . ARG A 77 ? 0.3607 0.4448 0.3648 0.0621  -0.0089 -0.1646 77 ARG A CZ  
598 N  NH1 . ARG A 77 ? 0.2049 0.4365 0.3852 0.0408  -0.0787 -0.1634 77 ARG A NH1 
599 N  NH2 . ARG A 77 ? 0.2856 0.5629 0.3486 0.2017  -0.0401 -0.1482 77 ARG A NH2 
600 N  N   . ILE A 78 ? 0.1786 0.2535 0.2495 0.0177  -0.0580 -0.0824 78 ILE A N   
601 C  CA  . ILE A 78 ? 0.2270 0.2471 0.2068 -0.0030 -0.0561 -0.0946 78 ILE A CA  
602 C  C   . ILE A 78 ? 0.2443 0.2509 0.2005 -0.0254 -0.0582 -0.0843 78 ILE A C   
603 O  O   . ILE A 78 ? 0.2618 0.3843 0.1909 -0.0254 -0.0284 -0.0694 78 ILE A O   
604 C  CB  . ILE A 78 ? 0.2267 0.2401 0.1547 0.0207  -0.0408 -0.0431 78 ILE A CB  
605 C  CG1 . ILE A 78 ? 0.2434 0.3184 0.1899 0.0678  -0.0629 -0.1171 78 ILE A CG1 
606 C  CG2 . ILE A 78 ? 0.1570 0.2390 0.2147 -0.0083 0.0052  0.0033  78 ILE A CG2 
607 C  CD1 . ILE A 78 ? 0.2345 0.2186 0.1454 -0.0457 -0.0141 -0.0313 78 ILE A CD1 
608 N  N   . THR A 79 ? 0.2305 0.3421 0.2132 -0.0486 -0.0269 -0.1390 79 THR A N   
609 C  CA  . THR A 79 ? 0.2367 0.3668 0.1898 -0.0536 -0.0185 -0.1375 79 THR A CA  
610 C  C   . THR A 79 ? 0.2824 0.4871 0.2522 0.0408  -0.0715 -0.2254 79 THR A C   
611 O  O   . THR A 79 ? 0.3462 0.3848 0.2061 -0.0077 -0.0437 -0.1560 79 THR A O   
612 C  CB  . THR A 79 ? 0.2349 0.3508 0.1344 -0.0317 -0.0353 -0.0625 79 THR A CB  
613 O  OG1 . THR A 79 ? 0.2608 0.3618 0.2033 -0.0430 -0.0849 -0.0333 79 THR A OG1 
614 C  CG2 . THR A 79 ? 0.2406 0.3949 0.1592 0.0447  -0.0530 -0.0783 79 THR A CG2 
615 N  N   . GLY A 80 ? 0.5325 0.5780 0.2606 0.1921  -0.1591 -0.2795 80 GLY A N   
616 C  CA  . GLY A 80 ? 0.6625 0.5557 0.5217 0.1824  -0.2331 -0.3838 80 GLY A CA  
617 C  C   . GLY A 80 ? 0.6999 0.6828 0.5250 0.1110  -0.1341 -0.4259 80 GLY A C   
618 O  O   . GLY A 80 ? 0.6989 0.9939 0.6319 0.0604  -0.0747 -0.5790 80 GLY A O   
628 FE FE1 . SF4 B .  ? 0.1833 0.2517 0.1804 0.0000  -0.0236 -0.0654 83 SF4 A FE1 
629 FE FE2 . SF4 B .  ? 0.1826 0.2596 0.1748 0.0068  -0.0183 -0.0502 83 SF4 A FE2 
630 FE FE3 . SF4 B .  ? 0.1724 0.2521 0.1591 0.0049  -0.0226 -0.0458 83 SF4 A FE3 
631 FE FE4 . SF4 B .  ? 0.1919 0.2400 0.1651 -0.0003 -0.0250 -0.0550 83 SF4 A FE4 
632 S  S1  . SF4 B .  ? 0.1619 0.2329 0.1868 -0.0032 -0.0301 -0.0521 83 SF4 A S1  
633 S  S2  . SF4 B .  ? 0.1850 0.2520 0.1577 0.0143  -0.0340 -0.0493 83 SF4 A S2  
634 S  S3  . SF4 B .  ? 0.1892 0.2524 0.1827 0.0095  -0.0257 -0.0591 83 SF4 A S3  
635 S  S4  . SF4 B .  ? 0.2029 0.2213 0.1738 0.0142  -0.0279 -0.0477 83 SF4 A S4  
636 FE FE1 . SF4 C .  ? 0.1790 0.2536 0.1519 -0.0063 -0.0575 -0.0552 84 SF4 A FE1 
637 FE FE2 . SF4 C .  ? 0.1768 0.2698 0.1513 -0.0172 -0.0425 -0.0536 84 SF4 A FE2 
638 FE FE3 . SF4 C .  ? 0.1796 0.2535 0.1396 0.0022  -0.0563 -0.0476 84 SF4 A FE3 
639 FE FE4 . SF4 C .  ? 0.1660 0.2734 0.1542 -0.0076 -0.0537 -0.0617 84 SF4 A FE4 
640 S  S1  . SF4 C .  ? 0.1714 0.2585 0.1559 0.0248  -0.0519 -0.0649 84 SF4 A S1  
641 S  S2  . SF4 C .  ? 0.1758 0.2593 0.1516 -0.0040 -0.0561 -0.0709 84 SF4 A S2  
642 S  S3  . SF4 C .  ? 0.1966 0.2330 0.1621 0.0040  -0.0555 -0.0645 84 SF4 A S3  
643 S  S4  . SF4 C .  ? 0.1848 0.3055 0.1397 -0.0080 -0.0715 -0.0444 84 SF4 A S4  
# 
loop_
_pdbx_poly_seq_scheme.asym_id 
_pdbx_poly_seq_scheme.entity_id 
_pdbx_poly_seq_scheme.seq_id 
_pdbx_poly_seq_scheme.mon_id 
_pdbx_poly_seq_scheme.ndb_seq_num 
_pdbx_poly_seq_scheme.pdb_seq_num 
_pdbx_poly_seq_scheme.auth_seq_num 
_pdbx_poly_seq_scheme.pdb_mon_id 
_pdbx_poly_seq_scheme.auth_mon_id 
_pdbx_poly_seq_scheme.pdb_strand_id 
_pdbx_poly_seq_scheme.pdb_ins_code 
_pdbx_poly_seq_scheme.hetero 
A 1 1  ALA 1  1  1  ALA ALA A . n 
A 1 2  LEU 2  2  2  LEU LEU A . n 
A 1 3  MET 3  3  3  MET MET A . n 
A 1 4  ILE 4  4  4  ILE ILE A . n 
A 1 5  THR 5  5  5  THR THR A . n 
A 1 6  ASP 6  6  6  ASP ASP A . n 
A 1 7  GLU 7  7  7  GLU GLU A . n 
A 1 8  CYS 8  8  8  CYS CYS A . n 
A 1 9  ILE 9  9  9  ILE ILE A . n 
A 1 10 ASN 10 10 10 ASN ASN A . n 
A 1 11 CYS 11 11 11 CYS CYS A . n 
A 1 12 ASP 12 12 12 ASP ASP A . n 
A 1 13 GLY 13 13 13 GLY GLY A . n 
A 1 14 CYS 14 14 14 CYS CYS A . n 
A 1 15 GLU 15 15 15 GLU GLU A . n 
A 1 16 PRO 16 16 16 PRO PRO A . n 
A 1 17 GLU 17 17 17 GLU GLU A . n 
A 1 18 CYS 18 18 18 CYS CYS A . n 
A 1 19 PRO 19 19 19 PRO PRO A . n 
A 1 20 ASN 20 20 20 ASN ASN A . n 
A 1 21 GLY 21 21 21 GLY GLY A . n 
A 1 22 ALA 22 22 22 ALA ALA A . n 
A 1 23 ILE 23 23 23 ILE ILE A . n 
A 1 24 SER 24 24 24 SER SER A . n 
A 1 25 GLN 25 25 25 GLN GLN A . n 
A 1 26 GLY 26 26 26 GLY GLY A . n 
A 1 27 ASP 27 27 27 ASP ASP A . n 
A 1 28 GLU 28 28 28 GLU GLU A . n 
A 1 29 THR 29 29 29 THR THR A . n 
A 1 30 TYR 30 30 30 TYR TYR A . n 
A 1 31 VAL 31 31 31 VAL VAL A . n 
A 1 32 ILE 32 32 32 ILE ILE A . n 
A 1 33 GLU 33 33 33 GLU GLU A . n 
A 1 34 PRO 34 34 34 PRO PRO A . n 
A 1 35 SER 35 35 35 SER SER A . n 
A 1 36 LEU 36 36 36 LEU LEU A . n 
A 1 37 CYS 37 37 37 CYS CYS A . n 
A 1 38 THR 38 38 38 THR THR A . n 
A 1 39 GLU 39 39 39 GLU GLU A . n 
A 1 40 CYS 40 40 40 CYS CYS A . n 
A 1 41 VAL 41 41 41 VAL VAL A . n 
A 1 42 GLY 42 42 42 GLY GLY A . n 
A 1 43 HIS 43 43 43 HIS HIS A . n 
A 1 44 TYR 44 44 44 TYR TYR A . n 
A 1 45 GLU 45 45 45 GLU GLU A . n 
A 1 46 THR 46 46 46 THR THR A . n 
A 1 47 SER 47 47 47 SER SER A . n 
A 1 48 GLN 48 48 48 GLN GLN A . n 
A 1 49 CYS 49 49 49 CYS CYS A . n 
A 1 50 VAL 50 50 50 VAL VAL A . n 
A 1 51 GLU 51 51 51 GLU GLU A . n 
A 1 52 VAL 52 52 52 VAL VAL A . n 
A 1 53 CYS 53 53 53 CYS CYS A . n 
A 1 54 PRO 54 54 54 PRO PRO A . n 
A 1 55 VAL 55 55 55 VAL VAL A . n 
A 1 56 ASP 56 56 56 ASP ASP A . n 
A 1 57 CYS 57 57 57 CYS CYS A . n 
A 1 58 ILE 58 58 58 ILE ILE A . n 
A 1 59 ILE 59 59 59 ILE ILE A . n 
A 1 60 LYS 60 60 60 LYS LYS A . n 
A 1 61 ASP 61 61 61 ASP ASP A . n 
A 1 62 PRO 62 62 62 PRO PRO A . n 
A 1 63 SER 63 63 63 SER SER A . n 
A 1 64 HIS 64 64 64 HIS HIS A . n 
A 1 65 GLU 65 65 65 GLU GLU A . n 
A 1 66 GLU 66 66 66 GLU GLU A . n 
A 1 67 THR 67 67 67 THR THR A . n 
A 1 68 GLU 68 68 68 GLU GLU A . n 
A 1 69 ASP 69 69 69 ASP ASP A . n 
A 1 70 GLU 70 70 70 GLU GLU A . n 
A 1 71 LEU 71 71 71 LEU LEU A . n 
A 1 72 ARG 72 72 72 ARG ARG A . n 
A 1 73 ALA 73 73 73 ALA ALA A . n 
A 1 74 LYS 74 74 74 LYS LYS A . n 
A 1 75 TYR 75 75 75 TYR TYR A . n 
A 1 76 GLU 76 76 76 GLU GLU A . n 
A 1 77 ARG 77 77 77 ARG ARG A . n 
A 1 78 ILE 78 78 78 ILE ILE A . n 
A 1 79 THR 79 79 79 THR THR A . n 
A 1 80 GLY 80 80 80 GLY GLY A . n 
A 1 81 GLU 81 81 81 GLU GLU A . n 
A 1 82 GLY 82 82 ?  ?   ?   A . n 
# 
loop_
_pdbx_nonpoly_scheme.asym_id 
_pdbx_nonpoly_scheme.entity_id 
_pdbx_nonpoly_scheme.mon_id 
_pdbx_nonpoly_scheme.ndb_seq_num 
_pdbx_nonpoly_scheme.pdb_seq_num 
_pdbx_nonpoly_scheme.auth_seq_num 
_pdbx_nonpoly_scheme.pdb_mon_id 
_pdbx_nonpoly_scheme.auth_mon_id 
_pdbx_nonpoly_scheme.pdb_strand_id 
_pdbx_nonpoly_scheme.pdb_ins_code 
B 2 SF4 1   83  1   SF4 FS4 A . 
C 2 SF4 1   84  2   SF4 FS4 A . 
D 3 HOH 1   85  85  HOH HOH A . 
D 3 HOH 2   86  86  HOH HOH A . 
D 3 HOH 3   87  87  HOH HOH A . 
D 3 HOH 4   88  88  HOH HOH A . 
D 3 HOH 5   89  89  HOH HOH A . 
D 3 HOH 6   90  90  HOH HOH A . 
D 3 HOH 7   91  91  HOH HOH A . 
D 3 HOH 8   92  92  HOH HOH A . 
D 3 HOH 9   93  93  HOH HOH A . 
D 3 HOH 10  94  94  HOH HOH A . 
D 3 HOH 11  95  95  HOH HOH A . 
D 3 HOH 12  96  96  HOH HOH A . 
D 3 HOH 13  97  97  HOH HOH A . 
D 3 HOH 14  98  98  HOH HOH A . 
D 3 HOH 15  99  1   HOH HOH A . 
D 3 HOH 16  100 100 HOH HOH A . 
D 3 HOH 17  101 101 HOH HOH A . 
D 3 HOH 18  102 102 HOH HOH A . 
D 3 HOH 19  103 103 HOH HOH A . 
D 3 HOH 20  104 104 HOH HOH A . 
D 3 HOH 21  105 105 HOH HOH A . 
D 3 HOH 22  106 106 HOH HOH A . 
D 3 HOH 23  107 107 HOH HOH A . 
D 3 HOH 24  108 108 HOH HOH A . 
D 3 HOH 25  109 109 HOH HOH A . 
D 3 HOH 26  110 110 HOH HOH A . 
D 3 HOH 27  111 111 HOH HOH A . 
D 3 HOH 28  112 2   HOH HOH A . 
D 3 HOH 29  113 113 HOH HOH A . 
D 3 HOH 30  114 114 HOH HOH A . 
D 3 HOH 31  115 115 HOH HOH A . 
D 3 HOH 32  116 116 HOH HOH A . 
D 3 HOH 33  117 117 HOH HOH A . 
D 3 HOH 34  118 118 HOH HOH A . 
D 3 HOH 35  119 119 HOH HOH A . 
D 3 HOH 36  120 120 HOH HOH A . 
D 3 HOH 37  121 121 HOH HOH A . 
D 3 HOH 38  122 3   HOH HOH A . 
D 3 HOH 39  123 123 HOH HOH A . 
D 3 HOH 40  124 124 HOH HOH A . 
D 3 HOH 41  125 125 HOH HOH A . 
D 3 HOH 42  126 126 HOH HOH A . 
D 3 HOH 43  127 127 HOH HOH A . 
D 3 HOH 44  128 128 HOH HOH A . 
D 3 HOH 45  129 129 HOH HOH A . 
D 3 HOH 46  130 130 HOH HOH A . 
D 3 HOH 47  131 131 HOH HOH A . 
D 3 HOH 48  132 132 HOH HOH A . 
D 3 HOH 49  133 133 HOH HOH A . 
D 3 HOH 50  134 134 HOH HOH A . 
D 3 HOH 51  135 135 HOH HOH A . 
D 3 HOH 52  136 136 HOH HOH A . 
D 3 HOH 53  137 4   HOH HOH A . 
D 3 HOH 54  138 138 HOH HOH A . 
D 3 HOH 55  139 139 HOH HOH A . 
D 3 HOH 56  140 5   HOH HOH A . 
D 3 HOH 57  141 141 HOH HOH A . 
D 3 HOH 58  142 142 HOH HOH A . 
D 3 HOH 59  143 143 HOH HOH A . 
D 3 HOH 60  144 144 HOH HOH A . 
D 3 HOH 61  145 145 HOH HOH A . 
D 3 HOH 62  146 146 HOH HOH A . 
D 3 HOH 63  147 147 HOH HOH A . 
D 3 HOH 64  148 148 HOH HOH A . 
D 3 HOH 65  149 149 HOH HOH A . 
D 3 HOH 66  150 150 HOH HOH A . 
D 3 HOH 67  151 151 HOH HOH A . 
D 3 HOH 68  152 152 HOH HOH A . 
D 3 HOH 69  153 153 HOH HOH A . 
D 3 HOH 70  154 6   HOH HOH A . 
D 3 HOH 71  155 155 HOH HOH A . 
D 3 HOH 72  156 156 HOH HOH A . 
D 3 HOH 73  157 7   HOH HOH A . 
D 3 HOH 74  158 158 HOH HOH A . 
D 3 HOH 75  159 8   HOH HOH A . 
D 3 HOH 76  160 160 HOH HOH A . 
D 3 HOH 77  161 161 HOH HOH A . 
D 3 HOH 78  162 162 HOH HOH A . 
D 3 HOH 79  163 163 HOH HOH A . 
D 3 HOH 80  164 164 HOH HOH A . 
D 3 HOH 81  165 9   HOH HOH A . 
D 3 HOH 82  166 166 HOH HOH A . 
D 3 HOH 83  167 10  HOH HOH A . 
D 3 HOH 84  168 168 HOH HOH A . 
D 3 HOH 85  169 169 HOH HOH A . 
D 3 HOH 86  170 11  HOH HOH A . 
D 3 HOH 87  171 12  HOH HOH A . 
D 3 HOH 88  172 13  HOH HOH A . 
D 3 HOH 89  173 173 HOH HOH A . 
D 3 HOH 90  174 174 HOH HOH A . 
D 3 HOH 91  175 175 HOH HOH A . 
D 3 HOH 92  176 176 HOH HOH A . 
D 3 HOH 93  177 14  HOH HOH A . 
D 3 HOH 94  178 15  HOH HOH A . 
D 3 HOH 95  179 16  HOH HOH A . 
D 3 HOH 96  180 17  HOH HOH A . 
D 3 HOH 97  181 18  HOH HOH A . 
D 3 HOH 98  182 19  HOH HOH A . 
D 3 HOH 99  183 183 HOH HOH A . 
D 3 HOH 100 184 20  HOH HOH A . 
D 3 HOH 101 185 185 HOH HOH A . 
D 3 HOH 102 186 186 HOH HOH A . 
D 3 HOH 103 187 187 HOH HOH A . 
D 3 HOH 104 188 21  HOH HOH A . 
D 3 HOH 105 189 22  HOH HOH A . 
D 3 HOH 106 190 23  HOH HOH A . 
D 3 HOH 107 191 191 HOH HOH A . 
D 3 HOH 108 192 192 HOH HOH A . 
D 3 HOH 109 193 24  HOH HOH A . 
D 3 HOH 110 194 25  HOH HOH A . 
D 3 HOH 111 195 26  HOH HOH A . 
D 3 HOH 112 196 27  HOH HOH A . 
D 3 HOH 113 197 28  HOH HOH A . 
D 3 HOH 114 198 29  HOH HOH A . 
D 3 HOH 115 199 30  HOH HOH A . 
D 3 HOH 116 200 31  HOH HOH A . 
D 3 HOH 117 201 32  HOH HOH A . 
D 3 HOH 118 202 33  HOH HOH A . 
D 3 HOH 119 203 34  HOH HOH A . 
D 3 HOH 120 204 35  HOH HOH A . 
D 3 HOH 121 205 36  HOH HOH A . 
D 3 HOH 122 206 37  HOH HOH A . 
D 3 HOH 123 207 38  HOH HOH A . 
D 3 HOH 124 208 39  HOH HOH A . 
D 3 HOH 125 209 40  HOH HOH A . 
D 3 HOH 126 210 41  HOH HOH A . 
D 3 HOH 127 211 42  HOH HOH A . 
D 3 HOH 128 212 43  HOH HOH A . 
D 3 HOH 129 213 44  HOH HOH A . 
D 3 HOH 130 214 45  HOH HOH A . 
D 3 HOH 131 215 46  HOH HOH A . 
D 3 HOH 132 216 47  HOH HOH A . 
D 3 HOH 133 217 48  HOH HOH A . 
D 3 HOH 134 218 49  HOH HOH A . 
D 3 HOH 135 219 50  HOH HOH A . 
D 3 HOH 136 220 51  HOH HOH A . 
D 3 HOH 137 221 52  HOH HOH A . 
D 3 HOH 138 222 53  HOH HOH A . 
D 3 HOH 139 223 54  HOH HOH A . 
D 3 HOH 140 224 55  HOH HOH A . 
D 3 HOH 141 225 56  HOH HOH A . 
D 3 HOH 142 226 57  HOH HOH A . 
D 3 HOH 143 227 58  HOH HOH A . 
D 3 HOH 144 228 59  HOH HOH A . 
D 3 HOH 145 229 60  HOH HOH A . 
D 3 HOH 146 230 61  HOH HOH A . 
D 3 HOH 147 231 62  HOH HOH A . 
D 3 HOH 148 232 63  HOH HOH A . 
D 3 HOH 149 233 64  HOH HOH A . 
D 3 HOH 150 234 65  HOH HOH A . 
D 3 HOH 151 235 66  HOH HOH A . 
D 3 HOH 152 236 67  HOH HOH A . 
D 3 HOH 153 237 68  HOH HOH A . 
D 3 HOH 154 238 69  HOH HOH A . 
D 3 HOH 155 239 70  HOH HOH A . 
D 3 HOH 156 240 71  HOH HOH A . 
D 3 HOH 157 241 72  HOH HOH A . 
D 3 HOH 158 242 73  HOH HOH A . 
D 3 HOH 159 243 74  HOH HOH A . 
D 3 HOH 160 244 75  HOH HOH A . 
D 3 HOH 161 245 76  HOH HOH A . 
D 3 HOH 162 246 77  HOH HOH A . 
D 3 HOH 163 247 78  HOH HOH A . 
D 3 HOH 164 248 79  HOH HOH A . 
D 3 HOH 165 249 80  HOH HOH A . 
D 3 HOH 166 250 81  HOH HOH A . 
D 3 HOH 167 251 82  HOH HOH A . 
D 3 HOH 168 252 83  HOH HOH A . 
D 3 HOH 169 253 84  HOH HOH A . 
# 
_pdbx_struct_assembly.id                   1 
_pdbx_struct_assembly.details              author_and_software_defined_assembly 
_pdbx_struct_assembly.method_details       PISA 
_pdbx_struct_assembly.oligomeric_details   monomeric 
_pdbx_struct_assembly.oligomeric_count     1 
# 
_pdbx_struct_assembly_gen.assembly_id       1 
_pdbx_struct_assembly_gen.oper_expression   1 
_pdbx_struct_assembly_gen.asym_id_list      A,B,C,D 
# 
_pdbx_struct_oper_list.id                   1 
_pdbx_struct_oper_list.type                 'identity operation' 
_pdbx_struct_oper_list.name                 1_555 
_pdbx_struct_oper_list.symmetry_operation   x,y,z 
_pdbx_struct_oper_list.matrix[1][1]         1.0000000000 
_pdbx_struct_oper_list.matrix[1][2]         0.0000000000 
_pdbx_struct_oper_list.matrix[1][3]         0.0000000000 
_pdbx_struct_oper_list.vector[1]            0.0000000000 
_pdbx_struct_oper_list.matrix[2][1]         0.0000000000 
_pdbx_struct_oper_list.matrix[2][2]         1.0000000000 
_pdbx_struct_oper_list.matrix[2][3]         0.0000000000 
_pdbx_struct_oper_list.vector[2]            0.0000000000 
_pdbx_struct_oper_list.matrix[3][1]         0.0000000000 
_pdbx_struct_oper_list.matrix[3][2]         0.0000000000 
_pdbx_struct_oper_list.matrix[3][3]         1.0000000000 
_pdbx_struct_oper_list.vector[3]            0.0000000000 
# 
_pdbx_struct_special_symmetry.id              1 
_pdbx_struct_special_symmetry.PDB_model_num   1 
_pdbx_struct_special_symmetry.auth_asym_id    A 
_pdbx_struct_special_symmetry.auth_comp_id    HOH 
_pdbx_struct_special_symmetry.auth_seq_id     151 
_pdbx_struct_special_symmetry.PDB_ins_code    ? 
_pdbx_struct_special_symmetry.label_asym_id   D 
_pdbx_struct_special_symmetry.label_comp_id   HOH 
_pdbx_struct_special_symmetry.label_seq_id    . 
# 
loop_
_pdbx_struct_conn_angle.id 
_pdbx_struct_conn_angle.ptnr1_label_atom_id 
_pdbx_struct_conn_angle.ptnr1_label_alt_id 
_pdbx_struct_conn_angle.ptnr1_label_asym_id 
_pdbx_struct_conn_angle.ptnr1_label_comp_id 
_pdbx_struct_conn_angle.ptnr1_label_seq_id 
_pdbx_struct_conn_angle.ptnr1_auth_atom_id 
_pdbx_struct_conn_angle.ptnr1_auth_asym_id 
_pdbx_struct_conn_angle.ptnr1_auth_comp_id 
_pdbx_struct_conn_angle.ptnr1_auth_seq_id 
_pdbx_struct_conn_angle.ptnr1_PDB_ins_code 
_pdbx_struct_conn_angle.ptnr1_symmetry 
_pdbx_struct_conn_angle.ptnr2_label_atom_id 
_pdbx_struct_conn_angle.ptnr2_label_alt_id 
_pdbx_struct_conn_angle.ptnr2_label_asym_id 
_pdbx_struct_conn_angle.ptnr2_label_comp_id 
_pdbx_struct_conn_angle.ptnr2_label_seq_id 
_pdbx_struct_conn_angle.ptnr2_auth_atom_id 
_pdbx_struct_conn_angle.ptnr2_auth_asym_id 
_pdbx_struct_conn_angle.ptnr2_auth_comp_id 
_pdbx_struct_conn_angle.ptnr2_auth_seq_id 
_pdbx_struct_conn_angle.ptnr2_PDB_ins_code 
_pdbx_struct_conn_angle.ptnr2_symmetry 
_pdbx_struct_conn_angle.ptnr3_label_atom_id 
_pdbx_struct_conn_angle.ptnr3_label_alt_id 
_pdbx_struct_conn_angle.ptnr3_label_asym_id 
_pdbx_struct_conn_angle.ptnr3_label_comp_id 
_pdbx_struct_conn_angle.ptnr3_label_seq_id 
_pdbx_struct_conn_angle.ptnr3_auth_atom_id 
_pdbx_struct_conn_angle.ptnr3_auth_asym_id 
_pdbx_struct_conn_angle.ptnr3_auth_comp_id 
_pdbx_struct_conn_angle.ptnr3_auth_seq_id 
_pdbx_struct_conn_angle.ptnr3_PDB_ins_code 
_pdbx_struct_conn_angle.ptnr3_symmetry 
_pdbx_struct_conn_angle.value 
_pdbx_struct_conn_angle.value_esd 
1  SG ? A CYS 8  ? A CYS 8  ? 1_555 FE1 ? B SF4 . ? A SF4 83 ? 1_555 S2 ? B SF4 . ? A SF4 83 ? 1_555 117.0 ? 
2  SG ? A CYS 8  ? A CYS 8  ? 1_555 FE1 ? B SF4 . ? A SF4 83 ? 1_555 S3 ? B SF4 . ? A SF4 83 ? 1_555 119.3 ? 
3  S2 ? B SF4 .  ? A SF4 83 ? 1_555 FE1 ? B SF4 . ? A SF4 83 ? 1_555 S3 ? B SF4 . ? A SF4 83 ? 1_555 104.3 ? 
4  SG ? A CYS 8  ? A CYS 8  ? 1_555 FE1 ? B SF4 . ? A SF4 83 ? 1_555 S4 ? B SF4 . ? A SF4 83 ? 1_555 104.3 ? 
5  S2 ? B SF4 .  ? A SF4 83 ? 1_555 FE1 ? B SF4 . ? A SF4 83 ? 1_555 S4 ? B SF4 . ? A SF4 83 ? 1_555 105.8 ? 
6  S3 ? B SF4 .  ? A SF4 83 ? 1_555 FE1 ? B SF4 . ? A SF4 83 ? 1_555 S4 ? B SF4 . ? A SF4 83 ? 1_555 104.8 ? 
7  SG ? A CYS 11 ? A CYS 11 ? 1_555 FE2 ? B SF4 . ? A SF4 83 ? 1_555 S1 ? B SF4 . ? A SF4 83 ? 1_555 102.9 ? 
8  SG ? A CYS 11 ? A CYS 11 ? 1_555 FE2 ? B SF4 . ? A SF4 83 ? 1_555 S3 ? B SF4 . ? A SF4 83 ? 1_555 119.3 ? 
9  S1 ? B SF4 .  ? A SF4 83 ? 1_555 FE2 ? B SF4 . ? A SF4 83 ? 1_555 S3 ? B SF4 . ? A SF4 83 ? 1_555 105.0 ? 
10 SG ? A CYS 11 ? A CYS 11 ? 1_555 FE2 ? B SF4 . ? A SF4 83 ? 1_555 S4 ? B SF4 . ? A SF4 83 ? 1_555 119.3 ? 
11 S1 ? B SF4 .  ? A SF4 83 ? 1_555 FE2 ? B SF4 . ? A SF4 83 ? 1_555 S4 ? B SF4 . ? A SF4 83 ? 1_555 104.0 ? 
12 S3 ? B SF4 .  ? A SF4 83 ? 1_555 FE2 ? B SF4 . ? A SF4 83 ? 1_555 S4 ? B SF4 . ? A SF4 83 ? 1_555 104.4 ? 
13 SG ? A CYS 14 ? A CYS 14 ? 1_555 FE3 ? B SF4 . ? A SF4 83 ? 1_555 S1 ? B SF4 . ? A SF4 83 ? 1_555 110.5 ? 
14 SG ? A CYS 14 ? A CYS 14 ? 1_555 FE3 ? B SF4 . ? A SF4 83 ? 1_555 S2 ? B SF4 . ? A SF4 83 ? 1_555 118.3 ? 
15 S1 ? B SF4 .  ? A SF4 83 ? 1_555 FE3 ? B SF4 . ? A SF4 83 ? 1_555 S2 ? B SF4 . ? A SF4 83 ? 1_555 104.0 ? 
16 SG ? A CYS 14 ? A CYS 14 ? 1_555 FE3 ? B SF4 . ? A SF4 83 ? 1_555 S4 ? B SF4 . ? A SF4 83 ? 1_555 111.9 ? 
17 S1 ? B SF4 .  ? A SF4 83 ? 1_555 FE3 ? B SF4 . ? A SF4 83 ? 1_555 S4 ? B SF4 . ? A SF4 83 ? 1_555 105.5 ? 
18 S2 ? B SF4 .  ? A SF4 83 ? 1_555 FE3 ? B SF4 . ? A SF4 83 ? 1_555 S4 ? B SF4 . ? A SF4 83 ? 1_555 105.6 ? 
19 SG ? A CYS 18 ? A CYS 18 ? 1_555 FE4 ? C SF4 . ? A SF4 84 ? 1_555 S1 ? C SF4 . ? A SF4 84 ? 1_555 111.7 ? 
20 SG ? A CYS 18 ? A CYS 18 ? 1_555 FE4 ? C SF4 . ? A SF4 84 ? 1_555 S2 ? C SF4 . ? A SF4 84 ? 1_555 118.1 ? 
21 S1 ? C SF4 .  ? A SF4 84 ? 1_555 FE4 ? C SF4 . ? A SF4 84 ? 1_555 S2 ? C SF4 . ? A SF4 84 ? 1_555 104.1 ? 
22 SG ? A CYS 18 ? A CYS 18 ? 1_555 FE4 ? C SF4 . ? A SF4 84 ? 1_555 S3 ? C SF4 . ? A SF4 84 ? 1_555 109.9 ? 
23 S1 ? C SF4 .  ? A SF4 84 ? 1_555 FE4 ? C SF4 . ? A SF4 84 ? 1_555 S3 ? C SF4 . ? A SF4 84 ? 1_555 107.2 ? 
24 S2 ? C SF4 .  ? A SF4 84 ? 1_555 FE4 ? C SF4 . ? A SF4 84 ? 1_555 S3 ? C SF4 . ? A SF4 84 ? 1_555 105.1 ? 
25 SG ? A CYS 37 ? A CYS 37 ? 1_555 FE1 ? C SF4 . ? A SF4 84 ? 1_555 S2 ? C SF4 . ? A SF4 84 ? 1_555 112.5 ? 
26 SG ? A CYS 37 ? A CYS 37 ? 1_555 FE1 ? C SF4 . ? A SF4 84 ? 1_555 S3 ? C SF4 . ? A SF4 84 ? 1_555 119.9 ? 
27 S2 ? C SF4 .  ? A SF4 84 ? 1_555 FE1 ? C SF4 . ? A SF4 84 ? 1_555 S3 ? C SF4 . ? A SF4 84 ? 1_555 105.4 ? 
28 SG ? A CYS 37 ? A CYS 37 ? 1_555 FE1 ? C SF4 . ? A SF4 84 ? 1_555 S4 ? C SF4 . ? A SF4 84 ? 1_555 108.8 ? 
29 S2 ? C SF4 .  ? A SF4 84 ? 1_555 FE1 ? C SF4 . ? A SF4 84 ? 1_555 S4 ? C SF4 . ? A SF4 84 ? 1_555 106.5 ? 
30 S3 ? C SF4 .  ? A SF4 84 ? 1_555 FE1 ? C SF4 . ? A SF4 84 ? 1_555 S4 ? C SF4 . ? A SF4 84 ? 1_555 102.6 ? 
31 SG ? A CYS 40 ? A CYS 40 ? 1_555 FE2 ? C SF4 . ? A SF4 84 ? 1_555 S1 ? C SF4 . ? A SF4 84 ? 1_555 94.0  ? 
32 SG ? A CYS 40 ? A CYS 40 ? 1_555 FE2 ? C SF4 . ? A SF4 84 ? 1_555 S3 ? C SF4 . ? A SF4 84 ? 1_555 121.9 ? 
33 S1 ? C SF4 .  ? A SF4 84 ? 1_555 FE2 ? C SF4 . ? A SF4 84 ? 1_555 S3 ? C SF4 . ? A SF4 84 ? 1_555 106.2 ? 
34 SG ? A CYS 40 ? A CYS 40 ? 1_555 FE2 ? C SF4 . ? A SF4 84 ? 1_555 S4 ? C SF4 . ? A SF4 84 ? 1_555 125.7 ? 
35 S1 ? C SF4 .  ? A SF4 84 ? 1_555 FE2 ? C SF4 . ? A SF4 84 ? 1_555 S4 ? C SF4 . ? A SF4 84 ? 1_555 102.4 ? 
36 S3 ? C SF4 .  ? A SF4 84 ? 1_555 FE2 ? C SF4 . ? A SF4 84 ? 1_555 S4 ? C SF4 . ? A SF4 84 ? 1_555 102.6 ? 
37 SG ? A CYS 49 ? A CYS 49 ? 1_555 FE3 ? C SF4 . ? A SF4 84 ? 1_555 S1 ? C SF4 . ? A SF4 84 ? 1_555 113.5 ? 
38 SG ? A CYS 49 ? A CYS 49 ? 1_555 FE3 ? C SF4 . ? A SF4 84 ? 1_555 S2 ? C SF4 . ? A SF4 84 ? 1_555 120.1 ? 
39 S1 ? C SF4 .  ? A SF4 84 ? 1_555 FE3 ? C SF4 . ? A SF4 84 ? 1_555 S2 ? C SF4 . ? A SF4 84 ? 1_555 105.0 ? 
40 SG ? A CYS 49 ? A CYS 49 ? 1_555 FE3 ? C SF4 . ? A SF4 84 ? 1_555 S4 ? C SF4 . ? A SF4 84 ? 1_555 107.6 ? 
41 S1 ? C SF4 .  ? A SF4 84 ? 1_555 FE3 ? C SF4 . ? A SF4 84 ? 1_555 S4 ? C SF4 . ? A SF4 84 ? 1_555 103.1 ? 
42 S2 ? C SF4 .  ? A SF4 84 ? 1_555 FE3 ? C SF4 . ? A SF4 84 ? 1_555 S4 ? C SF4 . ? A SF4 84 ? 1_555 105.9 ? 
43 SG ? A CYS 53 ? A CYS 53 ? 1_555 FE4 ? B SF4 . ? A SF4 83 ? 1_555 S1 ? B SF4 . ? A SF4 83 ? 1_555 110.5 ? 
44 SG ? A CYS 53 ? A CYS 53 ? 1_555 FE4 ? B SF4 . ? A SF4 83 ? 1_555 S2 ? B SF4 . ? A SF4 83 ? 1_555 120.5 ? 
45 S1 ? B SF4 .  ? A SF4 83 ? 1_555 FE4 ? B SF4 . ? A SF4 83 ? 1_555 S2 ? B SF4 . ? A SF4 83 ? 1_555 102.6 ? 
46 SG ? A CYS 53 ? A CYS 53 ? 1_555 FE4 ? B SF4 . ? A SF4 83 ? 1_555 S3 ? B SF4 . ? A SF4 83 ? 1_555 112.4 ? 
47 S1 ? B SF4 .  ? A SF4 83 ? 1_555 FE4 ? B SF4 . ? A SF4 83 ? 1_555 S3 ? B SF4 . ? A SF4 83 ? 1_555 105.1 ? 
48 S2 ? B SF4 .  ? A SF4 83 ? 1_555 FE4 ? B SF4 . ? A SF4 83 ? 1_555 S3 ? B SF4 . ? A SF4 83 ? 1_555 104.2 ? 
# 
loop_
_pdbx_audit_revision_history.ordinal 
_pdbx_audit_revision_history.data_content_type 
_pdbx_audit_revision_history.major_revision 
_pdbx_audit_revision_history.minor_revision 
_pdbx_audit_revision_history.revision_date 
1 'Structure model' 1 0 2009-05-05 
2 'Structure model' 1 1 2011-07-13 
3 'Structure model' 1 2 2021-10-20 
4 'Structure model' 1 3 2023-09-06 
# 
_pdbx_audit_revision_details.ordinal             1 
_pdbx_audit_revision_details.revision_ordinal    1 
_pdbx_audit_revision_details.data_content_type   'Structure model' 
_pdbx_audit_revision_details.provider            repository 
_pdbx_audit_revision_details.type                'Initial release' 
_pdbx_audit_revision_details.description         ? 
_pdbx_audit_revision_details.details             ? 
# 
loop_
_pdbx_audit_revision_group.ordinal 
_pdbx_audit_revision_group.revision_ordinal 
_pdbx_audit_revision_group.data_content_type 
_pdbx_audit_revision_group.group 
1 2 'Structure model' 'Version format compliance' 
2 3 'Structure model' 'Data collection'           
3 3 'Structure model' 'Database references'       
4 3 'Structure model' 'Derived calculations'      
5 4 'Structure model' 'Data collection'           
6 4 'Structure model' 'Refinement description'    
# 
loop_
_pdbx_audit_revision_category.ordinal 
_pdbx_audit_revision_category.revision_ordinal 
_pdbx_audit_revision_category.data_content_type 
_pdbx_audit_revision_category.category 
1 3 'Structure model' database_2                    
2 3 'Structure model' diffrn_source                 
3 3 'Structure model' struct_ref_seq_dif            
4 3 'Structure model' struct_site                   
5 4 'Structure model' chem_comp_atom                
6 4 'Structure model' chem_comp_bond                
7 4 'Structure model' pdbx_initial_refinement_model 
# 
loop_
_pdbx_audit_revision_item.ordinal 
_pdbx_audit_revision_item.revision_ordinal 
_pdbx_audit_revision_item.data_content_type 
_pdbx_audit_revision_item.item 
1 3 'Structure model' '_database_2.pdbx_DOI'                 
2 3 'Structure model' '_database_2.pdbx_database_accession'  
3 3 'Structure model' '_diffrn_source.pdbx_synchrotron_site' 
4 3 'Structure model' '_struct_ref_seq_dif.details'          
5 3 'Structure model' '_struct_site.pdbx_auth_asym_id'       
6 3 'Structure model' '_struct_site.pdbx_auth_comp_id'       
7 3 'Structure model' '_struct_site.pdbx_auth_seq_id'        
# 
loop_
_software.name 
_software.classification 
_software.version 
_software.citation_id 
_software.pdbx_ordinal 
HKL-2000  'data collection' . ? 1 
MOLREP    phasing           . ? 2 
SHELXL-97 refinement        . ? 3 
DENZO     'data reduction'  . ? 4 
SCALEPACK 'data scaling'    . ? 5 
# 
loop_
_pdbx_validate_rmsd_angle.id 
_pdbx_validate_rmsd_angle.PDB_model_num 
_pdbx_validate_rmsd_angle.auth_atom_id_1 
_pdbx_validate_rmsd_angle.auth_asym_id_1 
_pdbx_validate_rmsd_angle.auth_comp_id_1 
_pdbx_validate_rmsd_angle.auth_seq_id_1 
_pdbx_validate_rmsd_angle.PDB_ins_code_1 
_pdbx_validate_rmsd_angle.label_alt_id_1 
_pdbx_validate_rmsd_angle.auth_atom_id_2 
_pdbx_validate_rmsd_angle.auth_asym_id_2 
_pdbx_validate_rmsd_angle.auth_comp_id_2 
_pdbx_validate_rmsd_angle.auth_seq_id_2 
_pdbx_validate_rmsd_angle.PDB_ins_code_2 
_pdbx_validate_rmsd_angle.label_alt_id_2 
_pdbx_validate_rmsd_angle.auth_atom_id_3 
_pdbx_validate_rmsd_angle.auth_asym_id_3 
_pdbx_validate_rmsd_angle.auth_comp_id_3 
_pdbx_validate_rmsd_angle.auth_seq_id_3 
_pdbx_validate_rmsd_angle.PDB_ins_code_3 
_pdbx_validate_rmsd_angle.label_alt_id_3 
_pdbx_validate_rmsd_angle.angle_value 
_pdbx_validate_rmsd_angle.angle_target_value 
_pdbx_validate_rmsd_angle.angle_deviation 
_pdbx_validate_rmsd_angle.angle_standard_deviation 
_pdbx_validate_rmsd_angle.linker_flag 
1 1 NE A ARG 72 ? ? CZ A ARG 72 ? ? NH1 A ARG 72 ? ? 128.36 120.30 8.06  0.50 N 
2 1 NE A ARG 72 ? ? CZ A ARG 72 ? ? NH2 A ARG 72 ? ? 112.38 120.30 -7.92 0.50 N 
# 
loop_
_pdbx_unobs_or_zero_occ_atoms.id 
_pdbx_unobs_or_zero_occ_atoms.PDB_model_num 
_pdbx_unobs_or_zero_occ_atoms.polymer_flag 
_pdbx_unobs_or_zero_occ_atoms.occupancy_flag 
_pdbx_unobs_or_zero_occ_atoms.auth_asym_id 
_pdbx_unobs_or_zero_occ_atoms.auth_comp_id 
_pdbx_unobs_or_zero_occ_atoms.auth_seq_id 
_pdbx_unobs_or_zero_occ_atoms.PDB_ins_code 
_pdbx_unobs_or_zero_occ_atoms.auth_atom_id 
_pdbx_unobs_or_zero_occ_atoms.label_alt_id 
_pdbx_unobs_or_zero_occ_atoms.label_asym_id 
_pdbx_unobs_or_zero_occ_atoms.label_comp_id 
_pdbx_unobs_or_zero_occ_atoms.label_seq_id 
_pdbx_unobs_or_zero_occ_atoms.label_atom_id 
1 1 Y 0 A GLU 81 ? CA  ? A GLU 81 CA  
2 1 Y 0 A GLU 81 ? C   ? A GLU 81 C   
3 1 Y 0 A GLU 81 ? O   ? A GLU 81 O   
4 1 Y 0 A GLU 81 ? CB  ? A GLU 81 CB  
5 1 Y 0 A GLU 81 ? CG  ? A GLU 81 CG  
6 1 Y 0 A GLU 81 ? CD  ? A GLU 81 CD  
7 1 Y 0 A GLU 81 ? OE1 ? A GLU 81 OE1 
8 1 Y 0 A GLU 81 ? OE2 ? A GLU 81 OE2 
# 
_pdbx_unobs_or_zero_occ_residues.id               1 
_pdbx_unobs_or_zero_occ_residues.PDB_model_num    1 
_pdbx_unobs_or_zero_occ_residues.polymer_flag     Y 
_pdbx_unobs_or_zero_occ_residues.occupancy_flag   1 
_pdbx_unobs_or_zero_occ_residues.auth_asym_id     A 
_pdbx_unobs_or_zero_occ_residues.auth_comp_id     GLY 
_pdbx_unobs_or_zero_occ_residues.auth_seq_id      82 
_pdbx_unobs_or_zero_occ_residues.PDB_ins_code     ? 
_pdbx_unobs_or_zero_occ_residues.label_asym_id    A 
_pdbx_unobs_or_zero_occ_residues.label_comp_id    GLY 
_pdbx_unobs_or_zero_occ_residues.label_seq_id     82 
# 
loop_
_chem_comp_atom.comp_id 
_chem_comp_atom.atom_id 
_chem_comp_atom.type_symbol 
_chem_comp_atom.pdbx_aromatic_flag 
_chem_comp_atom.pdbx_stereo_config 
_chem_comp_atom.pdbx_ordinal 
ALA N    N  N N 1   
ALA CA   C  N S 2   
ALA C    C  N N 3   
ALA O    O  N N 4   
ALA CB   C  N N 5   
ALA OXT  O  N N 6   
ALA H    H  N N 7   
ALA H2   H  N N 8   
ALA HA   H  N N 9   
ALA HB1  H  N N 10  
ALA HB2  H  N N 11  
ALA HB3  H  N N 12  
ALA HXT  H  N N 13  
ARG N    N  N N 14  
ARG CA   C  N S 15  
ARG C    C  N N 16  
ARG O    O  N N 17  
ARG CB   C  N N 18  
ARG CG   C  N N 19  
ARG CD   C  N N 20  
ARG NE   N  N N 21  
ARG CZ   C  N N 22  
ARG NH1  N  N N 23  
ARG NH2  N  N N 24  
ARG OXT  O  N N 25  
ARG H    H  N N 26  
ARG H2   H  N N 27  
ARG HA   H  N N 28  
ARG HB2  H  N N 29  
ARG HB3  H  N N 30  
ARG HG2  H  N N 31  
ARG HG3  H  N N 32  
ARG HD2  H  N N 33  
ARG HD3  H  N N 34  
ARG HE   H  N N 35  
ARG HH11 H  N N 36  
ARG HH12 H  N N 37  
ARG HH21 H  N N 38  
ARG HH22 H  N N 39  
ARG HXT  H  N N 40  
ASN N    N  N N 41  
ASN CA   C  N S 42  
ASN C    C  N N 43  
ASN O    O  N N 44  
ASN CB   C  N N 45  
ASN CG   C  N N 46  
ASN OD1  O  N N 47  
ASN ND2  N  N N 48  
ASN OXT  O  N N 49  
ASN H    H  N N 50  
ASN H2   H  N N 51  
ASN HA   H  N N 52  
ASN HB2  H  N N 53  
ASN HB3  H  N N 54  
ASN HD21 H  N N 55  
ASN HD22 H  N N 56  
ASN HXT  H  N N 57  
ASP N    N  N N 58  
ASP CA   C  N S 59  
ASP C    C  N N 60  
ASP O    O  N N 61  
ASP CB   C  N N 62  
ASP CG   C  N N 63  
ASP OD1  O  N N 64  
ASP OD2  O  N N 65  
ASP OXT  O  N N 66  
ASP H    H  N N 67  
ASP H2   H  N N 68  
ASP HA   H  N N 69  
ASP HB2  H  N N 70  
ASP HB3  H  N N 71  
ASP HD2  H  N N 72  
ASP HXT  H  N N 73  
CYS N    N  N N 74  
CYS CA   C  N R 75  
CYS C    C  N N 76  
CYS O    O  N N 77  
CYS CB   C  N N 78  
CYS SG   S  N N 79  
CYS OXT  O  N N 80  
CYS H    H  N N 81  
CYS H2   H  N N 82  
CYS HA   H  N N 83  
CYS HB2  H  N N 84  
CYS HB3  H  N N 85  
CYS HG   H  N N 86  
CYS HXT  H  N N 87  
GLN N    N  N N 88  
GLN CA   C  N S 89  
GLN C    C  N N 90  
GLN O    O  N N 91  
GLN CB   C  N N 92  
GLN CG   C  N N 93  
GLN CD   C  N N 94  
GLN OE1  O  N N 95  
GLN NE2  N  N N 96  
GLN OXT  O  N N 97  
GLN H    H  N N 98  
GLN H2   H  N N 99  
GLN HA   H  N N 100 
GLN HB2  H  N N 101 
GLN HB3  H  N N 102 
GLN HG2  H  N N 103 
GLN HG3  H  N N 104 
GLN HE21 H  N N 105 
GLN HE22 H  N N 106 
GLN HXT  H  N N 107 
GLU N    N  N N 108 
GLU CA   C  N S 109 
GLU C    C  N N 110 
GLU O    O  N N 111 
GLU CB   C  N N 112 
GLU CG   C  N N 113 
GLU CD   C  N N 114 
GLU OE1  O  N N 115 
GLU OE2  O  N N 116 
GLU OXT  O  N N 117 
GLU H    H  N N 118 
GLU H2   H  N N 119 
GLU HA   H  N N 120 
GLU HB2  H  N N 121 
GLU HB3  H  N N 122 
GLU HG2  H  N N 123 
GLU HG3  H  N N 124 
GLU HE2  H  N N 125 
GLU HXT  H  N N 126 
GLY N    N  N N 127 
GLY CA   C  N N 128 
GLY C    C  N N 129 
GLY O    O  N N 130 
GLY OXT  O  N N 131 
GLY H    H  N N 132 
GLY H2   H  N N 133 
GLY HA2  H  N N 134 
GLY HA3  H  N N 135 
GLY HXT  H  N N 136 
HIS N    N  N N 137 
HIS CA   C  N S 138 
HIS C    C  N N 139 
HIS O    O  N N 140 
HIS CB   C  N N 141 
HIS CG   C  Y N 142 
HIS ND1  N  Y N 143 
HIS CD2  C  Y N 144 
HIS CE1  C  Y N 145 
HIS NE2  N  Y N 146 
HIS OXT  O  N N 147 
HIS H    H  N N 148 
HIS H2   H  N N 149 
HIS HA   H  N N 150 
HIS HB2  H  N N 151 
HIS HB3  H  N N 152 
HIS HD1  H  N N 153 
HIS HD2  H  N N 154 
HIS HE1  H  N N 155 
HIS HE2  H  N N 156 
HIS HXT  H  N N 157 
HOH O    O  N N 158 
HOH H1   H  N N 159 
HOH H2   H  N N 160 
ILE N    N  N N 161 
ILE CA   C  N S 162 
ILE C    C  N N 163 
ILE O    O  N N 164 
ILE CB   C  N S 165 
ILE CG1  C  N N 166 
ILE CG2  C  N N 167 
ILE CD1  C  N N 168 
ILE OXT  O  N N 169 
ILE H    H  N N 170 
ILE H2   H  N N 171 
ILE HA   H  N N 172 
ILE HB   H  N N 173 
ILE HG12 H  N N 174 
ILE HG13 H  N N 175 
ILE HG21 H  N N 176 
ILE HG22 H  N N 177 
ILE HG23 H  N N 178 
ILE HD11 H  N N 179 
ILE HD12 H  N N 180 
ILE HD13 H  N N 181 
ILE HXT  H  N N 182 
LEU N    N  N N 183 
LEU CA   C  N S 184 
LEU C    C  N N 185 
LEU O    O  N N 186 
LEU CB   C  N N 187 
LEU CG   C  N N 188 
LEU CD1  C  N N 189 
LEU CD2  C  N N 190 
LEU OXT  O  N N 191 
LEU H    H  N N 192 
LEU H2   H  N N 193 
LEU HA   H  N N 194 
LEU HB2  H  N N 195 
LEU HB3  H  N N 196 
LEU HG   H  N N 197 
LEU HD11 H  N N 198 
LEU HD12 H  N N 199 
LEU HD13 H  N N 200 
LEU HD21 H  N N 201 
LEU HD22 H  N N 202 
LEU HD23 H  N N 203 
LEU HXT  H  N N 204 
LYS N    N  N N 205 
LYS CA   C  N S 206 
LYS C    C  N N 207 
LYS O    O  N N 208 
LYS CB   C  N N 209 
LYS CG   C  N N 210 
LYS CD   C  N N 211 
LYS CE   C  N N 212 
LYS NZ   N  N N 213 
LYS OXT  O  N N 214 
LYS H    H  N N 215 
LYS H2   H  N N 216 
LYS HA   H  N N 217 
LYS HB2  H  N N 218 
LYS HB3  H  N N 219 
LYS HG2  H  N N 220 
LYS HG3  H  N N 221 
LYS HD2  H  N N 222 
LYS HD3  H  N N 223 
LYS HE2  H  N N 224 
LYS HE3  H  N N 225 
LYS HZ1  H  N N 226 
LYS HZ2  H  N N 227 
LYS HZ3  H  N N 228 
LYS HXT  H  N N 229 
MET N    N  N N 230 
MET CA   C  N S 231 
MET C    C  N N 232 
MET O    O  N N 233 
MET CB   C  N N 234 
MET CG   C  N N 235 
MET SD   S  N N 236 
MET CE   C  N N 237 
MET OXT  O  N N 238 
MET H    H  N N 239 
MET H2   H  N N 240 
MET HA   H  N N 241 
MET HB2  H  N N 242 
MET HB3  H  N N 243 
MET HG2  H  N N 244 
MET HG3  H  N N 245 
MET HE1  H  N N 246 
MET HE2  H  N N 247 
MET HE3  H  N N 248 
MET HXT  H  N N 249 
PRO N    N  N N 250 
PRO CA   C  N S 251 
PRO C    C  N N 252 
PRO O    O  N N 253 
PRO CB   C  N N 254 
PRO CG   C  N N 255 
PRO CD   C  N N 256 
PRO OXT  O  N N 257 
PRO H    H  N N 258 
PRO HA   H  N N 259 
PRO HB2  H  N N 260 
PRO HB3  H  N N 261 
PRO HG2  H  N N 262 
PRO HG3  H  N N 263 
PRO HD2  H  N N 264 
PRO HD3  H  N N 265 
PRO HXT  H  N N 266 
SER N    N  N N 267 
SER CA   C  N S 268 
SER C    C  N N 269 
SER O    O  N N 270 
SER CB   C  N N 271 
SER OG   O  N N 272 
SER OXT  O  N N 273 
SER H    H  N N 274 
SER H2   H  N N 275 
SER HA   H  N N 276 
SER HB2  H  N N 277 
SER HB3  H  N N 278 
SER HG   H  N N 279 
SER HXT  H  N N 280 
SF4 FE1  FE N N 281 
SF4 FE2  FE N N 282 
SF4 FE3  FE N N 283 
SF4 FE4  FE N N 284 
SF4 S1   S  N N 285 
SF4 S2   S  N N 286 
SF4 S3   S  N N 287 
SF4 S4   S  N N 288 
THR N    N  N N 289 
THR CA   C  N S 290 
THR C    C  N N 291 
THR O    O  N N 292 
THR CB   C  N R 293 
THR OG1  O  N N 294 
THR CG2  C  N N 295 
THR OXT  O  N N 296 
THR H    H  N N 297 
THR H2   H  N N 298 
THR HA   H  N N 299 
THR HB   H  N N 300 
THR HG1  H  N N 301 
THR HG21 H  N N 302 
THR HG22 H  N N 303 
THR HG23 H  N N 304 
THR HXT  H  N N 305 
TYR N    N  N N 306 
TYR CA   C  N S 307 
TYR C    C  N N 308 
TYR O    O  N N 309 
TYR CB   C  N N 310 
TYR CG   C  Y N 311 
TYR CD1  C  Y N 312 
TYR CD2  C  Y N 313 
TYR CE1  C  Y N 314 
TYR CE2  C  Y N 315 
TYR CZ   C  Y N 316 
TYR OH   O  N N 317 
TYR OXT  O  N N 318 
TYR H    H  N N 319 
TYR H2   H  N N 320 
TYR HA   H  N N 321 
TYR HB2  H  N N 322 
TYR HB3  H  N N 323 
TYR HD1  H  N N 324 
TYR HD2  H  N N 325 
TYR HE1  H  N N 326 
TYR HE2  H  N N 327 
TYR HH   H  N N 328 
TYR HXT  H  N N 329 
VAL N    N  N N 330 
VAL CA   C  N S 331 
VAL C    C  N N 332 
VAL O    O  N N 333 
VAL CB   C  N N 334 
VAL CG1  C  N N 335 
VAL CG2  C  N N 336 
VAL OXT  O  N N 337 
VAL H    H  N N 338 
VAL H2   H  N N 339 
VAL HA   H  N N 340 
VAL HB   H  N N 341 
VAL HG11 H  N N 342 
VAL HG12 H  N N 343 
VAL HG13 H  N N 344 
VAL HG21 H  N N 345 
VAL HG22 H  N N 346 
VAL HG23 H  N N 347 
VAL HXT  H  N N 348 
# 
loop_
_chem_comp_bond.comp_id 
_chem_comp_bond.atom_id_1 
_chem_comp_bond.atom_id_2 
_chem_comp_bond.value_order 
_chem_comp_bond.pdbx_aromatic_flag 
_chem_comp_bond.pdbx_stereo_config 
_chem_comp_bond.pdbx_ordinal 
ALA N   CA   sing N N 1   
ALA N   H    sing N N 2   
ALA N   H2   sing N N 3   
ALA CA  C    sing N N 4   
ALA CA  CB   sing N N 5   
ALA CA  HA   sing N N 6   
ALA C   O    doub N N 7   
ALA C   OXT  sing N N 8   
ALA CB  HB1  sing N N 9   
ALA CB  HB2  sing N N 10  
ALA CB  HB3  sing N N 11  
ALA OXT HXT  sing N N 12  
ARG N   CA   sing N N 13  
ARG N   H    sing N N 14  
ARG N   H2   sing N N 15  
ARG CA  C    sing N N 16  
ARG CA  CB   sing N N 17  
ARG CA  HA   sing N N 18  
ARG C   O    doub N N 19  
ARG C   OXT  sing N N 20  
ARG CB  CG   sing N N 21  
ARG CB  HB2  sing N N 22  
ARG CB  HB3  sing N N 23  
ARG CG  CD   sing N N 24  
ARG CG  HG2  sing N N 25  
ARG CG  HG3  sing N N 26  
ARG CD  NE   sing N N 27  
ARG CD  HD2  sing N N 28  
ARG CD  HD3  sing N N 29  
ARG NE  CZ   sing N N 30  
ARG NE  HE   sing N N 31  
ARG CZ  NH1  sing N N 32  
ARG CZ  NH2  doub N N 33  
ARG NH1 HH11 sing N N 34  
ARG NH1 HH12 sing N N 35  
ARG NH2 HH21 sing N N 36  
ARG NH2 HH22 sing N N 37  
ARG OXT HXT  sing N N 38  
ASN N   CA   sing N N 39  
ASN N   H    sing N N 40  
ASN N   H2   sing N N 41  
ASN CA  C    sing N N 42  
ASN CA  CB   sing N N 43  
ASN CA  HA   sing N N 44  
ASN C   O    doub N N 45  
ASN C   OXT  sing N N 46  
ASN CB  CG   sing N N 47  
ASN CB  HB2  sing N N 48  
ASN CB  HB3  sing N N 49  
ASN CG  OD1  doub N N 50  
ASN CG  ND2  sing N N 51  
ASN ND2 HD21 sing N N 52  
ASN ND2 HD22 sing N N 53  
ASN OXT HXT  sing N N 54  
ASP N   CA   sing N N 55  
ASP N   H    sing N N 56  
ASP N   H2   sing N N 57  
ASP CA  C    sing N N 58  
ASP CA  CB   sing N N 59  
ASP CA  HA   sing N N 60  
ASP C   O    doub N N 61  
ASP C   OXT  sing N N 62  
ASP CB  CG   sing N N 63  
ASP CB  HB2  sing N N 64  
ASP CB  HB3  sing N N 65  
ASP CG  OD1  doub N N 66  
ASP CG  OD2  sing N N 67  
ASP OD2 HD2  sing N N 68  
ASP OXT HXT  sing N N 69  
CYS N   CA   sing N N 70  
CYS N   H    sing N N 71  
CYS N   H2   sing N N 72  
CYS CA  C    sing N N 73  
CYS CA  CB   sing N N 74  
CYS CA  HA   sing N N 75  
CYS C   O    doub N N 76  
CYS C   OXT  sing N N 77  
CYS CB  SG   sing N N 78  
CYS CB  HB2  sing N N 79  
CYS CB  HB3  sing N N 80  
CYS SG  HG   sing N N 81  
CYS OXT HXT  sing N N 82  
GLN N   CA   sing N N 83  
GLN N   H    sing N N 84  
GLN N   H2   sing N N 85  
GLN CA  C    sing N N 86  
GLN CA  CB   sing N N 87  
GLN CA  HA   sing N N 88  
GLN C   O    doub N N 89  
GLN C   OXT  sing N N 90  
GLN CB  CG   sing N N 91  
GLN CB  HB2  sing N N 92  
GLN CB  HB3  sing N N 93  
GLN CG  CD   sing N N 94  
GLN CG  HG2  sing N N 95  
GLN CG  HG3  sing N N 96  
GLN CD  OE1  doub N N 97  
GLN CD  NE2  sing N N 98  
GLN NE2 HE21 sing N N 99  
GLN NE2 HE22 sing N N 100 
GLN OXT HXT  sing N N 101 
GLU N   CA   sing N N 102 
GLU N   H    sing N N 103 
GLU N   H2   sing N N 104 
GLU CA  C    sing N N 105 
GLU CA  CB   sing N N 106 
GLU CA  HA   sing N N 107 
GLU C   O    doub N N 108 
GLU C   OXT  sing N N 109 
GLU CB  CG   sing N N 110 
GLU CB  HB2  sing N N 111 
GLU CB  HB3  sing N N 112 
GLU CG  CD   sing N N 113 
GLU CG  HG2  sing N N 114 
GLU CG  HG3  sing N N 115 
GLU CD  OE1  doub N N 116 
GLU CD  OE2  sing N N 117 
GLU OE2 HE2  sing N N 118 
GLU OXT HXT  sing N N 119 
GLY N   CA   sing N N 120 
GLY N   H    sing N N 121 
GLY N   H2   sing N N 122 
GLY CA  C    sing N N 123 
GLY CA  HA2  sing N N 124 
GLY CA  HA3  sing N N 125 
GLY C   O    doub N N 126 
GLY C   OXT  sing N N 127 
GLY OXT HXT  sing N N 128 
HIS N   CA   sing N N 129 
HIS N   H    sing N N 130 
HIS N   H2   sing N N 131 
HIS CA  C    sing N N 132 
HIS CA  CB   sing N N 133 
HIS CA  HA   sing N N 134 
HIS C   O    doub N N 135 
HIS C   OXT  sing N N 136 
HIS CB  CG   sing N N 137 
HIS CB  HB2  sing N N 138 
HIS CB  HB3  sing N N 139 
HIS CG  ND1  sing Y N 140 
HIS CG  CD2  doub Y N 141 
HIS ND1 CE1  doub Y N 142 
HIS ND1 HD1  sing N N 143 
HIS CD2 NE2  sing Y N 144 
HIS CD2 HD2  sing N N 145 
HIS CE1 NE2  sing Y N 146 
HIS CE1 HE1  sing N N 147 
HIS NE2 HE2  sing N N 148 
HIS OXT HXT  sing N N 149 
HOH O   H1   sing N N 150 
HOH O   H2   sing N N 151 
ILE N   CA   sing N N 152 
ILE N   H    sing N N 153 
ILE N   H2   sing N N 154 
ILE CA  C    sing N N 155 
ILE CA  CB   sing N N 156 
ILE CA  HA   sing N N 157 
ILE C   O    doub N N 158 
ILE C   OXT  sing N N 159 
ILE CB  CG1  sing N N 160 
ILE CB  CG2  sing N N 161 
ILE CB  HB   sing N N 162 
ILE CG1 CD1  sing N N 163 
ILE CG1 HG12 sing N N 164 
ILE CG1 HG13 sing N N 165 
ILE CG2 HG21 sing N N 166 
ILE CG2 HG22 sing N N 167 
ILE CG2 HG23 sing N N 168 
ILE CD1 HD11 sing N N 169 
ILE CD1 HD12 sing N N 170 
ILE CD1 HD13 sing N N 171 
ILE OXT HXT  sing N N 172 
LEU N   CA   sing N N 173 
LEU N   H    sing N N 174 
LEU N   H2   sing N N 175 
LEU CA  C    sing N N 176 
LEU CA  CB   sing N N 177 
LEU CA  HA   sing N N 178 
LEU C   O    doub N N 179 
LEU C   OXT  sing N N 180 
LEU CB  CG   sing N N 181 
LEU CB  HB2  sing N N 182 
LEU CB  HB3  sing N N 183 
LEU CG  CD1  sing N N 184 
LEU CG  CD2  sing N N 185 
LEU CG  HG   sing N N 186 
LEU CD1 HD11 sing N N 187 
LEU CD1 HD12 sing N N 188 
LEU CD1 HD13 sing N N 189 
LEU CD2 HD21 sing N N 190 
LEU CD2 HD22 sing N N 191 
LEU CD2 HD23 sing N N 192 
LEU OXT HXT  sing N N 193 
LYS N   CA   sing N N 194 
LYS N   H    sing N N 195 
LYS N   H2   sing N N 196 
LYS CA  C    sing N N 197 
LYS CA  CB   sing N N 198 
LYS CA  HA   sing N N 199 
LYS C   O    doub N N 200 
LYS C   OXT  sing N N 201 
LYS CB  CG   sing N N 202 
LYS CB  HB2  sing N N 203 
LYS CB  HB3  sing N N 204 
LYS CG  CD   sing N N 205 
LYS CG  HG2  sing N N 206 
LYS CG  HG3  sing N N 207 
LYS CD  CE   sing N N 208 
LYS CD  HD2  sing N N 209 
LYS CD  HD3  sing N N 210 
LYS CE  NZ   sing N N 211 
LYS CE  HE2  sing N N 212 
LYS CE  HE3  sing N N 213 
LYS NZ  HZ1  sing N N 214 
LYS NZ  HZ2  sing N N 215 
LYS NZ  HZ3  sing N N 216 
LYS OXT HXT  sing N N 217 
MET N   CA   sing N N 218 
MET N   H    sing N N 219 
MET N   H2   sing N N 220 
MET CA  C    sing N N 221 
MET CA  CB   sing N N 222 
MET CA  HA   sing N N 223 
MET C   O    doub N N 224 
MET C   OXT  sing N N 225 
MET CB  CG   sing N N 226 
MET CB  HB2  sing N N 227 
MET CB  HB3  sing N N 228 
MET CG  SD   sing N N 229 
MET CG  HG2  sing N N 230 
MET CG  HG3  sing N N 231 
MET SD  CE   sing N N 232 
MET CE  HE1  sing N N 233 
MET CE  HE2  sing N N 234 
MET CE  HE3  sing N N 235 
MET OXT HXT  sing N N 236 
PRO N   CA   sing N N 237 
PRO N   CD   sing N N 238 
PRO N   H    sing N N 239 
PRO CA  C    sing N N 240 
PRO CA  CB   sing N N 241 
PRO CA  HA   sing N N 242 
PRO C   O    doub N N 243 
PRO C   OXT  sing N N 244 
PRO CB  CG   sing N N 245 
PRO CB  HB2  sing N N 246 
PRO CB  HB3  sing N N 247 
PRO CG  CD   sing N N 248 
PRO CG  HG2  sing N N 249 
PRO CG  HG3  sing N N 250 
PRO CD  HD2  sing N N 251 
PRO CD  HD3  sing N N 252 
PRO OXT HXT  sing N N 253 
SER N   CA   sing N N 254 
SER N   H    sing N N 255 
SER N   H2   sing N N 256 
SER CA  C    sing N N 257 
SER CA  CB   sing N N 258 
SER CA  HA   sing N N 259 
SER C   O    doub N N 260 
SER C   OXT  sing N N 261 
SER CB  OG   sing N N 262 
SER CB  HB2  sing N N 263 
SER CB  HB3  sing N N 264 
SER OG  HG   sing N N 265 
SER OXT HXT  sing N N 266 
SF4 FE1 S2   sing N N 267 
SF4 FE1 S3   sing N N 268 
SF4 FE1 S4   sing N N 269 
SF4 FE2 S1   sing N N 270 
SF4 FE2 S3   sing N N 271 
SF4 FE2 S4   sing N N 272 
SF4 FE3 S1   sing N N 273 
SF4 FE3 S2   sing N N 274 
SF4 FE3 S4   sing N N 275 
SF4 FE4 S1   sing N N 276 
SF4 FE4 S2   sing N N 277 
SF4 FE4 S3   sing N N 278 
THR N   CA   sing N N 279 
THR N   H    sing N N 280 
THR N   H2   sing N N 281 
THR CA  C    sing N N 282 
THR CA  CB   sing N N 283 
THR CA  HA   sing N N 284 
THR C   O    doub N N 285 
THR C   OXT  sing N N 286 
THR CB  OG1  sing N N 287 
THR CB  CG2  sing N N 288 
THR CB  HB   sing N N 289 
THR OG1 HG1  sing N N 290 
THR CG2 HG21 sing N N 291 
THR CG2 HG22 sing N N 292 
THR CG2 HG23 sing N N 293 
THR OXT HXT  sing N N 294 
TYR N   CA   sing N N 295 
TYR N   H    sing N N 296 
TYR N   H2   sing N N 297 
TYR CA  C    sing N N 298 
TYR CA  CB   sing N N 299 
TYR CA  HA   sing N N 300 
TYR C   O    doub N N 301 
TYR C   OXT  sing N N 302 
TYR CB  CG   sing N N 303 
TYR CB  HB2  sing N N 304 
TYR CB  HB3  sing N N 305 
TYR CG  CD1  doub Y N 306 
TYR CG  CD2  sing Y N 307 
TYR CD1 CE1  sing Y N 308 
TYR CD1 HD1  sing N N 309 
TYR CD2 CE2  doub Y N 310 
TYR CD2 HD2  sing N N 311 
TYR CE1 CZ   doub Y N 312 
TYR CE1 HE1  sing N N 313 
TYR CE2 CZ   sing Y N 314 
TYR CE2 HE2  sing N N 315 
TYR CZ  OH   sing N N 316 
TYR OH  HH   sing N N 317 
TYR OXT HXT  sing N N 318 
VAL N   CA   sing N N 319 
VAL N   H    sing N N 320 
VAL N   H2   sing N N 321 
VAL CA  C    sing N N 322 
VAL CA  CB   sing N N 323 
VAL CA  HA   sing N N 324 
VAL C   O    doub N N 325 
VAL C   OXT  sing N N 326 
VAL CB  CG1  sing N N 327 
VAL CB  CG2  sing N N 328 
VAL CB  HB   sing N N 329 
VAL CG1 HG11 sing N N 330 
VAL CG1 HG12 sing N N 331 
VAL CG1 HG13 sing N N 332 
VAL CG2 HG21 sing N N 333 
VAL CG2 HG22 sing N N 334 
VAL CG2 HG23 sing N N 335 
VAL OXT HXT  sing N N 336 
# 
loop_
_pdbx_entity_nonpoly.entity_id 
_pdbx_entity_nonpoly.name 
_pdbx_entity_nonpoly.comp_id 
2 'IRON/SULFUR CLUSTER' SF4 
3 water                 HOH 
# 
_pdbx_initial_refinement_model.id               1 
_pdbx_initial_refinement_model.entity_id_list   ? 
_pdbx_initial_refinement_model.type             'experimental model' 
_pdbx_initial_refinement_model.source_name      PDB 
_pdbx_initial_refinement_model.accession_code   1BLU 
_pdbx_initial_refinement_model.details          ? 
# 
